data_1L2H
# 
_entry.id   1L2H 
# 
_audit_conform.dict_name       mmcif_pdbx.dic 
_audit_conform.dict_version    5.386 
_audit_conform.dict_location   http://mmcif.pdb.org/dictionaries/ascii/mmcif_pdbx.dic 
# 
loop_
_database_2.database_id 
_database_2.database_code 
_database_2.pdbx_database_accession 
_database_2.pdbx_DOI 
PDB   1L2H         pdb_00001l2h 10.2210/pdb1l2h/pdb 
RCSB  RCSB015581   ?            ?                   
WWPDB D_1000015581 ?            ?                   
# 
loop_
_pdbx_audit_revision_history.ordinal 
_pdbx_audit_revision_history.data_content_type 
_pdbx_audit_revision_history.major_revision 
_pdbx_audit_revision_history.minor_revision 
_pdbx_audit_revision_history.revision_date 
1 'Structure model' 1 0 2003-02-04 
2 'Structure model' 1 1 2008-04-28 
3 'Structure model' 1 2 2011-07-13 
4 'Structure model' 1 3 2021-10-27 
5 'Structure model' 1 4 2024-02-14 
# 
_pdbx_audit_revision_details.ordinal             1 
_pdbx_audit_revision_details.revision_ordinal    1 
_pdbx_audit_revision_details.data_content_type   'Structure model' 
_pdbx_audit_revision_details.provider            repository 
_pdbx_audit_revision_details.type                'Initial release' 
_pdbx_audit_revision_details.description         ? 
_pdbx_audit_revision_details.details             ? 
# 
loop_
_pdbx_audit_revision_group.ordinal 
_pdbx_audit_revision_group.revision_ordinal 
_pdbx_audit_revision_group.data_content_type 
_pdbx_audit_revision_group.group 
1 2 'Structure model' 'Version format compliance' 
2 3 'Structure model' 'Version format compliance' 
3 4 'Structure model' 'Database references'       
4 5 'Structure model' 'Data collection'           
# 
loop_
_pdbx_audit_revision_category.ordinal 
_pdbx_audit_revision_category.revision_ordinal 
_pdbx_audit_revision_category.data_content_type 
_pdbx_audit_revision_category.category 
1 4 'Structure model' database_2         
2 4 'Structure model' struct_ref_seq_dif 
3 5 'Structure model' chem_comp_atom     
4 5 'Structure model' chem_comp_bond     
# 
loop_
_pdbx_audit_revision_item.ordinal 
_pdbx_audit_revision_item.revision_ordinal 
_pdbx_audit_revision_item.data_content_type 
_pdbx_audit_revision_item.item 
1 4 'Structure model' '_database_2.pdbx_DOI'                
2 4 'Structure model' '_database_2.pdbx_database_accession' 
3 4 'Structure model' '_struct_ref_seq_dif.details'         
# 
_pdbx_database_status.status_code                     REL 
_pdbx_database_status.entry_id                        1L2H 
_pdbx_database_status.recvd_initial_deposition_date   2002-02-21 
_pdbx_database_status.deposit_site                    RCSB 
_pdbx_database_status.process_site                    RCSB 
_pdbx_database_status.status_code_sf                  REL 
_pdbx_database_status.SG_entry                        . 
_pdbx_database_status.pdb_format_compatible           Y 
_pdbx_database_status.status_code_mr                  ? 
_pdbx_database_status.status_code_cs                  ? 
_pdbx_database_status.status_code_nmr_data            ? 
_pdbx_database_status.methods_development_category    ? 
# 
_pdbx_database_related.db_name        PDB 
_pdbx_database_related.db_id          9ilb 
_pdbx_database_related.details        'HUMAN INTERLEUKIN-1 BETA' 
_pdbx_database_related.content_type   unspecified 
# 
loop_
_audit_author.name 
_audit_author.pdbx_ordinal 
'Rudolph, M.G.'   1 
'Kelker, M.S.'    2 
'Schneider, T.R.' 3 
'Yeates, T.O.'    4 
'Oseroff, V.'     5 
'Heidary, D.K.'   6 
'Jennings, P.A.'  7 
'Wilson, I.A.'    8 
# 
_citation.id                        primary 
_citation.title                     
'Use of multiple anomalous dispersion to phase highly merohedrally twinned crystals of interleukin-1beta.' 
_citation.journal_abbrev            'Acta Crystallogr.,Sect.D' 
_citation.journal_volume            59 
_citation.page_first                290 
_citation.page_last                 298 
_citation.year                      2003 
_citation.journal_id_ASTM           ABCRE6 
_citation.country                   DK 
_citation.journal_id_ISSN           0907-4449 
_citation.journal_id_CSD            0766 
_citation.book_publisher            ? 
_citation.pdbx_database_id_PubMed   12554939 
_citation.pdbx_database_id_DOI      10.1107/S0907444902021704 
# 
loop_
_citation_author.citation_id 
_citation_author.name 
_citation_author.ordinal 
_citation_author.identifier_ORCID 
primary 'Rudolph, M.G.'   1 ? 
primary 'Kelker, M.S.'    2 ? 
primary 'Schneider, T.R.' 3 ? 
primary 'Yeates, T.O.'    4 ? 
primary 'Oseroff, V.'     5 ? 
primary 'Heidary, D.K.'   6 ? 
primary 'Jennings, P.A.'  7 ? 
primary 'Wilson, I.A.'    8 ? 
# 
loop_
_entity.id 
_entity.type 
_entity.src_method 
_entity.pdbx_description 
_entity.formula_weight 
_entity.pdbx_number_of_molecules 
_entity.pdbx_ec 
_entity.pdbx_mutation 
_entity.pdbx_fragment 
_entity.details 
1 polymer man 'Interleukin 1-beta' 17395.834 1   ? 'F42W, W120F' ? ? 
2 water   nat water                18.015    126 ? ?             ? ? 
# 
_entity_poly.entity_id                      1 
_entity_poly.type                           'polypeptide(L)' 
_entity_poly.nstd_linkage                   no 
_entity_poly.nstd_monomer                   no 
_entity_poly.pdbx_seq_one_letter_code       
;APVRSLNCTLRDSQQKSLVMSGPYELKALHLQGQDMEQQVVWSMSFVQGEESNDKIPVALGLKEKNLYLSCVLKDDKPTL
QLESVDPKNYPKKKMEKRFVFNKIEINNKLEFESAQFPNFYISTSQAENMPVFLGGTKGGQDITDFTMQFVSS
;
_entity_poly.pdbx_seq_one_letter_code_can   
;APVRSLNCTLRDSQQKSLVMSGPYELKALHLQGQDMEQQVVWSMSFVQGEESNDKIPVALGLKEKNLYLSCVLKDDKPTL
QLESVDPKNYPKKKMEKRFVFNKIEINNKLEFESAQFPNFYISTSQAENMPVFLGGTKGGQDITDFTMQFVSS
;
_entity_poly.pdbx_strand_id                 A 
_entity_poly.pdbx_target_identifier         ? 
# 
_pdbx_entity_nonpoly.entity_id   2 
_pdbx_entity_nonpoly.name        water 
_pdbx_entity_nonpoly.comp_id     HOH 
# 
loop_
_entity_poly_seq.entity_id 
_entity_poly_seq.num 
_entity_poly_seq.mon_id 
_entity_poly_seq.hetero 
1 1   ALA n 
1 2   PRO n 
1 3   VAL n 
1 4   ARG n 
1 5   SER n 
1 6   LEU n 
1 7   ASN n 
1 8   CYS n 
1 9   THR n 
1 10  LEU n 
1 11  ARG n 
1 12  ASP n 
1 13  SER n 
1 14  GLN n 
1 15  GLN n 
1 16  LYS n 
1 17  SER n 
1 18  LEU n 
1 19  VAL n 
1 20  MET n 
1 21  SER n 
1 22  GLY n 
1 23  PRO n 
1 24  TYR n 
1 25  GLU n 
1 26  LEU n 
1 27  LYS n 
1 28  ALA n 
1 29  LEU n 
1 30  HIS n 
1 31  LEU n 
1 32  GLN n 
1 33  GLY n 
1 34  GLN n 
1 35  ASP n 
1 36  MET n 
1 37  GLU n 
1 38  GLN n 
1 39  GLN n 
1 40  VAL n 
1 41  VAL n 
1 42  TRP n 
1 43  SER n 
1 44  MET n 
1 45  SER n 
1 46  PHE n 
1 47  VAL n 
1 48  GLN n 
1 49  GLY n 
1 50  GLU n 
1 51  GLU n 
1 52  SER n 
1 53  ASN n 
1 54  ASP n 
1 55  LYS n 
1 56  ILE n 
1 57  PRO n 
1 58  VAL n 
1 59  ALA n 
1 60  LEU n 
1 61  GLY n 
1 62  LEU n 
1 63  LYS n 
1 64  GLU n 
1 65  LYS n 
1 66  ASN n 
1 67  LEU n 
1 68  TYR n 
1 69  LEU n 
1 70  SER n 
1 71  CYS n 
1 72  VAL n 
1 73  LEU n 
1 74  LYS n 
1 75  ASP n 
1 76  ASP n 
1 77  LYS n 
1 78  PRO n 
1 79  THR n 
1 80  LEU n 
1 81  GLN n 
1 82  LEU n 
1 83  GLU n 
1 84  SER n 
1 85  VAL n 
1 86  ASP n 
1 87  PRO n 
1 88  LYS n 
1 89  ASN n 
1 90  TYR n 
1 91  PRO n 
1 92  LYS n 
1 93  LYS n 
1 94  LYS n 
1 95  MET n 
1 96  GLU n 
1 97  LYS n 
1 98  ARG n 
1 99  PHE n 
1 100 VAL n 
1 101 PHE n 
1 102 ASN n 
1 103 LYS n 
1 104 ILE n 
1 105 GLU n 
1 106 ILE n 
1 107 ASN n 
1 108 ASN n 
1 109 LYS n 
1 110 LEU n 
1 111 GLU n 
1 112 PHE n 
1 113 GLU n 
1 114 SER n 
1 115 ALA n 
1 116 GLN n 
1 117 PHE n 
1 118 PRO n 
1 119 ASN n 
1 120 PHE n 
1 121 TYR n 
1 122 ILE n 
1 123 SER n 
1 124 THR n 
1 125 SER n 
1 126 GLN n 
1 127 ALA n 
1 128 GLU n 
1 129 ASN n 
1 130 MET n 
1 131 PRO n 
1 132 VAL n 
1 133 PHE n 
1 134 LEU n 
1 135 GLY n 
1 136 GLY n 
1 137 THR n 
1 138 LYS n 
1 139 GLY n 
1 140 GLY n 
1 141 GLN n 
1 142 ASP n 
1 143 ILE n 
1 144 THR n 
1 145 ASP n 
1 146 PHE n 
1 147 THR n 
1 148 MET n 
1 149 GLN n 
1 150 PHE n 
1 151 VAL n 
1 152 SER n 
1 153 SER n 
# 
_entity_src_gen.entity_id                          1 
_entity_src_gen.pdbx_src_id                        1 
_entity_src_gen.pdbx_alt_source_flag               sample 
_entity_src_gen.pdbx_seq_type                      ? 
_entity_src_gen.pdbx_beg_seq_num                   ? 
_entity_src_gen.pdbx_end_seq_num                   ? 
_entity_src_gen.gene_src_common_name               human 
_entity_src_gen.gene_src_genus                     Homo 
_entity_src_gen.pdbx_gene_src_gene                 ? 
_entity_src_gen.gene_src_species                   ? 
_entity_src_gen.gene_src_strain                    ? 
_entity_src_gen.gene_src_tissue                    ? 
_entity_src_gen.gene_src_tissue_fraction           ? 
_entity_src_gen.gene_src_details                   ? 
_entity_src_gen.pdbx_gene_src_fragment             ? 
_entity_src_gen.pdbx_gene_src_scientific_name      'Homo sapiens' 
_entity_src_gen.pdbx_gene_src_ncbi_taxonomy_id     9606 
_entity_src_gen.pdbx_gene_src_variant              ? 
_entity_src_gen.pdbx_gene_src_cell_line            ? 
_entity_src_gen.pdbx_gene_src_atcc                 ? 
_entity_src_gen.pdbx_gene_src_organ                ? 
_entity_src_gen.pdbx_gene_src_organelle            ? 
_entity_src_gen.pdbx_gene_src_cell                 ? 
_entity_src_gen.pdbx_gene_src_cellular_location    ? 
_entity_src_gen.host_org_common_name               ? 
_entity_src_gen.pdbx_host_org_scientific_name      'Escherichia coli' 
_entity_src_gen.pdbx_host_org_ncbi_taxonomy_id     562 
_entity_src_gen.host_org_genus                     Escherichia 
_entity_src_gen.pdbx_host_org_gene                 ? 
_entity_src_gen.pdbx_host_org_organ                ? 
_entity_src_gen.host_org_species                   ? 
_entity_src_gen.pdbx_host_org_tissue               ? 
_entity_src_gen.pdbx_host_org_tissue_fraction      ? 
_entity_src_gen.pdbx_host_org_strain               ? 
_entity_src_gen.pdbx_host_org_variant              ? 
_entity_src_gen.pdbx_host_org_cell_line            ? 
_entity_src_gen.pdbx_host_org_atcc                 ? 
_entity_src_gen.pdbx_host_org_culture_collection   ? 
_entity_src_gen.pdbx_host_org_cell                 ? 
_entity_src_gen.pdbx_host_org_organelle            ? 
_entity_src_gen.pdbx_host_org_cellular_location    ? 
_entity_src_gen.pdbx_host_org_vector_type          ? 
_entity_src_gen.pdbx_host_org_vector               ? 
_entity_src_gen.host_org_details                   ? 
_entity_src_gen.expression_system_id               ? 
_entity_src_gen.plasmid_name                       ? 
_entity_src_gen.plasmid_details                    ? 
_entity_src_gen.pdbx_description                   ? 
# 
loop_
_chem_comp.id 
_chem_comp.type 
_chem_comp.mon_nstd_flag 
_chem_comp.name 
_chem_comp.pdbx_synonyms 
_chem_comp.formula 
_chem_comp.formula_weight 
ALA 'L-peptide linking' y ALANINE         ? 'C3 H7 N O2'     89.093  
ARG 'L-peptide linking' y ARGININE        ? 'C6 H15 N4 O2 1' 175.209 
ASN 'L-peptide linking' y ASPARAGINE      ? 'C4 H8 N2 O3'    132.118 
ASP 'L-peptide linking' y 'ASPARTIC ACID' ? 'C4 H7 N O4'     133.103 
CYS 'L-peptide linking' y CYSTEINE        ? 'C3 H7 N O2 S'   121.158 
GLN 'L-peptide linking' y GLUTAMINE       ? 'C5 H10 N2 O3'   146.144 
GLU 'L-peptide linking' y 'GLUTAMIC ACID' ? 'C5 H9 N O4'     147.129 
GLY 'peptide linking'   y GLYCINE         ? 'C2 H5 N O2'     75.067  
HIS 'L-peptide linking' y HISTIDINE       ? 'C6 H10 N3 O2 1' 156.162 
HOH non-polymer         . WATER           ? 'H2 O'           18.015  
ILE 'L-peptide linking' y ISOLEUCINE      ? 'C6 H13 N O2'    131.173 
LEU 'L-peptide linking' y LEUCINE         ? 'C6 H13 N O2'    131.173 
LYS 'L-peptide linking' y LYSINE          ? 'C6 H15 N2 O2 1' 147.195 
MET 'L-peptide linking' y METHIONINE      ? 'C5 H11 N O2 S'  149.211 
PHE 'L-peptide linking' y PHENYLALANINE   ? 'C9 H11 N O2'    165.189 
PRO 'L-peptide linking' y PROLINE         ? 'C5 H9 N O2'     115.130 
SER 'L-peptide linking' y SERINE          ? 'C3 H7 N O3'     105.093 
THR 'L-peptide linking' y THREONINE       ? 'C4 H9 N O3'     119.119 
TRP 'L-peptide linking' y TRYPTOPHAN      ? 'C11 H12 N2 O2'  204.225 
TYR 'L-peptide linking' y TYROSINE        ? 'C9 H11 N O3'    181.189 
VAL 'L-peptide linking' y VALINE          ? 'C5 H11 N O2'    117.146 
# 
loop_
_pdbx_poly_seq_scheme.asym_id 
_pdbx_poly_seq_scheme.entity_id 
_pdbx_poly_seq_scheme.seq_id 
_pdbx_poly_seq_scheme.mon_id 
_pdbx_poly_seq_scheme.ndb_seq_num 
_pdbx_poly_seq_scheme.pdb_seq_num 
_pdbx_poly_seq_scheme.auth_seq_num 
_pdbx_poly_seq_scheme.pdb_mon_id 
_pdbx_poly_seq_scheme.auth_mon_id 
_pdbx_poly_seq_scheme.pdb_strand_id 
_pdbx_poly_seq_scheme.pdb_ins_code 
_pdbx_poly_seq_scheme.hetero 
A 1 1   ALA 1   1   ?   ?   ?   A . n 
A 1 2   PRO 2   2   ?   ?   ?   A . n 
A 1 3   VAL 3   3   ?   ?   ?   A . n 
A 1 4   ARG 4   4   4   ARG ARG A . n 
A 1 5   SER 5   5   5   SER SER A . n 
A 1 6   LEU 6   6   6   LEU LEU A . n 
A 1 7   ASN 7   7   7   ASN ASN A . n 
A 1 8   CYS 8   8   8   CYS CYS A . n 
A 1 9   THR 9   9   9   THR THR A . n 
A 1 10  LEU 10  10  10  LEU LEU A . n 
A 1 11  ARG 11  11  11  ARG ARG A . n 
A 1 12  ASP 12  12  12  ASP ASP A . n 
A 1 13  SER 13  13  13  SER SER A . n 
A 1 14  GLN 14  14  14  GLN GLN A . n 
A 1 15  GLN 15  15  15  GLN GLN A . n 
A 1 16  LYS 16  16  16  LYS LYS A . n 
A 1 17  SER 17  17  17  SER SER A . n 
A 1 18  LEU 18  18  18  LEU LEU A . n 
A 1 19  VAL 19  19  19  VAL VAL A . n 
A 1 20  MET 20  20  20  MET MET A . n 
A 1 21  SER 21  21  21  SER SER A . n 
A 1 22  GLY 22  22  22  GLY GLY A . n 
A 1 23  PRO 23  23  23  PRO PRO A . n 
A 1 24  TYR 24  24  24  TYR TYR A . n 
A 1 25  GLU 25  25  25  GLU GLU A . n 
A 1 26  LEU 26  26  26  LEU LEU A . n 
A 1 27  LYS 27  27  27  LYS LYS A . n 
A 1 28  ALA 28  28  28  ALA ALA A . n 
A 1 29  LEU 29  29  29  LEU LEU A . n 
A 1 30  HIS 30  30  30  HIS HIS A . n 
A 1 31  LEU 31  31  31  LEU LEU A . n 
A 1 32  GLN 32  32  32  GLN GLN A . n 
A 1 33  GLY 33  33  33  GLY GLY A . n 
A 1 34  GLN 34  34  34  GLN GLN A . n 
A 1 35  ASP 35  35  35  ASP ASP A . n 
A 1 36  MET 36  36  36  MET MET A . n 
A 1 37  GLU 37  37  37  GLU GLU A . n 
A 1 38  GLN 38  38  38  GLN GLN A . n 
A 1 39  GLN 39  39  39  GLN GLN A . n 
A 1 40  VAL 40  40  40  VAL VAL A . n 
A 1 41  VAL 41  41  41  VAL VAL A . n 
A 1 42  TRP 42  42  42  TRP TRP A . n 
A 1 43  SER 43  43  43  SER SER A . n 
A 1 44  MET 44  44  44  MET MET A . n 
A 1 45  SER 45  45  45  SER SER A . n 
A 1 46  PHE 46  46  46  PHE PHE A . n 
A 1 47  VAL 47  47  47  VAL VAL A . n 
A 1 48  GLN 48  48  48  GLN GLN A . n 
A 1 49  GLY 49  49  49  GLY GLY A . n 
A 1 50  GLU 50  50  50  GLU GLU A . n 
A 1 51  GLU 51  51  51  GLU GLU A . n 
A 1 52  SER 52  52  52  SER SER A . n 
A 1 53  ASN 53  53  53  ASN ASN A . n 
A 1 54  ASP 54  54  ?   ?   ?   A . n 
A 1 55  LYS 55  55  55  LYS LYS A . n 
A 1 56  ILE 56  56  56  ILE ILE A . n 
A 1 57  PRO 57  57  57  PRO PRO A . n 
A 1 58  VAL 58  58  58  VAL VAL A . n 
A 1 59  ALA 59  59  59  ALA ALA A . n 
A 1 60  LEU 60  60  60  LEU LEU A . n 
A 1 61  GLY 61  61  61  GLY GLY A . n 
A 1 62  LEU 62  62  62  LEU LEU A . n 
A 1 63  LYS 63  63  63  LYS LYS A . n 
A 1 64  GLU 64  64  64  GLU GLU A . n 
A 1 65  LYS 65  65  65  LYS LYS A . n 
A 1 66  ASN 66  66  66  ASN ASN A . n 
A 1 67  LEU 67  67  67  LEU LEU A . n 
A 1 68  TYR 68  68  68  TYR TYR A . n 
A 1 69  LEU 69  69  69  LEU LEU A . n 
A 1 70  SER 70  70  70  SER SER A . n 
A 1 71  CYS 71  71  71  CYS CYS A . n 
A 1 72  VAL 72  72  72  VAL VAL A . n 
A 1 73  LEU 73  73  73  LEU LEU A . n 
A 1 74  LYS 74  74  74  LYS LYS A . n 
A 1 75  ASP 75  75  75  ASP ASP A . n 
A 1 76  ASP 76  76  76  ASP ASP A . n 
A 1 77  LYS 77  77  77  LYS LYS A . n 
A 1 78  PRO 78  78  78  PRO PRO A . n 
A 1 79  THR 79  79  79  THR THR A . n 
A 1 80  LEU 80  80  80  LEU LEU A . n 
A 1 81  GLN 81  81  81  GLN GLN A . n 
A 1 82  LEU 82  82  82  LEU LEU A . n 
A 1 83  GLU 83  83  83  GLU GLU A . n 
A 1 84  SER 84  84  84  SER SER A . n 
A 1 85  VAL 85  85  85  VAL VAL A . n 
A 1 86  ASP 86  86  86  ASP ASP A . n 
A 1 87  PRO 87  87  87  PRO PRO A . n 
A 1 88  LYS 88  88  88  LYS LYS A . n 
A 1 89  ASN 89  89  89  ASN ASN A . n 
A 1 90  TYR 90  90  90  TYR TYR A . n 
A 1 91  PRO 91  91  91  PRO PRO A . n 
A 1 92  LYS 92  92  92  LYS LYS A . n 
A 1 93  LYS 93  93  93  LYS LYS A . n 
A 1 94  LYS 94  94  94  LYS LYS A . n 
A 1 95  MET 95  95  95  MET MET A . n 
A 1 96  GLU 96  96  96  GLU GLU A . n 
A 1 97  LYS 97  97  97  LYS LYS A . n 
A 1 98  ARG 98  98  98  ARG ARG A . n 
A 1 99  PHE 99  99  99  PHE PHE A . n 
A 1 100 VAL 100 100 100 VAL VAL A . n 
A 1 101 PHE 101 101 101 PHE PHE A . n 
A 1 102 ASN 102 102 102 ASN ASN A . n 
A 1 103 LYS 103 103 103 LYS LYS A . n 
A 1 104 ILE 104 104 104 ILE ILE A . n 
A 1 105 GLU 105 105 105 GLU GLU A . n 
A 1 106 ILE 106 106 106 ILE ILE A . n 
A 1 107 ASN 107 107 107 ASN ASN A . n 
A 1 108 ASN 108 108 108 ASN ASN A . n 
A 1 109 LYS 109 109 109 LYS LYS A . n 
A 1 110 LEU 110 110 110 LEU LEU A . n 
A 1 111 GLU 111 111 111 GLU GLU A . n 
A 1 112 PHE 112 112 112 PHE PHE A . n 
A 1 113 GLU 113 113 113 GLU GLU A . n 
A 1 114 SER 114 114 114 SER SER A . n 
A 1 115 ALA 115 115 115 ALA ALA A . n 
A 1 116 GLN 116 116 116 GLN GLN A . n 
A 1 117 PHE 117 117 117 PHE PHE A . n 
A 1 118 PRO 118 118 118 PRO PRO A . n 
A 1 119 ASN 119 119 119 ASN ASN A . n 
A 1 120 PHE 120 120 120 PHE PHE A . n 
A 1 121 TYR 121 121 121 TYR TYR A . n 
A 1 122 ILE 122 122 122 ILE ILE A . n 
A 1 123 SER 123 123 123 SER SER A . n 
A 1 124 THR 124 124 124 THR THR A . n 
A 1 125 SER 125 125 125 SER SER A . n 
A 1 126 GLN 126 126 126 GLN GLN A . n 
A 1 127 ALA 127 127 127 ALA ALA A . n 
A 1 128 GLU 128 128 128 GLU GLU A . n 
A 1 129 ASN 129 129 129 ASN ASN A . n 
A 1 130 MET 130 130 130 MET MET A . n 
A 1 131 PRO 131 131 131 PRO PRO A . n 
A 1 132 VAL 132 132 132 VAL VAL A . n 
A 1 133 PHE 133 133 133 PHE PHE A . n 
A 1 134 LEU 134 134 134 LEU LEU A . n 
A 1 135 GLY 135 135 135 GLY GLY A . n 
A 1 136 GLY 136 136 ?   ?   ?   A . n 
A 1 137 THR 137 137 ?   ?   ?   A . n 
A 1 138 LYS 138 138 ?   ?   ?   A . n 
A 1 139 GLY 139 139 ?   ?   ?   A . n 
A 1 140 GLY 140 140 140 GLY GLY A . n 
A 1 141 GLN 141 141 141 GLN GLN A . n 
A 1 142 ASP 142 142 142 ASP ASP A . n 
A 1 143 ILE 143 143 143 ILE ILE A . n 
A 1 144 THR 144 144 144 THR THR A . n 
A 1 145 ASP 145 145 145 ASP ASP A . n 
A 1 146 PHE 146 146 146 PHE PHE A . n 
A 1 147 THR 147 147 147 THR THR A . n 
A 1 148 MET 148 148 148 MET MET A . n 
A 1 149 GLN 149 149 149 GLN GLN A . n 
A 1 150 PHE 150 150 150 PHE PHE A . n 
A 1 151 VAL 151 151 151 VAL VAL A . n 
A 1 152 SER 152 152 152 SER SER A . n 
A 1 153 SER 153 153 ?   ?   ?   A . n 
# 
loop_
_pdbx_nonpoly_scheme.asym_id 
_pdbx_nonpoly_scheme.entity_id 
_pdbx_nonpoly_scheme.mon_id 
_pdbx_nonpoly_scheme.ndb_seq_num 
_pdbx_nonpoly_scheme.pdb_seq_num 
_pdbx_nonpoly_scheme.auth_seq_num 
_pdbx_nonpoly_scheme.pdb_mon_id 
_pdbx_nonpoly_scheme.auth_mon_id 
_pdbx_nonpoly_scheme.pdb_strand_id 
_pdbx_nonpoly_scheme.pdb_ins_code 
B 2 HOH 1   154 1   HOH HOH A . 
B 2 HOH 2   155 2   HOH HOH A . 
B 2 HOH 3   156 3   HOH HOH A . 
B 2 HOH 4   157 4   HOH HOH A . 
B 2 HOH 5   158 5   HOH HOH A . 
B 2 HOH 6   159 6   HOH HOH A . 
B 2 HOH 7   160 7   HOH HOH A . 
B 2 HOH 8   161 8   HOH HOH A . 
B 2 HOH 9   162 9   HOH HOH A . 
B 2 HOH 10  163 10  HOH HOH A . 
B 2 HOH 11  164 11  HOH HOH A . 
B 2 HOH 12  165 12  HOH HOH A . 
B 2 HOH 13  166 13  HOH HOH A . 
B 2 HOH 14  167 14  HOH HOH A . 
B 2 HOH 15  168 15  HOH HOH A . 
B 2 HOH 16  169 16  HOH HOH A . 
B 2 HOH 17  170 17  HOH HOH A . 
B 2 HOH 18  171 18  HOH HOH A . 
B 2 HOH 19  172 19  HOH HOH A . 
B 2 HOH 20  173 20  HOH HOH A . 
B 2 HOH 21  174 21  HOH HOH A . 
B 2 HOH 22  175 22  HOH HOH A . 
B 2 HOH 23  176 23  HOH HOH A . 
B 2 HOH 24  177 24  HOH HOH A . 
B 2 HOH 25  178 25  HOH HOH A . 
B 2 HOH 26  179 26  HOH HOH A . 
B 2 HOH 27  180 27  HOH HOH A . 
B 2 HOH 28  181 28  HOH HOH A . 
B 2 HOH 29  182 29  HOH HOH A . 
B 2 HOH 30  183 30  HOH HOH A . 
B 2 HOH 31  184 31  HOH HOH A . 
B 2 HOH 32  185 32  HOH HOH A . 
B 2 HOH 33  186 33  HOH HOH A . 
B 2 HOH 34  187 34  HOH HOH A . 
B 2 HOH 35  188 35  HOH HOH A . 
B 2 HOH 36  189 36  HOH HOH A . 
B 2 HOH 37  190 37  HOH HOH A . 
B 2 HOH 38  191 38  HOH HOH A . 
B 2 HOH 39  192 39  HOH HOH A . 
B 2 HOH 40  193 40  HOH HOH A . 
B 2 HOH 41  194 41  HOH HOH A . 
B 2 HOH 42  195 42  HOH HOH A . 
B 2 HOH 43  196 43  HOH HOH A . 
B 2 HOH 44  197 44  HOH HOH A . 
B 2 HOH 45  198 45  HOH HOH A . 
B 2 HOH 46  199 46  HOH HOH A . 
B 2 HOH 47  200 47  HOH HOH A . 
B 2 HOH 48  201 48  HOH HOH A . 
B 2 HOH 49  202 49  HOH HOH A . 
B 2 HOH 50  203 50  HOH HOH A . 
B 2 HOH 51  204 51  HOH HOH A . 
B 2 HOH 52  205 52  HOH HOH A . 
B 2 HOH 53  206 53  HOH HOH A . 
B 2 HOH 54  207 54  HOH HOH A . 
B 2 HOH 55  208 55  HOH HOH A . 
B 2 HOH 56  209 56  HOH HOH A . 
B 2 HOH 57  210 57  HOH HOH A . 
B 2 HOH 58  211 58  HOH HOH A . 
B 2 HOH 59  212 59  HOH HOH A . 
B 2 HOH 60  213 60  HOH HOH A . 
B 2 HOH 61  214 61  HOH HOH A . 
B 2 HOH 62  215 62  HOH HOH A . 
B 2 HOH 63  216 63  HOH HOH A . 
B 2 HOH 64  217 64  HOH HOH A . 
B 2 HOH 65  218 65  HOH HOH A . 
B 2 HOH 66  219 66  HOH HOH A . 
B 2 HOH 67  220 67  HOH HOH A . 
B 2 HOH 68  221 68  HOH HOH A . 
B 2 HOH 69  222 69  HOH HOH A . 
B 2 HOH 70  223 70  HOH HOH A . 
B 2 HOH 71  224 71  HOH HOH A . 
B 2 HOH 72  225 72  HOH HOH A . 
B 2 HOH 73  226 73  HOH HOH A . 
B 2 HOH 74  227 74  HOH HOH A . 
B 2 HOH 75  228 75  HOH HOH A . 
B 2 HOH 76  229 76  HOH HOH A . 
B 2 HOH 77  230 77  HOH HOH A . 
B 2 HOH 78  231 78  HOH HOH A . 
B 2 HOH 79  232 79  HOH HOH A . 
B 2 HOH 80  233 80  HOH HOH A . 
B 2 HOH 81  234 81  HOH HOH A . 
B 2 HOH 82  235 82  HOH HOH A . 
B 2 HOH 83  236 83  HOH HOH A . 
B 2 HOH 84  237 84  HOH HOH A . 
B 2 HOH 85  238 85  HOH HOH A . 
B 2 HOH 86  239 86  HOH HOH A . 
B 2 HOH 87  240 87  HOH HOH A . 
B 2 HOH 88  241 88  HOH HOH A . 
B 2 HOH 89  242 89  HOH HOH A . 
B 2 HOH 90  243 90  HOH HOH A . 
B 2 HOH 91  244 91  HOH HOH A . 
B 2 HOH 92  245 92  HOH HOH A . 
B 2 HOH 93  246 93  HOH HOH A . 
B 2 HOH 94  247 94  HOH HOH A . 
B 2 HOH 95  248 95  HOH HOH A . 
B 2 HOH 96  249 96  HOH HOH A . 
B 2 HOH 97  250 97  HOH HOH A . 
B 2 HOH 98  251 98  HOH HOH A . 
B 2 HOH 99  252 99  HOH HOH A . 
B 2 HOH 100 253 100 HOH HOH A . 
B 2 HOH 101 254 101 HOH HOH A . 
B 2 HOH 102 255 102 HOH HOH A . 
B 2 HOH 103 256 103 HOH HOH A . 
B 2 HOH 104 257 104 HOH HOH A . 
B 2 HOH 105 258 105 HOH HOH A . 
B 2 HOH 106 259 106 HOH HOH A . 
B 2 HOH 107 260 107 HOH HOH A . 
B 2 HOH 108 261 108 HOH HOH A . 
B 2 HOH 109 262 109 HOH HOH A . 
B 2 HOH 110 263 110 HOH HOH A . 
B 2 HOH 111 264 111 HOH HOH A . 
B 2 HOH 112 265 112 HOH HOH A . 
B 2 HOH 113 266 113 HOH HOH A . 
B 2 HOH 114 267 114 HOH HOH A . 
B 2 HOH 115 268 115 HOH HOH A . 
B 2 HOH 116 269 116 HOH HOH A . 
B 2 HOH 117 270 117 HOH HOH A . 
B 2 HOH 118 271 118 HOH HOH A . 
B 2 HOH 119 272 119 HOH HOH A . 
B 2 HOH 120 273 120 HOH HOH A . 
B 2 HOH 121 274 121 HOH HOH A . 
B 2 HOH 122 275 122 HOH HOH A . 
B 2 HOH 123 276 123 HOH HOH A . 
B 2 HOH 124 277 124 HOH HOH A . 
B 2 HOH 125 278 125 HOH HOH A . 
B 2 HOH 126 279 126 HOH HOH A . 
# 
loop_
_software.name 
_software.classification 
_software.version 
_software.citation_id 
_software.pdbx_ordinal 
DENZO     'data reduction' . ? 1 
SCALEPACK 'data scaling'   . ? 2 
SOLVE     phasing          . ? 3 
SHELXL-97 refinement       . ? 4 
# 
_cell.entry_id           1L2H 
_cell.length_a           53.890 
_cell.length_b           53.890 
_cell.length_c           77.360 
_cell.angle_alpha        90.00 
_cell.angle_beta         90.00 
_cell.angle_gamma        90.00 
_cell.Z_PDB              4 
_cell.pdbx_unique_axis   ? 
# 
_symmetry.entry_id                         1L2H 
_symmetry.space_group_name_H-M             'P 43' 
_symmetry.pdbx_full_space_group_name_H-M   ? 
_symmetry.cell_setting                     ? 
_symmetry.Int_Tables_number                78 
# 
_exptl.entry_id          1L2H 
_exptl.method            'X-RAY DIFFRACTION' 
_exptl.crystals_number   1 
# 
_exptl_crystal.id                    1 
_exptl_crystal.density_meas          ? 
_exptl_crystal.density_Matthews      2.93 
_exptl_crystal.density_percent_sol   61.89 
_exptl_crystal.description           ? 
# 
_exptl_crystal_grow.crystal_id      1 
_exptl_crystal_grow.method          'VAPOR DIFFUSION' 
_exptl_crystal_grow.temp            295 
_exptl_crystal_grow.temp_details    ? 
_exptl_crystal_grow.pH              ? 
_exptl_crystal_grow.pdbx_details    'ammonium sulphate, DTT, PIPES, VAPOR DIFFUSION, temperature 295K' 
_exptl_crystal_grow.pdbx_pH_range   . 
# 
_diffrn.id                     1 
_diffrn.ambient_temp           100 
_diffrn.ambient_temp_details   ? 
_diffrn.crystal_id             1 
# 
_diffrn_detector.diffrn_id              1 
_diffrn_detector.detector               CCD 
_diffrn_detector.type                   CUSTOM-MADE 
_diffrn_detector.pdbx_collection_date   2000-11-22 
_diffrn_detector.details                ? 
# 
_diffrn_radiation.diffrn_id                        1 
_diffrn_radiation.wavelength_id                    1 
_diffrn_radiation.pdbx_monochromatic_or_laue_m_l   M 
_diffrn_radiation.monochromator                    'Double crystal monochromator Si-111' 
_diffrn_radiation.pdbx_diffrn_protocol             'SINGLE WAVELENGTH' 
_diffrn_radiation.pdbx_scattering_type             x-ray 
# 
_diffrn_radiation_wavelength.id           1 
_diffrn_radiation_wavelength.wavelength   1.03320 
_diffrn_radiation_wavelength.wt           1.0 
# 
_diffrn_source.diffrn_id                   1 
_diffrn_source.source                      SYNCHROTRON 
_diffrn_source.type                        'APS BEAMLINE 19-ID' 
_diffrn_source.pdbx_synchrotron_site       APS 
_diffrn_source.pdbx_synchrotron_beamline   19-ID 
_diffrn_source.pdbx_wavelength             ? 
_diffrn_source.pdbx_wavelength_list        1.03320 
# 
_reflns.entry_id                     1L2H 
_reflns.observed_criterion_sigma_I   0 
_reflns.observed_criterion_sigma_F   ? 
_reflns.d_resolution_low             20 
_reflns.d_resolution_high            1.54 
_reflns.number_obs                   31800 
_reflns.number_all                   ? 
_reflns.percent_possible_obs         97.1 
_reflns.pdbx_Rmerge_I_obs            ? 
_reflns.pdbx_Rsym_value              0.074 
_reflns.pdbx_netI_over_sigmaI        23.4 
_reflns.B_iso_Wilson_estimate        22.7 
_reflns.pdbx_redundancy              7.6 
_reflns.R_free_details               ? 
_reflns.limit_h_max                  ? 
_reflns.limit_h_min                  ? 
_reflns.limit_k_max                  ? 
_reflns.limit_k_min                  ? 
_reflns.limit_l_max                  ? 
_reflns.limit_l_min                  ? 
_reflns.observed_criterion_F_max     ? 
_reflns.observed_criterion_F_min     ? 
_reflns.pdbx_diffrn_id               1 
_reflns.pdbx_ordinal                 1 
# 
_reflns_shell.d_res_high             1.54 
_reflns_shell.d_res_low              1.60 
_reflns_shell.percent_possible_all   98.2 
_reflns_shell.Rmerge_I_obs           ? 
_reflns_shell.pdbx_Rsym_value        0.516 
_reflns_shell.meanI_over_sigI_obs    2.6 
_reflns_shell.pdbx_redundancy        5.2 
_reflns_shell.percent_possible_obs   ? 
_reflns_shell.number_unique_all      3196 
_reflns_shell.pdbx_diffrn_id         ? 
_reflns_shell.pdbx_ordinal           1 
# 
_refine.entry_id                                 1L2H 
_refine.ls_number_reflns_obs                     31781 
_refine.ls_number_reflns_all                     31781 
_refine.pdbx_ls_sigma_I                          ? 
_refine.pdbx_ls_sigma_F                          0.0 
_refine.pdbx_data_cutoff_high_absF               ? 
_refine.pdbx_data_cutoff_low_absF                ? 
_refine.ls_d_res_low                             18.00 
_refine.ls_d_res_high                            1.54 
_refine.ls_percent_reflns_obs                    92.7 
_refine.ls_R_factor_obs                          ? 
_refine.ls_R_factor_all                          ? 
_refine.ls_R_factor_R_work                       0.154 
_refine.ls_R_factor_R_free                       0.193 
_refine.ls_R_factor_R_free_error                 ? 
_refine.ls_R_factor_R_free_error_details         ? 
_refine.ls_percent_reflns_R_free                 4.8 
_refine.ls_number_reflns_R_free                  1519 
_refine.ls_number_parameters                     5180 
_refine.ls_number_restraints                     4759 
_refine.occupancy_min                            ? 
_refine.occupancy_max                            ? 
_refine.B_iso_mean                               26.9 
_refine.aniso_B[1][1]                            ? 
_refine.aniso_B[2][2]                            ? 
_refine.aniso_B[3][3]                            ? 
_refine.aniso_B[1][2]                            ? 
_refine.aniso_B[1][3]                            ? 
_refine.aniso_B[2][3]                            ? 
_refine.solvent_model_details                    ? 
_refine.solvent_model_param_ksol                 ? 
_refine.solvent_model_param_bsol                 ? 
_refine.pdbx_ls_cross_valid_method               'FREE R' 
_refine.details                                  
;BULK SOLVENT MODELING METHOD USED:   
MOEWS & KRETSINGER, J.MOL.BIOL.91(1973)201-228
;
_refine.pdbx_starting_model                      ? 
_refine.pdbx_method_to_determine_struct          MAD 
_refine.pdbx_isotropic_thermal_model             Isotropic 
_refine.pdbx_stereochemistry_target_values       'Engh & Huber' 
_refine.pdbx_stereochem_target_val_spec_case     ? 
_refine.pdbx_R_Free_selection_details            RANDOM 
_refine.pdbx_overall_ESU_R_Free                  ? 
_refine.overall_SU_B                             ? 
_refine.ls_redundancy_reflns_obs                 ? 
_refine.B_iso_min                                ? 
_refine.B_iso_max                                ? 
_refine.correlation_coeff_Fo_to_Fc               ? 
_refine.overall_SU_R_Cruickshank_DPI             ? 
_refine.overall_SU_R_free                        ? 
_refine.overall_SU_ML                            ? 
_refine.pdbx_overall_ESU_R                       ? 
_refine.pdbx_data_cutoff_high_rms_absF           ? 
_refine.correlation_coeff_Fo_to_Fc_free          ? 
_refine.pdbx_solvent_vdw_probe_radii             ? 
_refine.pdbx_solvent_ion_probe_radii             ? 
_refine.pdbx_solvent_shrinkage_radii             ? 
_refine.pdbx_refine_id                           'X-RAY DIFFRACTION' 
_refine.pdbx_diffrn_id                           1 
_refine.pdbx_TLS_residual_ADP_flag               ? 
_refine.pdbx_overall_phase_error                 ? 
_refine.pdbx_overall_SU_R_free_Cruickshank_DPI   ? 
_refine.pdbx_overall_SU_R_Blow_DPI               ? 
_refine.pdbx_overall_SU_R_free_Blow_DPI          ? 
# 
_refine_analyze.entry_id                        1L2H 
_refine_analyze.Luzzati_coordinate_error_obs    0.15 
_refine_analyze.Luzzati_sigma_a_obs             0.16 
_refine_analyze.Luzzati_d_res_low_obs           5.0 
_refine_analyze.Luzzati_coordinate_error_free   0.19 
_refine_analyze.Luzzati_sigma_a_free            0.20 
_refine_analyze.Luzzati_d_res_low_free          ? 
_refine_analyze.number_disordered_residues      3 
_refine_analyze.occupancy_sum_hydrogen          1164.00 
_refine_analyze.occupancy_sum_non_hydrogen      1287.00 
_refine_analyze.pdbx_Luzzati_d_res_high_obs     ? 
_refine_analyze.pdbx_refine_id                  'X-RAY DIFFRACTION' 
# 
_refine_hist.pdbx_refine_id                   'X-RAY DIFFRACTION' 
_refine_hist.cycle_id                         LAST 
_refine_hist.pdbx_number_atoms_protein        1168 
_refine_hist.pdbx_number_atoms_nucleic_acid   0 
_refine_hist.pdbx_number_atoms_ligand         0 
_refine_hist.number_atoms_solvent             126 
_refine_hist.number_atoms_total               1294 
_refine_hist.d_res_high                       1.54 
_refine_hist.d_res_low                        18.00 
# 
loop_
_refine_ls_restr.type 
_refine_ls_restr.dev_ideal 
_refine_ls_restr.dev_ideal_target 
_refine_ls_restr.weight 
_refine_ls_restr.number 
_refine_ls_restr.pdbx_refine_id 
_refine_ls_restr.pdbx_restraint_function 
s_bond_d               0.012  ? ? ? 'X-RAY DIFFRACTION' ? 
s_angle_d              0.030  ? ? ? 'X-RAY DIFFRACTION' ? 
s_similar_dist         0.000  ? ? ? 'X-RAY DIFFRACTION' ? 
s_from_restr_planes    0.0347 ? ? ? 'X-RAY DIFFRACTION' ? 
s_zero_chiral_vol      0.056  ? ? ? 'X-RAY DIFFRACTION' ? 
s_non_zero_chiral_vol  0.063  ? ? ? 'X-RAY DIFFRACTION' ? 
s_anti_bump_dis_restr  0.042  ? ? ? 'X-RAY DIFFRACTION' ? 
s_rigid_bond_adp_cmpnt 0.000  ? ? ? 'X-RAY DIFFRACTION' ? 
s_similar_adp_cmpnt    0.072  ? ? ? 'X-RAY DIFFRACTION' ? 
s_approx_iso_adps      0.000  ? ? ? 'X-RAY DIFFRACTION' ? 
# 
_refine_ls_shell.pdbx_total_number_of_bins_used   ? 
_refine_ls_shell.d_res_high                       1.54 
_refine_ls_shell.d_res_low                        1.6 
_refine_ls_shell.number_reflns_R_work             ? 
_refine_ls_shell.R_factor_R_work                  0.32 
_refine_ls_shell.percent_reflns_obs               93.24 
_refine_ls_shell.R_factor_R_free                  0.4 
_refine_ls_shell.R_factor_R_free_error            ? 
_refine_ls_shell.percent_reflns_R_free            ? 
_refine_ls_shell.number_reflns_R_free             121 
_refine_ls_shell.number_reflns_obs                2752 
_refine_ls_shell.redundancy_reflns_obs            ? 
_refine_ls_shell.number_reflns_all                ? 
_refine_ls_shell.pdbx_refine_id                   'X-RAY DIFFRACTION' 
_refine_ls_shell.R_factor_all                     ? 
# 
_pdbx_refine.entry_id                                    1L2H 
_pdbx_refine.R_factor_all_no_cutoff                      ? 
_pdbx_refine.R_factor_obs_no_cutoff                      0.154 
_pdbx_refine.free_R_factor_no_cutoff                     ? 
_pdbx_refine.free_R_val_test_set_size_perc_no_cutoff     4.8 
_pdbx_refine.free_R_val_test_set_ct_no_cutoff            ? 
_pdbx_refine.R_factor_all_4sig_cutoff                    ? 
_pdbx_refine.R_factor_obs_4sig_cutoff                    0.145 
_pdbx_refine.free_R_factor_4sig_cutoff                   0.182 
_pdbx_refine.free_R_val_test_set_size_perc_4sig_cutoff   4.3 
_pdbx_refine.free_R_val_test_set_ct_4sig_cutoff          1362 
_pdbx_refine.number_reflns_obs_4sig_cutoff               27120 
_pdbx_refine.number_reflns_obs_no_cutoff                 ? 
_pdbx_refine.pdbx_refine_id                              'X-RAY DIFFRACTION' 
_pdbx_refine.free_R_error_no_cutoff                      ? 
# 
_struct.entry_id                  1L2H 
_struct.title                     'Crystal structure of Interleukin 1-beta F42W/W120F mutant' 
_struct.pdbx_model_details        ? 
_struct.pdbx_CASP_flag            ? 
_struct.pdbx_model_type_details   ? 
# 
_struct_keywords.entry_id        1L2H 
_struct_keywords.pdbx_keywords   'IMMUNE SYSTEM' 
_struct_keywords.text            
'Interleukin-1 beta, beta-trefoil, F42W/W120F double mutant, protein folding, MAD phasing, hemihedral twinning, IMMUNE SYSTEM' 
# 
loop_
_struct_asym.id 
_struct_asym.pdbx_blank_PDB_chainid_flag 
_struct_asym.pdbx_modified 
_struct_asym.entity_id 
_struct_asym.details 
A N N 1 ? 
B N N 2 ? 
# 
_struct_ref.id                         1 
_struct_ref.db_name                    UNP 
_struct_ref.db_code                    IL1B_HUMAN 
_struct_ref.entity_id                  1 
_struct_ref.pdbx_seq_one_letter_code   
;APVRSLNCTLRDSQQKSLVMSGPYELKALHLQGQDMEQQVVFSMSFVQGEESNDKIPVALGLKEKNLYLSCVLKDDKPTL
QLESVDPKNYPKKKMEKRFVFNKIEINNKLEFESAQFPNWYISTSQAENMPVFLGGTKGGQDITDFTMQFVSS
;
_struct_ref.pdbx_align_begin           117 
_struct_ref.pdbx_db_accession          P01584 
_struct_ref.pdbx_db_isoform            ? 
# 
_struct_ref_seq.align_id                      1 
_struct_ref_seq.ref_id                        1 
_struct_ref_seq.pdbx_PDB_id_code              1L2H 
_struct_ref_seq.pdbx_strand_id                A 
_struct_ref_seq.seq_align_beg                 1 
_struct_ref_seq.pdbx_seq_align_beg_ins_code   ? 
_struct_ref_seq.seq_align_end                 153 
_struct_ref_seq.pdbx_seq_align_end_ins_code   ? 
_struct_ref_seq.pdbx_db_accession             P01584 
_struct_ref_seq.db_align_beg                  117 
_struct_ref_seq.pdbx_db_align_beg_ins_code    ? 
_struct_ref_seq.db_align_end                  269 
_struct_ref_seq.pdbx_db_align_end_ins_code    ? 
_struct_ref_seq.pdbx_auth_seq_align_beg       1 
_struct_ref_seq.pdbx_auth_seq_align_end       153 
# 
loop_
_struct_ref_seq_dif.align_id 
_struct_ref_seq_dif.pdbx_pdb_id_code 
_struct_ref_seq_dif.mon_id 
_struct_ref_seq_dif.pdbx_pdb_strand_id 
_struct_ref_seq_dif.seq_num 
_struct_ref_seq_dif.pdbx_pdb_ins_code 
_struct_ref_seq_dif.pdbx_seq_db_name 
_struct_ref_seq_dif.pdbx_seq_db_accession_code 
_struct_ref_seq_dif.db_mon_id 
_struct_ref_seq_dif.pdbx_seq_db_seq_num 
_struct_ref_seq_dif.details 
_struct_ref_seq_dif.pdbx_auth_seq_num 
_struct_ref_seq_dif.pdbx_ordinal 
1 1L2H TRP A 42  ? UNP P01584 PHE 158 'engineered mutation' 42  1 
1 1L2H PHE A 120 ? UNP P01584 TRP 236 'engineered mutation' 120 2 
# 
_pdbx_struct_assembly.id                   1 
_pdbx_struct_assembly.details              author_defined_assembly 
_pdbx_struct_assembly.method_details       ? 
_pdbx_struct_assembly.oligomeric_details   monomeric 
_pdbx_struct_assembly.oligomeric_count     1 
# 
_pdbx_struct_assembly_gen.assembly_id       1 
_pdbx_struct_assembly_gen.oper_expression   1 
_pdbx_struct_assembly_gen.asym_id_list      A,B 
# 
_pdbx_struct_oper_list.id                   1 
_pdbx_struct_oper_list.type                 'identity operation' 
_pdbx_struct_oper_list.name                 1_555 
_pdbx_struct_oper_list.symmetry_operation   x,y,z 
_pdbx_struct_oper_list.matrix[1][1]         1.0000000000 
_pdbx_struct_oper_list.matrix[1][2]         0.0000000000 
_pdbx_struct_oper_list.matrix[1][3]         0.0000000000 
_pdbx_struct_oper_list.vector[1]            0.0000000000 
_pdbx_struct_oper_list.matrix[2][1]         0.0000000000 
_pdbx_struct_oper_list.matrix[2][2]         1.0000000000 
_pdbx_struct_oper_list.matrix[2][3]         0.0000000000 
_pdbx_struct_oper_list.vector[2]            0.0000000000 
_pdbx_struct_oper_list.matrix[3][1]         0.0000000000 
_pdbx_struct_oper_list.matrix[3][2]         0.0000000000 
_pdbx_struct_oper_list.matrix[3][3]         1.0000000000 
_pdbx_struct_oper_list.vector[3]            0.0000000000 
# 
loop_
_struct_conf.conf_type_id 
_struct_conf.id 
_struct_conf.pdbx_PDB_helix_id 
_struct_conf.beg_label_comp_id 
_struct_conf.beg_label_asym_id 
_struct_conf.beg_label_seq_id 
_struct_conf.pdbx_beg_PDB_ins_code 
_struct_conf.end_label_comp_id 
_struct_conf.end_label_asym_id 
_struct_conf.end_label_seq_id 
_struct_conf.pdbx_end_PDB_ins_code 
_struct_conf.beg_auth_comp_id 
_struct_conf.beg_auth_asym_id 
_struct_conf.beg_auth_seq_id 
_struct_conf.end_auth_comp_id 
_struct_conf.end_auth_asym_id 
_struct_conf.end_auth_seq_id 
_struct_conf.pdbx_PDB_helix_class 
_struct_conf.details 
_struct_conf.pdbx_PDB_helix_length 
HELX_P HELX_P1 1 GLN A 32 ? GLN A 39 ? GLN A 32 GLN A 39 5 ? 8 
HELX_P HELX_P2 2 GLU A 96 ? PHE A 99 ? GLU A 96 PHE A 99 5 ? 4 
# 
_struct_conf_type.id          HELX_P 
_struct_conf_type.criteria    ? 
_struct_conf_type.reference   ? 
# 
_struct_mon_prot_cis.pdbx_id                1 
_struct_mon_prot_cis.label_comp_id          TYR 
_struct_mon_prot_cis.label_seq_id           90 
_struct_mon_prot_cis.label_asym_id          A 
_struct_mon_prot_cis.label_alt_id           . 
_struct_mon_prot_cis.pdbx_PDB_ins_code      ? 
_struct_mon_prot_cis.auth_comp_id           TYR 
_struct_mon_prot_cis.auth_seq_id            90 
_struct_mon_prot_cis.auth_asym_id           A 
_struct_mon_prot_cis.pdbx_label_comp_id_2   PRO 
_struct_mon_prot_cis.pdbx_label_seq_id_2    91 
_struct_mon_prot_cis.pdbx_label_asym_id_2   A 
_struct_mon_prot_cis.pdbx_PDB_ins_code_2    ? 
_struct_mon_prot_cis.pdbx_auth_comp_id_2    PRO 
_struct_mon_prot_cis.pdbx_auth_seq_id_2     91 
_struct_mon_prot_cis.pdbx_auth_asym_id_2    A 
_struct_mon_prot_cis.pdbx_PDB_model_num     1 
_struct_mon_prot_cis.pdbx_omega_angle       1.91 
# 
loop_
_struct_sheet.id 
_struct_sheet.type 
_struct_sheet.number_strands 
_struct_sheet.details 
A ? 7 ? 
B ? 3 ? 
C ? 2 ? 
D ? 2 ? 
# 
loop_
_struct_sheet_order.sheet_id 
_struct_sheet_order.range_id_1 
_struct_sheet_order.range_id_2 
_struct_sheet_order.offset 
_struct_sheet_order.sense 
A 1 2 ? anti-parallel 
A 2 3 ? anti-parallel 
A 3 4 ? anti-parallel 
A 4 5 ? anti-parallel 
A 5 6 ? anti-parallel 
A 6 7 ? anti-parallel 
B 1 2 ? anti-parallel 
B 2 3 ? anti-parallel 
C 1 2 ? anti-parallel 
D 1 2 ? anti-parallel 
# 
loop_
_struct_sheet_range.sheet_id 
_struct_sheet_range.id 
_struct_sheet_range.beg_label_comp_id 
_struct_sheet_range.beg_label_asym_id 
_struct_sheet_range.beg_label_seq_id 
_struct_sheet_range.pdbx_beg_PDB_ins_code 
_struct_sheet_range.end_label_comp_id 
_struct_sheet_range.end_label_asym_id 
_struct_sheet_range.end_label_seq_id 
_struct_sheet_range.pdbx_end_PDB_ins_code 
_struct_sheet_range.beg_auth_comp_id 
_struct_sheet_range.beg_auth_asym_id 
_struct_sheet_range.beg_auth_seq_id 
_struct_sheet_range.end_auth_comp_id 
_struct_sheet_range.end_auth_asym_id 
_struct_sheet_range.end_auth_seq_id 
A 1 SER A 5   ? ASP A 12  ? SER A 5   ASP A 12  
A 2 TRP A 42  ? PHE A 46  ? TRP A 42  PHE A 46  
A 3 ILE A 56  ? LEU A 62  ? ILE A 56  LEU A 62  
A 4 PHE A 101 ? ILE A 106 ? PHE A 101 ILE A 106 
A 5 LYS A 109 ? SER A 114 ? LYS A 109 SER A 114 
A 6 PHE A 146 ? PHE A 150 ? PHE A 146 PHE A 150 
A 7 SER A 5   ? ASP A 12  ? SER A 5   ASP A 12  
B 1 SER A 17  ? MET A 20  ? SER A 17  MET A 20  
B 2 LEU A 26  ? LEU A 29  ? LEU A 26  LEU A 29  
B 3 MET A 130 ? PRO A 131 ? MET A 130 PRO A 131 
C 1 LEU A 67  ? LYS A 74  ? LEU A 67  LYS A 74  
C 2 LYS A 77  ? SER A 84  ? LYS A 77  SER A 84  
D 1 TYR A 121 ? SER A 123 ? TYR A 121 SER A 123 
D 2 PHE A 133 ? GLY A 135 ? PHE A 133 GLY A 135 
# 
loop_
_pdbx_struct_sheet_hbond.sheet_id 
_pdbx_struct_sheet_hbond.range_id_1 
_pdbx_struct_sheet_hbond.range_id_2 
_pdbx_struct_sheet_hbond.range_1_label_atom_id 
_pdbx_struct_sheet_hbond.range_1_label_comp_id 
_pdbx_struct_sheet_hbond.range_1_label_asym_id 
_pdbx_struct_sheet_hbond.range_1_label_seq_id 
_pdbx_struct_sheet_hbond.range_1_PDB_ins_code 
_pdbx_struct_sheet_hbond.range_1_auth_atom_id 
_pdbx_struct_sheet_hbond.range_1_auth_comp_id 
_pdbx_struct_sheet_hbond.range_1_auth_asym_id 
_pdbx_struct_sheet_hbond.range_1_auth_seq_id 
_pdbx_struct_sheet_hbond.range_2_label_atom_id 
_pdbx_struct_sheet_hbond.range_2_label_comp_id 
_pdbx_struct_sheet_hbond.range_2_label_asym_id 
_pdbx_struct_sheet_hbond.range_2_label_seq_id 
_pdbx_struct_sheet_hbond.range_2_PDB_ins_code 
_pdbx_struct_sheet_hbond.range_2_auth_atom_id 
_pdbx_struct_sheet_hbond.range_2_auth_comp_id 
_pdbx_struct_sheet_hbond.range_2_auth_asym_id 
_pdbx_struct_sheet_hbond.range_2_auth_seq_id 
A 1 2 N CYS A 8   ? N CYS A 8   O TRP A 42  ? O TRP A 42  
A 2 3 N SER A 43  ? N SER A 43  O GLY A 61  ? O GLY A 61  
A 3 4 N VAL A 58  ? N VAL A 58  O PHE A 101 ? O PHE A 101 
A 4 5 N ASN A 102 ? N ASN A 102 O GLU A 113 ? O GLU A 113 
A 5 6 N LEU A 110 ? N LEU A 110 O PHE A 146 ? O PHE A 146 
A 6 7 O THR A 147 ? O THR A 147 N ARG A 11  ? N ARG A 11  
B 1 2 N SER A 17  ? N SER A 17  O LEU A 29  ? O LEU A 29  
B 2 3 N ALA A 28  ? N ALA A 28  O MET A 130 ? O MET A 130 
C 1 2 N SER A 70  ? N SER A 70  O GLN A 81  ? O GLN A 81  
D 1 2 N SER A 123 ? N SER A 123 O PHE A 133 ? O PHE A 133 
# 
loop_
_pdbx_validate_rmsd_angle.id 
_pdbx_validate_rmsd_angle.PDB_model_num 
_pdbx_validate_rmsd_angle.auth_atom_id_1 
_pdbx_validate_rmsd_angle.auth_asym_id_1 
_pdbx_validate_rmsd_angle.auth_comp_id_1 
_pdbx_validate_rmsd_angle.auth_seq_id_1 
_pdbx_validate_rmsd_angle.PDB_ins_code_1 
_pdbx_validate_rmsd_angle.label_alt_id_1 
_pdbx_validate_rmsd_angle.auth_atom_id_2 
_pdbx_validate_rmsd_angle.auth_asym_id_2 
_pdbx_validate_rmsd_angle.auth_comp_id_2 
_pdbx_validate_rmsd_angle.auth_seq_id_2 
_pdbx_validate_rmsd_angle.PDB_ins_code_2 
_pdbx_validate_rmsd_angle.label_alt_id_2 
_pdbx_validate_rmsd_angle.auth_atom_id_3 
_pdbx_validate_rmsd_angle.auth_asym_id_3 
_pdbx_validate_rmsd_angle.auth_comp_id_3 
_pdbx_validate_rmsd_angle.auth_seq_id_3 
_pdbx_validate_rmsd_angle.PDB_ins_code_3 
_pdbx_validate_rmsd_angle.label_alt_id_3 
_pdbx_validate_rmsd_angle.angle_value 
_pdbx_validate_rmsd_angle.angle_target_value 
_pdbx_validate_rmsd_angle.angle_deviation 
_pdbx_validate_rmsd_angle.angle_standard_deviation 
_pdbx_validate_rmsd_angle.linker_flag 
1 1 NE A ARG 4   ? ? CZ  A ARG 4   ? ? NH1 A ARG 4   ? ? 124.98 120.30 4.68  0.50 N 
2 1 CB A ASP 12  ? ? CG  A ASP 12  ? ? OD2 A ASP 12  ? ? 111.40 118.30 -6.90 0.90 N 
3 1 CB A TYR 68  ? ? CG  A TYR 68  ? ? CD1 A TYR 68  ? ? 115.71 121.00 -5.29 0.60 N 
4 1 NE A ARG 98  ? ? CZ  A ARG 98  ? ? NH2 A ARG 98  ? ? 116.22 120.30 -4.08 0.50 N 
5 1 CG A TYR 121 ? ? CD1 A TYR 121 ? ? CE1 A TYR 121 ? ? 116.37 121.30 -4.93 0.80 N 
# 
loop_
_pdbx_unobs_or_zero_occ_residues.id 
_pdbx_unobs_or_zero_occ_residues.PDB_model_num 
_pdbx_unobs_or_zero_occ_residues.polymer_flag 
_pdbx_unobs_or_zero_occ_residues.occupancy_flag 
_pdbx_unobs_or_zero_occ_residues.auth_asym_id 
_pdbx_unobs_or_zero_occ_residues.auth_comp_id 
_pdbx_unobs_or_zero_occ_residues.auth_seq_id 
_pdbx_unobs_or_zero_occ_residues.PDB_ins_code 
_pdbx_unobs_or_zero_occ_residues.label_asym_id 
_pdbx_unobs_or_zero_occ_residues.label_comp_id 
_pdbx_unobs_or_zero_occ_residues.label_seq_id 
1 1 Y 1 A ALA 1   ? A ALA 1   
2 1 Y 1 A PRO 2   ? A PRO 2   
3 1 Y 1 A VAL 3   ? A VAL 3   
4 1 Y 1 A ASP 54  ? A ASP 54  
5 1 Y 1 A GLY 136 ? A GLY 136 
6 1 Y 1 A THR 137 ? A THR 137 
7 1 Y 1 A LYS 138 ? A LYS 138 
8 1 Y 1 A GLY 139 ? A GLY 139 
9 1 Y 1 A SER 153 ? A SER 153 
# 
loop_
_chem_comp_atom.comp_id 
_chem_comp_atom.atom_id 
_chem_comp_atom.type_symbol 
_chem_comp_atom.pdbx_aromatic_flag 
_chem_comp_atom.pdbx_stereo_config 
_chem_comp_atom.pdbx_ordinal 
ALA N    N N N 1   
ALA CA   C N S 2   
ALA C    C N N 3   
ALA O    O N N 4   
ALA CB   C N N 5   
ALA OXT  O N N 6   
ALA H    H N N 7   
ALA H2   H N N 8   
ALA HA   H N N 9   
ALA HB1  H N N 10  
ALA HB2  H N N 11  
ALA HB3  H N N 12  
ALA HXT  H N N 13  
ARG N    N N N 14  
ARG CA   C N S 15  
ARG C    C N N 16  
ARG O    O N N 17  
ARG CB   C N N 18  
ARG CG   C N N 19  
ARG CD   C N N 20  
ARG NE   N N N 21  
ARG CZ   C N N 22  
ARG NH1  N N N 23  
ARG NH2  N N N 24  
ARG OXT  O N N 25  
ARG H    H N N 26  
ARG H2   H N N 27  
ARG HA   H N N 28  
ARG HB2  H N N 29  
ARG HB3  H N N 30  
ARG HG2  H N N 31  
ARG HG3  H N N 32  
ARG HD2  H N N 33  
ARG HD3  H N N 34  
ARG HE   H N N 35  
ARG HH11 H N N 36  
ARG HH12 H N N 37  
ARG HH21 H N N 38  
ARG HH22 H N N 39  
ARG HXT  H N N 40  
ASN N    N N N 41  
ASN CA   C N S 42  
ASN C    C N N 43  
ASN O    O N N 44  
ASN CB   C N N 45  
ASN CG   C N N 46  
ASN OD1  O N N 47  
ASN ND2  N N N 48  
ASN OXT  O N N 49  
ASN H    H N N 50  
ASN H2   H N N 51  
ASN HA   H N N 52  
ASN HB2  H N N 53  
ASN HB3  H N N 54  
ASN HD21 H N N 55  
ASN HD22 H N N 56  
ASN HXT  H N N 57  
ASP N    N N N 58  
ASP CA   C N S 59  
ASP C    C N N 60  
ASP O    O N N 61  
ASP CB   C N N 62  
ASP CG   C N N 63  
ASP OD1  O N N 64  
ASP OD2  O N N 65  
ASP OXT  O N N 66  
ASP H    H N N 67  
ASP H2   H N N 68  
ASP HA   H N N 69  
ASP HB2  H N N 70  
ASP HB3  H N N 71  
ASP HD2  H N N 72  
ASP HXT  H N N 73  
CYS N    N N N 74  
CYS CA   C N R 75  
CYS C    C N N 76  
CYS O    O N N 77  
CYS CB   C N N 78  
CYS SG   S N N 79  
CYS OXT  O N N 80  
CYS H    H N N 81  
CYS H2   H N N 82  
CYS HA   H N N 83  
CYS HB2  H N N 84  
CYS HB3  H N N 85  
CYS HG   H N N 86  
CYS HXT  H N N 87  
GLN N    N N N 88  
GLN CA   C N S 89  
GLN C    C N N 90  
GLN O    O N N 91  
GLN CB   C N N 92  
GLN CG   C N N 93  
GLN CD   C N N 94  
GLN OE1  O N N 95  
GLN NE2  N N N 96  
GLN OXT  O N N 97  
GLN H    H N N 98  
GLN H2   H N N 99  
GLN HA   H N N 100 
GLN HB2  H N N 101 
GLN HB3  H N N 102 
GLN HG2  H N N 103 
GLN HG3  H N N 104 
GLN HE21 H N N 105 
GLN HE22 H N N 106 
GLN HXT  H N N 107 
GLU N    N N N 108 
GLU CA   C N S 109 
GLU C    C N N 110 
GLU O    O N N 111 
GLU CB   C N N 112 
GLU CG   C N N 113 
GLU CD   C N N 114 
GLU OE1  O N N 115 
GLU OE2  O N N 116 
GLU OXT  O N N 117 
GLU H    H N N 118 
GLU H2   H N N 119 
GLU HA   H N N 120 
GLU HB2  H N N 121 
GLU HB3  H N N 122 
GLU HG2  H N N 123 
GLU HG3  H N N 124 
GLU HE2  H N N 125 
GLU HXT  H N N 126 
GLY N    N N N 127 
GLY CA   C N N 128 
GLY C    C N N 129 
GLY O    O N N 130 
GLY OXT  O N N 131 
GLY H    H N N 132 
GLY H2   H N N 133 
GLY HA2  H N N 134 
GLY HA3  H N N 135 
GLY HXT  H N N 136 
HIS N    N N N 137 
HIS CA   C N S 138 
HIS C    C N N 139 
HIS O    O N N 140 
HIS CB   C N N 141 
HIS CG   C Y N 142 
HIS ND1  N Y N 143 
HIS CD2  C Y N 144 
HIS CE1  C Y N 145 
HIS NE2  N Y N 146 
HIS OXT  O N N 147 
HIS H    H N N 148 
HIS H2   H N N 149 
HIS HA   H N N 150 
HIS HB2  H N N 151 
HIS HB3  H N N 152 
HIS HD1  H N N 153 
HIS HD2  H N N 154 
HIS HE1  H N N 155 
HIS HE2  H N N 156 
HIS HXT  H N N 157 
HOH O    O N N 158 
HOH H1   H N N 159 
HOH H2   H N N 160 
ILE N    N N N 161 
ILE CA   C N S 162 
ILE C    C N N 163 
ILE O    O N N 164 
ILE CB   C N S 165 
ILE CG1  C N N 166 
ILE CG2  C N N 167 
ILE CD1  C N N 168 
ILE OXT  O N N 169 
ILE H    H N N 170 
ILE H2   H N N 171 
ILE HA   H N N 172 
ILE HB   H N N 173 
ILE HG12 H N N 174 
ILE HG13 H N N 175 
ILE HG21 H N N 176 
ILE HG22 H N N 177 
ILE HG23 H N N 178 
ILE HD11 H N N 179 
ILE HD12 H N N 180 
ILE HD13 H N N 181 
ILE HXT  H N N 182 
LEU N    N N N 183 
LEU CA   C N S 184 
LEU C    C N N 185 
LEU O    O N N 186 
LEU CB   C N N 187 
LEU CG   C N N 188 
LEU CD1  C N N 189 
LEU CD2  C N N 190 
LEU OXT  O N N 191 
LEU H    H N N 192 
LEU H2   H N N 193 
LEU HA   H N N 194 
LEU HB2  H N N 195 
LEU HB3  H N N 196 
LEU HG   H N N 197 
LEU HD11 H N N 198 
LEU HD12 H N N 199 
LEU HD13 H N N 200 
LEU HD21 H N N 201 
LEU HD22 H N N 202 
LEU HD23 H N N 203 
LEU HXT  H N N 204 
LYS N    N N N 205 
LYS CA   C N S 206 
LYS C    C N N 207 
LYS O    O N N 208 
LYS CB   C N N 209 
LYS CG   C N N 210 
LYS CD   C N N 211 
LYS CE   C N N 212 
LYS NZ   N N N 213 
LYS OXT  O N N 214 
LYS H    H N N 215 
LYS H2   H N N 216 
LYS HA   H N N 217 
LYS HB2  H N N 218 
LYS HB3  H N N 219 
LYS HG2  H N N 220 
LYS HG3  H N N 221 
LYS HD2  H N N 222 
LYS HD3  H N N 223 
LYS HE2  H N N 224 
LYS HE3  H N N 225 
LYS HZ1  H N N 226 
LYS HZ2  H N N 227 
LYS HZ3  H N N 228 
LYS HXT  H N N 229 
MET N    N N N 230 
MET CA   C N S 231 
MET C    C N N 232 
MET O    O N N 233 
MET CB   C N N 234 
MET CG   C N N 235 
MET SD   S N N 236 
MET CE   C N N 237 
MET OXT  O N N 238 
MET H    H N N 239 
MET H2   H N N 240 
MET HA   H N N 241 
MET HB2  H N N 242 
MET HB3  H N N 243 
MET HG2  H N N 244 
MET HG3  H N N 245 
MET HE1  H N N 246 
MET HE2  H N N 247 
MET HE3  H N N 248 
MET HXT  H N N 249 
PHE N    N N N 250 
PHE CA   C N S 251 
PHE C    C N N 252 
PHE O    O N N 253 
PHE CB   C N N 254 
PHE CG   C Y N 255 
PHE CD1  C Y N 256 
PHE CD2  C Y N 257 
PHE CE1  C Y N 258 
PHE CE2  C Y N 259 
PHE CZ   C Y N 260 
PHE OXT  O N N 261 
PHE H    H N N 262 
PHE H2   H N N 263 
PHE HA   H N N 264 
PHE HB2  H N N 265 
PHE HB3  H N N 266 
PHE HD1  H N N 267 
PHE HD2  H N N 268 
PHE HE1  H N N 269 
PHE HE2  H N N 270 
PHE HZ   H N N 271 
PHE HXT  H N N 272 
PRO N    N N N 273 
PRO CA   C N S 274 
PRO C    C N N 275 
PRO O    O N N 276 
PRO CB   C N N 277 
PRO CG   C N N 278 
PRO CD   C N N 279 
PRO OXT  O N N 280 
PRO H    H N N 281 
PRO HA   H N N 282 
PRO HB2  H N N 283 
PRO HB3  H N N 284 
PRO HG2  H N N 285 
PRO HG3  H N N 286 
PRO HD2  H N N 287 
PRO HD3  H N N 288 
PRO HXT  H N N 289 
SER N    N N N 290 
SER CA   C N S 291 
SER C    C N N 292 
SER O    O N N 293 
SER CB   C N N 294 
SER OG   O N N 295 
SER OXT  O N N 296 
SER H    H N N 297 
SER H2   H N N 298 
SER HA   H N N 299 
SER HB2  H N N 300 
SER HB3  H N N 301 
SER HG   H N N 302 
SER HXT  H N N 303 
THR N    N N N 304 
THR CA   C N S 305 
THR C    C N N 306 
THR O    O N N 307 
THR CB   C N R 308 
THR OG1  O N N 309 
THR CG2  C N N 310 
THR OXT  O N N 311 
THR H    H N N 312 
THR H2   H N N 313 
THR HA   H N N 314 
THR HB   H N N 315 
THR HG1  H N N 316 
THR HG21 H N N 317 
THR HG22 H N N 318 
THR HG23 H N N 319 
THR HXT  H N N 320 
TRP N    N N N 321 
TRP CA   C N S 322 
TRP C    C N N 323 
TRP O    O N N 324 
TRP CB   C N N 325 
TRP CG   C Y N 326 
TRP CD1  C Y N 327 
TRP CD2  C Y N 328 
TRP NE1  N Y N 329 
TRP CE2  C Y N 330 
TRP CE3  C Y N 331 
TRP CZ2  C Y N 332 
TRP CZ3  C Y N 333 
TRP CH2  C Y N 334 
TRP OXT  O N N 335 
TRP H    H N N 336 
TRP H2   H N N 337 
TRP HA   H N N 338 
TRP HB2  H N N 339 
TRP HB3  H N N 340 
TRP HD1  H N N 341 
TRP HE1  H N N 342 
TRP HE3  H N N 343 
TRP HZ2  H N N 344 
TRP HZ3  H N N 345 
TRP HH2  H N N 346 
TRP HXT  H N N 347 
TYR N    N N N 348 
TYR CA   C N S 349 
TYR C    C N N 350 
TYR O    O N N 351 
TYR CB   C N N 352 
TYR CG   C Y N 353 
TYR CD1  C Y N 354 
TYR CD2  C Y N 355 
TYR CE1  C Y N 356 
TYR CE2  C Y N 357 
TYR CZ   C Y N 358 
TYR OH   O N N 359 
TYR OXT  O N N 360 
TYR H    H N N 361 
TYR H2   H N N 362 
TYR HA   H N N 363 
TYR HB2  H N N 364 
TYR HB3  H N N 365 
TYR HD1  H N N 366 
TYR HD2  H N N 367 
TYR HE1  H N N 368 
TYR HE2  H N N 369 
TYR HH   H N N 370 
TYR HXT  H N N 371 
VAL N    N N N 372 
VAL CA   C N S 373 
VAL C    C N N 374 
VAL O    O N N 375 
VAL CB   C N N 376 
VAL CG1  C N N 377 
VAL CG2  C N N 378 
VAL OXT  O N N 379 
VAL H    H N N 380 
VAL H2   H N N 381 
VAL HA   H N N 382 
VAL HB   H N N 383 
VAL HG11 H N N 384 
VAL HG12 H N N 385 
VAL HG13 H N N 386 
VAL HG21 H N N 387 
VAL HG22 H N N 388 
VAL HG23 H N N 389 
VAL HXT  H N N 390 
# 
loop_
_chem_comp_bond.comp_id 
_chem_comp_bond.atom_id_1 
_chem_comp_bond.atom_id_2 
_chem_comp_bond.value_order 
_chem_comp_bond.pdbx_aromatic_flag 
_chem_comp_bond.pdbx_stereo_config 
_chem_comp_bond.pdbx_ordinal 
ALA N   CA   sing N N 1   
ALA N   H    sing N N 2   
ALA N   H2   sing N N 3   
ALA CA  C    sing N N 4   
ALA CA  CB   sing N N 5   
ALA CA  HA   sing N N 6   
ALA C   O    doub N N 7   
ALA C   OXT  sing N N 8   
ALA CB  HB1  sing N N 9   
ALA CB  HB2  sing N N 10  
ALA CB  HB3  sing N N 11  
ALA OXT HXT  sing N N 12  
ARG N   CA   sing N N 13  
ARG N   H    sing N N 14  
ARG N   H2   sing N N 15  
ARG CA  C    sing N N 16  
ARG CA  CB   sing N N 17  
ARG CA  HA   sing N N 18  
ARG C   O    doub N N 19  
ARG C   OXT  sing N N 20  
ARG CB  CG   sing N N 21  
ARG CB  HB2  sing N N 22  
ARG CB  HB3  sing N N 23  
ARG CG  CD   sing N N 24  
ARG CG  HG2  sing N N 25  
ARG CG  HG3  sing N N 26  
ARG CD  NE   sing N N 27  
ARG CD  HD2  sing N N 28  
ARG CD  HD3  sing N N 29  
ARG NE  CZ   sing N N 30  
ARG NE  HE   sing N N 31  
ARG CZ  NH1  sing N N 32  
ARG CZ  NH2  doub N N 33  
ARG NH1 HH11 sing N N 34  
ARG NH1 HH12 sing N N 35  
ARG NH2 HH21 sing N N 36  
ARG NH2 HH22 sing N N 37  
ARG OXT HXT  sing N N 38  
ASN N   CA   sing N N 39  
ASN N   H    sing N N 40  
ASN N   H2   sing N N 41  
ASN CA  C    sing N N 42  
ASN CA  CB   sing N N 43  
ASN CA  HA   sing N N 44  
ASN C   O    doub N N 45  
ASN C   OXT  sing N N 46  
ASN CB  CG   sing N N 47  
ASN CB  HB2  sing N N 48  
ASN CB  HB3  sing N N 49  
ASN CG  OD1  doub N N 50  
ASN CG  ND2  sing N N 51  
ASN ND2 HD21 sing N N 52  
ASN ND2 HD22 sing N N 53  
ASN OXT HXT  sing N N 54  
ASP N   CA   sing N N 55  
ASP N   H    sing N N 56  
ASP N   H2   sing N N 57  
ASP CA  C    sing N N 58  
ASP CA  CB   sing N N 59  
ASP CA  HA   sing N N 60  
ASP C   O    doub N N 61  
ASP C   OXT  sing N N 62  
ASP CB  CG   sing N N 63  
ASP CB  HB2  sing N N 64  
ASP CB  HB3  sing N N 65  
ASP CG  OD1  doub N N 66  
ASP CG  OD2  sing N N 67  
ASP OD2 HD2  sing N N 68  
ASP OXT HXT  sing N N 69  
CYS N   CA   sing N N 70  
CYS N   H    sing N N 71  
CYS N   H2   sing N N 72  
CYS CA  C    sing N N 73  
CYS CA  CB   sing N N 74  
CYS CA  HA   sing N N 75  
CYS C   O    doub N N 76  
CYS C   OXT  sing N N 77  
CYS CB  SG   sing N N 78  
CYS CB  HB2  sing N N 79  
CYS CB  HB3  sing N N 80  
CYS SG  HG   sing N N 81  
CYS OXT HXT  sing N N 82  
GLN N   CA   sing N N 83  
GLN N   H    sing N N 84  
GLN N   H2   sing N N 85  
GLN CA  C    sing N N 86  
GLN CA  CB   sing N N 87  
GLN CA  HA   sing N N 88  
GLN C   O    doub N N 89  
GLN C   OXT  sing N N 90  
GLN CB  CG   sing N N 91  
GLN CB  HB2  sing N N 92  
GLN CB  HB3  sing N N 93  
GLN CG  CD   sing N N 94  
GLN CG  HG2  sing N N 95  
GLN CG  HG3  sing N N 96  
GLN CD  OE1  doub N N 97  
GLN CD  NE2  sing N N 98  
GLN NE2 HE21 sing N N 99  
GLN NE2 HE22 sing N N 100 
GLN OXT HXT  sing N N 101 
GLU N   CA   sing N N 102 
GLU N   H    sing N N 103 
GLU N   H2   sing N N 104 
GLU CA  C    sing N N 105 
GLU CA  CB   sing N N 106 
GLU CA  HA   sing N N 107 
GLU C   O    doub N N 108 
GLU C   OXT  sing N N 109 
GLU CB  CG   sing N N 110 
GLU CB  HB2  sing N N 111 
GLU CB  HB3  sing N N 112 
GLU CG  CD   sing N N 113 
GLU CG  HG2  sing N N 114 
GLU CG  HG3  sing N N 115 
GLU CD  OE1  doub N N 116 
GLU CD  OE2  sing N N 117 
GLU OE2 HE2  sing N N 118 
GLU OXT HXT  sing N N 119 
GLY N   CA   sing N N 120 
GLY N   H    sing N N 121 
GLY N   H2   sing N N 122 
GLY CA  C    sing N N 123 
GLY CA  HA2  sing N N 124 
GLY CA  HA3  sing N N 125 
GLY C   O    doub N N 126 
GLY C   OXT  sing N N 127 
GLY OXT HXT  sing N N 128 
HIS N   CA   sing N N 129 
HIS N   H    sing N N 130 
HIS N   H2   sing N N 131 
HIS CA  C    sing N N 132 
HIS CA  CB   sing N N 133 
HIS CA  HA   sing N N 134 
HIS C   O    doub N N 135 
HIS C   OXT  sing N N 136 
HIS CB  CG   sing N N 137 
HIS CB  HB2  sing N N 138 
HIS CB  HB3  sing N N 139 
HIS CG  ND1  sing Y N 140 
HIS CG  CD2  doub Y N 141 
HIS ND1 CE1  doub Y N 142 
HIS ND1 HD1  sing N N 143 
HIS CD2 NE2  sing Y N 144 
HIS CD2 HD2  sing N N 145 
HIS CE1 NE2  sing Y N 146 
HIS CE1 HE1  sing N N 147 
HIS NE2 HE2  sing N N 148 
HIS OXT HXT  sing N N 149 
HOH O   H1   sing N N 150 
HOH O   H2   sing N N 151 
ILE N   CA   sing N N 152 
ILE N   H    sing N N 153 
ILE N   H2   sing N N 154 
ILE CA  C    sing N N 155 
ILE CA  CB   sing N N 156 
ILE CA  HA   sing N N 157 
ILE C   O    doub N N 158 
ILE C   OXT  sing N N 159 
ILE CB  CG1  sing N N 160 
ILE CB  CG2  sing N N 161 
ILE CB  HB   sing N N 162 
ILE CG1 CD1  sing N N 163 
ILE CG1 HG12 sing N N 164 
ILE CG1 HG13 sing N N 165 
ILE CG2 HG21 sing N N 166 
ILE CG2 HG22 sing N N 167 
ILE CG2 HG23 sing N N 168 
ILE CD1 HD11 sing N N 169 
ILE CD1 HD12 sing N N 170 
ILE CD1 HD13 sing N N 171 
ILE OXT HXT  sing N N 172 
LEU N   CA   sing N N 173 
LEU N   H    sing N N 174 
LEU N   H2   sing N N 175 
LEU CA  C    sing N N 176 
LEU CA  CB   sing N N 177 
LEU CA  HA   sing N N 178 
LEU C   O    doub N N 179 
LEU C   OXT  sing N N 180 
LEU CB  CG   sing N N 181 
LEU CB  HB2  sing N N 182 
LEU CB  HB3  sing N N 183 
LEU CG  CD1  sing N N 184 
LEU CG  CD2  sing N N 185 
LEU CG  HG   sing N N 186 
LEU CD1 HD11 sing N N 187 
LEU CD1 HD12 sing N N 188 
LEU CD1 HD13 sing N N 189 
LEU CD2 HD21 sing N N 190 
LEU CD2 HD22 sing N N 191 
LEU CD2 HD23 sing N N 192 
LEU OXT HXT  sing N N 193 
LYS N   CA   sing N N 194 
LYS N   H    sing N N 195 
LYS N   H2   sing N N 196 
LYS CA  C    sing N N 197 
LYS CA  CB   sing N N 198 
LYS CA  HA   sing N N 199 
LYS C   O    doub N N 200 
LYS C   OXT  sing N N 201 
LYS CB  CG   sing N N 202 
LYS CB  HB2  sing N N 203 
LYS CB  HB3  sing N N 204 
LYS CG  CD   sing N N 205 
LYS CG  HG2  sing N N 206 
LYS CG  HG3  sing N N 207 
LYS CD  CE   sing N N 208 
LYS CD  HD2  sing N N 209 
LYS CD  HD3  sing N N 210 
LYS CE  NZ   sing N N 211 
LYS CE  HE2  sing N N 212 
LYS CE  HE3  sing N N 213 
LYS NZ  HZ1  sing N N 214 
LYS NZ  HZ2  sing N N 215 
LYS NZ  HZ3  sing N N 216 
LYS OXT HXT  sing N N 217 
MET N   CA   sing N N 218 
MET N   H    sing N N 219 
MET N   H2   sing N N 220 
MET CA  C    sing N N 221 
MET CA  CB   sing N N 222 
MET CA  HA   sing N N 223 
MET C   O    doub N N 224 
MET C   OXT  sing N N 225 
MET CB  CG   sing N N 226 
MET CB  HB2  sing N N 227 
MET CB  HB3  sing N N 228 
MET CG  SD   sing N N 229 
MET CG  HG2  sing N N 230 
MET CG  HG3  sing N N 231 
MET SD  CE   sing N N 232 
MET CE  HE1  sing N N 233 
MET CE  HE2  sing N N 234 
MET CE  HE3  sing N N 235 
MET OXT HXT  sing N N 236 
PHE N   CA   sing N N 237 
PHE N   H    sing N N 238 
PHE N   H2   sing N N 239 
PHE CA  C    sing N N 240 
PHE CA  CB   sing N N 241 
PHE CA  HA   sing N N 242 
PHE C   O    doub N N 243 
PHE C   OXT  sing N N 244 
PHE CB  CG   sing N N 245 
PHE CB  HB2  sing N N 246 
PHE CB  HB3  sing N N 247 
PHE CG  CD1  doub Y N 248 
PHE CG  CD2  sing Y N 249 
PHE CD1 CE1  sing Y N 250 
PHE CD1 HD1  sing N N 251 
PHE CD2 CE2  doub Y N 252 
PHE CD2 HD2  sing N N 253 
PHE CE1 CZ   doub Y N 254 
PHE CE1 HE1  sing N N 255 
PHE CE2 CZ   sing Y N 256 
PHE CE2 HE2  sing N N 257 
PHE CZ  HZ   sing N N 258 
PHE OXT HXT  sing N N 259 
PRO N   CA   sing N N 260 
PRO N   CD   sing N N 261 
PRO N   H    sing N N 262 
PRO CA  C    sing N N 263 
PRO CA  CB   sing N N 264 
PRO CA  HA   sing N N 265 
PRO C   O    doub N N 266 
PRO C   OXT  sing N N 267 
PRO CB  CG   sing N N 268 
PRO CB  HB2  sing N N 269 
PRO CB  HB3  sing N N 270 
PRO CG  CD   sing N N 271 
PRO CG  HG2  sing N N 272 
PRO CG  HG3  sing N N 273 
PRO CD  HD2  sing N N 274 
PRO CD  HD3  sing N N 275 
PRO OXT HXT  sing N N 276 
SER N   CA   sing N N 277 
SER N   H    sing N N 278 
SER N   H2   sing N N 279 
SER CA  C    sing N N 280 
SER CA  CB   sing N N 281 
SER CA  HA   sing N N 282 
SER C   O    doub N N 283 
SER C   OXT  sing N N 284 
SER CB  OG   sing N N 285 
SER CB  HB2  sing N N 286 
SER CB  HB3  sing N N 287 
SER OG  HG   sing N N 288 
SER OXT HXT  sing N N 289 
THR N   CA   sing N N 290 
THR N   H    sing N N 291 
THR N   H2   sing N N 292 
THR CA  C    sing N N 293 
THR CA  CB   sing N N 294 
THR CA  HA   sing N N 295 
THR C   O    doub N N 296 
THR C   OXT  sing N N 297 
THR CB  OG1  sing N N 298 
THR CB  CG2  sing N N 299 
THR CB  HB   sing N N 300 
THR OG1 HG1  sing N N 301 
THR CG2 HG21 sing N N 302 
THR CG2 HG22 sing N N 303 
THR CG2 HG23 sing N N 304 
THR OXT HXT  sing N N 305 
TRP N   CA   sing N N 306 
TRP N   H    sing N N 307 
TRP N   H2   sing N N 308 
TRP CA  C    sing N N 309 
TRP CA  CB   sing N N 310 
TRP CA  HA   sing N N 311 
TRP C   O    doub N N 312 
TRP C   OXT  sing N N 313 
TRP CB  CG   sing N N 314 
TRP CB  HB2  sing N N 315 
TRP CB  HB3  sing N N 316 
TRP CG  CD1  doub Y N 317 
TRP CG  CD2  sing Y N 318 
TRP CD1 NE1  sing Y N 319 
TRP CD1 HD1  sing N N 320 
TRP CD2 CE2  doub Y N 321 
TRP CD2 CE3  sing Y N 322 
TRP NE1 CE2  sing Y N 323 
TRP NE1 HE1  sing N N 324 
TRP CE2 CZ2  sing Y N 325 
TRP CE3 CZ3  doub Y N 326 
TRP CE3 HE3  sing N N 327 
TRP CZ2 CH2  doub Y N 328 
TRP CZ2 HZ2  sing N N 329 
TRP CZ3 CH2  sing Y N 330 
TRP CZ3 HZ3  sing N N 331 
TRP CH2 HH2  sing N N 332 
TRP OXT HXT  sing N N 333 
TYR N   CA   sing N N 334 
TYR N   H    sing N N 335 
TYR N   H2   sing N N 336 
TYR CA  C    sing N N 337 
TYR CA  CB   sing N N 338 
TYR CA  HA   sing N N 339 
TYR C   O    doub N N 340 
TYR C   OXT  sing N N 341 
TYR CB  CG   sing N N 342 
TYR CB  HB2  sing N N 343 
TYR CB  HB3  sing N N 344 
TYR CG  CD1  doub Y N 345 
TYR CG  CD2  sing Y N 346 
TYR CD1 CE1  sing Y N 347 
TYR CD1 HD1  sing N N 348 
TYR CD2 CE2  doub Y N 349 
TYR CD2 HD2  sing N N 350 
TYR CE1 CZ   doub Y N 351 
TYR CE1 HE1  sing N N 352 
TYR CE2 CZ   sing Y N 353 
TYR CE2 HE2  sing N N 354 
TYR CZ  OH   sing N N 355 
TYR OH  HH   sing N N 356 
TYR OXT HXT  sing N N 357 
VAL N   CA   sing N N 358 
VAL N   H    sing N N 359 
VAL N   H2   sing N N 360 
VAL CA  C    sing N N 361 
VAL CA  CB   sing N N 362 
VAL CA  HA   sing N N 363 
VAL C   O    doub N N 364 
VAL C   OXT  sing N N 365 
VAL CB  CG1  sing N N 366 
VAL CB  CG2  sing N N 367 
VAL CB  HB   sing N N 368 
VAL CG1 HG11 sing N N 369 
VAL CG1 HG12 sing N N 370 
VAL CG1 HG13 sing N N 371 
VAL CG2 HG21 sing N N 372 
VAL CG2 HG22 sing N N 373 
VAL CG2 HG23 sing N N 374 
VAL OXT HXT  sing N N 375 
# 
_atom_sites.entry_id                    1L2H 
_atom_sites.fract_transf_matrix[1][1]   0.01712320 
_atom_sites.fract_transf_matrix[1][2]   -0.00368720 
_atom_sites.fract_transf_matrix[1][3]   0.00612581 
_atom_sites.fract_transf_matrix[2][1]   -0.00706118 
_atom_sites.fract_transf_matrix[2][2]   -0.00622416 
_atom_sites.fract_transf_matrix[2][3]   0.01599140 
_atom_sites.fract_transf_matrix[3][1]   -0.00078222 
_atom_sites.fract_transf_matrix[3][2]   -0.01190411 
_atom_sites.fract_transf_matrix[3][3]   -0.00497871 
_atom_sites.fract_transf_vector[1]      0.286423 
_atom_sites.fract_transf_vector[2]      0.238571 
_atom_sites.fract_transf_vector[3]      0.706875 
# 
loop_
_atom_type.symbol 
C 
N 
O 
S 
# 
loop_
_atom_site.group_PDB 
_atom_site.id 
_atom_site.type_symbol 
_atom_site.label_atom_id 
_atom_site.label_alt_id 
_atom_site.label_comp_id 
_atom_site.label_asym_id 
_atom_site.label_entity_id 
_atom_site.label_seq_id 
_atom_site.pdbx_PDB_ins_code 
_atom_site.Cartn_x 
_atom_site.Cartn_y 
_atom_site.Cartn_z 
_atom_site.occupancy 
_atom_site.B_iso_or_equiv 
_atom_site.pdbx_formal_charge 
_atom_site.auth_seq_id 
_atom_site.auth_comp_id 
_atom_site.auth_asym_id 
_atom_site.auth_atom_id 
_atom_site.pdbx_PDB_model_num 
ATOM   1    N N   . ARG A 1 4   ? 0.638   -16.992 0.631   1.00 25.24 ? 4   ARG A N   1 
ATOM   2    C CA  . ARG A 1 4   ? -0.681  -16.748 1.262   1.00 23.68 ? 4   ARG A CA  1 
ATOM   3    C C   . ARG A 1 4   ? -1.054  -15.306 0.868   1.00 29.89 ? 4   ARG A C   1 
ATOM   4    O O   . ARG A 1 4   ? -0.164  -14.466 0.933   1.00 19.75 ? 4   ARG A O   1 
ATOM   5    C CB  . ARG A 1 4   ? -0.711  -16.900 2.766   1.00 26.93 ? 4   ARG A CB  1 
ATOM   6    C CG  . ARG A 1 4   ? -0.432  -18.313 3.287   1.00 34.78 ? 4   ARG A CG  1 
ATOM   7    C CD  . ARG A 1 4   ? -0.465  -18.382 4.808   1.00 35.19 ? 4   ARG A CD  1 
ATOM   8    N NE  . ARG A 1 4   ? 0.656   -17.613 5.359   1.00 30.39 ? 4   ARG A NE  1 
ATOM   9    C CZ  . ARG A 1 4   ? 0.608   -16.851 6.437   1.00 31.77 ? 4   ARG A CZ  1 
ATOM   10   N NH1 . ARG A 1 4   ? -0.465  -16.672 7.193   1.00 25.86 ? 4   ARG A NH1 1 
ATOM   11   N NH2 . ARG A 1 4   ? 1.713   -16.215 6.806   1.00 26.29 ? 4   ARG A NH2 1 
ATOM   12   N N   . SER A 1 5   ? -2.290  -15.049 0.493   1.00 28.48 ? 5   SER A N   1 
ATOM   13   C CA  . SER A 1 5   ? -2.651  -13.654 0.170   1.00 20.62 ? 5   SER A CA  1 
ATOM   14   C C   . SER A 1 5   ? -4.127  -13.394 0.375   1.00 30.62 ? 5   SER A C   1 
ATOM   15   O O   . SER A 1 5   ? -4.973  -14.282 0.488   1.00 27.84 ? 5   SER A O   1 
ATOM   16   C CB  . SER A 1 5   ? -2.226  -13.429 -1.275  1.00 24.92 ? 5   SER A CB  1 
ATOM   17   O OG  . SER A 1 5   ? -3.022  -14.291 -2.083  1.00 38.39 ? 5   SER A OG  1 
ATOM   18   N N   . LEU A 1 6   ? -4.480  -12.114 0.447   1.00 20.08 ? 6   LEU A N   1 
ATOM   19   C CA  . LEU A 1 6   ? -5.857  -11.644 0.490   1.00 20.68 ? 6   LEU A CA  1 
ATOM   20   C C   . LEU A 1 6   ? -6.115  -10.623 -0.617  1.00 21.58 ? 6   LEU A C   1 
ATOM   21   O O   . LEU A 1 6   ? -5.249  -9.809  -0.961  1.00 22.13 ? 6   LEU A O   1 
ATOM   22   C CB  . LEU A 1 6   ? -6.160  -10.982 1.840   1.00 21.93 ? 6   LEU A CB  1 
ATOM   23   C CG  . LEU A 1 6   ? -6.106  -11.950 3.040   1.00 19.73 ? 6   LEU A CG  1 
ATOM   24   C CD1 . LEU A 1 6   ? -5.807  -11.197 4.321   1.00 39.59 ? 6   LEU A CD1 1 
ATOM   25   C CD2 . LEU A 1 6   ? -7.404  -12.727 3.116   1.00 30.20 ? 6   LEU A CD2 1 
ATOM   26   N N   . ASN A 1 7   ? -7.288  -10.631 -1.201  1.00 20.98 ? 7   ASN A N   1 
ATOM   27   C CA  . ASN A 1 7   ? -7.637  -9.694  -2.256  1.00 19.25 ? 7   ASN A CA  1 
ATOM   28   C C   . ASN A 1 7   ? -8.428  -8.565  -1.615  1.00 19.92 ? 7   ASN A C   1 
ATOM   29   O O   . ASN A 1 7   ? -9.382  -8.815  -0.890  1.00 19.68 ? 7   ASN A O   1 
ATOM   30   C CB  . ASN A 1 7   ? -8.489  -10.405 -3.303  1.00 25.43 ? 7   ASN A CB  1 
ATOM   31   C CG  . ASN A 1 7   ? -7.658  -11.561 -3.872  1.00 26.87 ? 7   ASN A CG  1 
ATOM   32   O OD1 . ASN A 1 7   ? -6.541  -11.321 -4.345  1.00 27.64 ? 7   ASN A OD1 1 
ATOM   33   N ND2 . ASN A 1 7   ? -8.244  -12.743 -3.759  1.00 30.45 ? 7   ASN A ND2 1 
ATOM   34   N N   . CYS A 1 8   ? -8.033  -7.312  -1.838  1.00 17.46 ? 8   CYS A N   1 
ATOM   35   C CA  . CYS A 1 8   ? -8.699  -6.287  -1.029  1.00 14.43 ? 8   CYS A CA  1 
ATOM   36   C C   . CYS A 1 8   ? -8.557  -4.932  -1.719  1.00 14.83 ? 8   CYS A C   1 
ATOM   37   O O   . CYS A 1 8   ? -7.750  -4.748  -2.603  1.00 18.06 ? 8   CYS A O   1 
ATOM   38   C CB  . CYS A 1 8   ? -8.093  -6.222  0.370   1.00 15.14 ? 8   CYS A CB  1 
ATOM   39   S SG  . CYS A 1 8   ? -6.313  -5.874  0.380   1.00 23.30 ? 8   CYS A SG  1 
ATOM   40   N N   . THR A 1 9   ? -9.366  -4.008  -1.183  1.00 20.55 ? 9   THR A N   1 
ATOM   41   C CA  . THR A 1 9   ? -9.107  -2.574  -1.418  1.00 17.30 ? 9   THR A CA  1 
ATOM   42   C C   . THR A 1 9   ? -8.794  -1.958  -0.036  1.00 13.40 ? 9   THR A C   1 
ATOM   43   O O   . THR A 1 9   ? -9.090  -2.501  1.008   1.00 15.93 ? 9   THR A O   1 
ATOM   44   C CB  . THR A 1 9   ? -10.261 -1.821  -2.056  1.00 15.24 ? 9   THR A CB  1 
ATOM   45   O OG1 . THR A 1 9   ? -11.443 -1.957  -1.264  1.00 20.88 ? 9   THR A OG1 1 
ATOM   46   C CG2 . THR A 1 9   ? -10.631 -2.362  -3.437  1.00 18.46 ? 9   THR A CG2 1 
ATOM   47   N N   . LEU A 1 10  ? -8.181  -0.761  -0.158  1.00 15.11 ? 10  LEU A N   1 
ATOM   48   C CA  . LEU A 1 10  ? -7.774  0.007   1.019   1.00 15.25 ? 10  LEU A CA  1 
ATOM   49   C C   . LEU A 1 10  ? -8.409  1.405   0.924   1.00 14.69 ? 10  LEU A C   1 
ATOM   50   O O   . LEU A 1 10  ? -8.394  1.918   -0.164  1.00 18.40 ? 10  LEU A O   1 
ATOM   51   C CB  . LEU A 1 10  ? -6.265  0.145   1.121   1.00 16.32 ? 10  LEU A CB  1 
ATOM   52   C CG  . LEU A 1 10  ? -5.504  -1.167  1.356   1.00 17.27 ? 10  LEU A CG  1 
ATOM   53   C CD1 . LEU A 1 10  ? -4.036  -0.977  1.058   1.00 18.09 ? 10  LEU A CD1 1 
ATOM   54   C CD2 . LEU A 1 10  ? -5.738  -1.660  2.769   1.00 22.47 ? 10  LEU A CD2 1 
ATOM   55   N N   . ARG A 1 11  ? -8.943  1.875   2.041   1.00 17.40 ? 11  ARG A N   1 
ATOM   56   C CA  . ARG A 1 11  ? -9.348  3.301   2.062   1.00 17.19 ? 11  ARG A CA  1 
ATOM   57   C C   . ARG A 1 11  ? -8.741  4.002   3.271   1.00 15.22 ? 11  ARG A C   1 
ATOM   58   O O   . ARG A 1 11  ? -8.596  3.365   4.319   1.00 16.73 ? 11  ARG A O   1 
ATOM   59   C CB  . ARG A 1 11  ? -10.862 3.445   2.127   1.00 21.89 ? 11  ARG A CB  1 
ATOM   60   C CG  . ARG A 1 11  ? -11.417 3.210   0.715   1.00 23.42 ? 11  ARG A CG  1 
ATOM   61   C CD  A ARG A 1 11  ? -12.884 3.562   0.676   0.50 21.89 ? 11  ARG A CD  1 
ATOM   62   C CD  B ARG A 1 11  ? -12.839 3.754   0.632   0.50 22.76 ? 11  ARG A CD  1 
ATOM   63   N NE  A ARG A 1 11  ? -13.786 2.829   1.547   0.50 18.72 ? 11  ARG A NE  1 
ATOM   64   N NE  B ARG A 1 11  ? -13.754 2.622   0.784   0.50 20.75 ? 11  ARG A NE  1 
ATOM   65   C CZ  A ARG A 1 11  ? -14.512 1.765   1.193   0.50 22.51 ? 11  ARG A CZ  1 
ATOM   66   C CZ  B ARG A 1 11  ? -13.884 1.675   -0.137  0.50 22.33 ? 11  ARG A CZ  1 
ATOM   67   N NH1 A ARG A 1 11  ? -14.446 1.263   -0.031  0.50 23.49 ? 11  ARG A NH1 1 
ATOM   68   N NH1 B ARG A 1 11  ? -13.159 1.757   -1.251  0.50 30.58 ? 11  ARG A NH1 1 
ATOM   69   N NH2 A ARG A 1 11  ? -15.319 1.179   2.069   0.50 23.87 ? 11  ARG A NH2 1 
ATOM   70   N NH2 B ARG A 1 11  ? -14.736 0.690   0.093   0.50 32.60 ? 11  ARG A NH2 1 
ATOM   71   N N   . ASP A 1 12  ? -8.403  5.298   3.141   1.00 16.61 ? 12  ASP A N   1 
ATOM   72   C CA  . ASP A 1 12  ? -7.851  5.990   4.315   1.00 16.99 ? 12  ASP A CA  1 
ATOM   73   C C   . ASP A 1 12  ? -8.963  6.291   5.303   1.00 15.16 ? 12  ASP A C   1 
ATOM   74   O O   . ASP A 1 12  ? -10.143 6.020   5.076   1.00 17.19 ? 12  ASP A O   1 
ATOM   75   C CB  . ASP A 1 12  ? -7.045  7.202   3.898   1.00 16.45 ? 12  ASP A CB  1 
ATOM   76   C CG  . ASP A 1 12  ? -7.794  8.426   3.372   1.00 14.59 ? 12  ASP A CG  1 
ATOM   77   O OD1 . ASP A 1 12  ? -9.002  8.497   3.601   1.00 18.19 ? 12  ASP A OD1 1 
ATOM   78   O OD2 . ASP A 1 12  ? -7.035  9.201   2.788   1.00 18.30 ? 12  ASP A OD2 1 
ATOM   79   N N   . SER A 1 13  ? -8.516  6.829   6.445   1.00 17.40 ? 13  SER A N   1 
ATOM   80   C CA  . SER A 1 13  ? -9.476  7.122   7.507   1.00 20.40 ? 13  SER A CA  1 
ATOM   81   C C   . SER A 1 13  ? -10.467 8.247   7.160   1.00 16.66 ? 13  SER A C   1 
ATOM   82   O O   . SER A 1 13  ? -11.432 8.426   7.913   1.00 20.19 ? 13  SER A O   1 
ATOM   83   C CB  . SER A 1 13  ? -8.730  7.444   8.827   1.00 21.68 ? 13  SER A CB  1 
ATOM   84   O OG  . SER A 1 13  ? -7.935  8.596   8.650   1.00 24.72 ? 13  SER A OG  1 
ATOM   85   N N   . GLN A 1 14  ? -10.280 8.949   6.057   1.00 17.76 ? 14  GLN A N   1 
ATOM   86   C CA  . GLN A 1 14  ? -11.236 9.897   5.503   1.00 19.34 ? 14  GLN A CA  1 
ATOM   87   C C   . GLN A 1 14  ? -12.063 9.299   4.354   1.00 18.56 ? 14  GLN A C   1 
ATOM   88   O O   . GLN A 1 14  ? -12.705 9.935   3.539   1.00 21.43 ? 14  GLN A O   1 
ATOM   89   C CB  . GLN A 1 14  ? -10.509 11.160  5.094   1.00 20.41 ? 14  GLN A CB  1 
ATOM   90   C CG  . GLN A 1 14  ? -10.237 12.158  6.206   1.00 22.80 ? 14  GLN A CG  1 
ATOM   91   C CD  . GLN A 1 14  ? -11.439 12.618  6.986   1.00 23.30 ? 14  GLN A CD  1 
ATOM   92   O OE1 . GLN A 1 14  ? -12.573 12.674  6.534   1.00 23.63 ? 14  GLN A OE1 1 
ATOM   93   N NE2 . GLN A 1 14  ? -11.236 12.981  8.259   1.00 29.77 ? 14  GLN A NE2 1 
ATOM   94   N N   . GLN A 1 15  ? -12.009 7.944   4.325   1.00 16.02 ? 15  GLN A N   1 
ATOM   95   C CA  . GLN A 1 15  ? -12.769 7.187   3.333   1.00 22.69 ? 15  GLN A CA  1 
ATOM   96   C C   . GLN A 1 15  ? -12.381 7.514   1.893   1.00 14.49 ? 15  GLN A C   1 
ATOM   97   O O   . GLN A 1 15  ? -13.190 7.354   0.964   1.00 19.65 ? 15  GLN A O   1 
ATOM   98   C CB  . GLN A 1 15  ? -14.265 7.349   3.599   1.00 23.41 ? 15  GLN A CB  1 
ATOM   99   C CG  . GLN A 1 15  ? -14.678 6.832   4.964   1.00 27.85 ? 15  GLN A CG  1 
ATOM   100  C CD  . GLN A 1 15  ? -14.725 5.316   5.027   1.00 37.94 ? 15  GLN A CD  1 
ATOM   101  O OE1 . GLN A 1 15  ? -14.392 4.650   4.051   1.00 30.81 ? 15  GLN A OE1 1 
ATOM   102  N NE2 . GLN A 1 15  ? -15.156 4.812   6.178   1.00 41.05 ? 15  GLN A NE2 1 
ATOM   103  N N   . LYS A 1 16  ? -11.134 7.943   1.661   1.00 15.34 ? 16  LYS A N   1 
ATOM   104  C CA  . LYS A 1 16  ? -10.569 8.175   0.362   1.00 14.06 ? 16  LYS A CA  1 
ATOM   105  C C   . LYS A 1 16  ? -10.088 6.828   -0.211  1.00 18.28 ? 16  LYS A C   1 
ATOM   106  O O   . LYS A 1 16  ? -9.410  6.083   0.528   1.00 16.97 ? 16  LYS A O   1 
ATOM   107  C CB  . LYS A 1 16  ? -9.442  9.204   0.364   1.00 21.33 ? 16  LYS A CB  1 
ATOM   108  C CG  . LYS A 1 16  ? -9.972  10.593  0.778   1.00 19.70 ? 16  LYS A CG  1 
ATOM   109  C CD  . LYS A 1 16  ? -9.104  11.700  0.220   1.00 21.52 ? 16  LYS A CD  1 
ATOM   110  C CE  . LYS A 1 16  ? -7.689  11.813  0.706   1.00 25.60 ? 16  LYS A CE  1 
ATOM   111  N NZ  . LYS A 1 16  ? -7.507  11.895  2.188   1.00 18.88 ? 16  LYS A NZ  1 
ATOM   112  N N   . SER A 1 17  ? -10.495 6.629   -1.455  1.00 20.31 ? 17  SER A N   1 
ATOM   113  C CA  . SER A 1 17  ? -9.997  5.458   -2.205  1.00 20.63 ? 17  SER A CA  1 
ATOM   114  C C   . SER A 1 17  ? -8.680  5.755   -2.879  1.00 24.88 ? 17  SER A C   1 
ATOM   115  O O   . SER A 1 17  ? -8.206  6.881   -3.094  1.00 17.76 ? 17  SER A O   1 
ATOM   116  C CB  . SER A 1 17  ? -11.067 5.022   -3.212  1.00 20.58 ? 17  SER A CB  1 
ATOM   117  O OG  . SER A 1 17  ? -12.274 4.620   -2.599  1.00 20.79 ? 17  SER A OG  1 
ATOM   118  N N   . LEU A 1 18  ? -7.983  4.674   -3.303  1.00 17.03 ? 18  LEU A N   1 
ATOM   119  C CA  . LEU A 1 18  ? -6.710  4.729   -3.948  1.00 17.35 ? 18  LEU A CA  1 
ATOM   120  C C   . LEU A 1 18  ? -6.854  4.378   -5.442  1.00 21.29 ? 18  LEU A C   1 
ATOM   121  O O   . LEU A 1 18  ? -7.471  3.374   -5.779  1.00 19.72 ? 18  LEU A O   1 
ATOM   122  C CB  . LEU A 1 18  ? -5.696  3.800   -3.288  1.00 14.12 ? 18  LEU A CB  1 
ATOM   123  C CG  . LEU A 1 18  ? -5.559  3.886   -1.782  1.00 17.64 ? 18  LEU A CG  1 
ATOM   124  C CD1 . LEU A 1 18  ? -4.431  2.987   -1.288  1.00 19.33 ? 18  LEU A CD1 1 
ATOM   125  C CD2 . LEU A 1 18  ? -5.295  5.340   -1.337  1.00 18.46 ? 18  LEU A CD2 1 
ATOM   126  N N   . VAL A 1 19  ? -6.285  5.234   -6.272  1.00 21.78 ? 19  VAL A N   1 
ATOM   127  C CA  . VAL A 1 19  ? -6.379  5.119   -7.726  1.00 18.99 ? 19  VAL A CA  1 
ATOM   128  C C   . VAL A 1 19  ? -5.013  5.388   -8.330  1.00 19.89 ? 19  VAL A C   1 
ATOM   129  O O   . VAL A 1 19  ? -4.126  6.079   -7.824  1.00 20.22 ? 19  VAL A O   1 
ATOM   130  C CB  . VAL A 1 19  ? -7.442  6.064   -8.332  1.00 27.80 ? 19  VAL A CB  1 
ATOM   131  C CG1 . VAL A 1 19  ? -8.768  5.988   -7.590  1.00 22.92 ? 19  VAL A CG1 1 
ATOM   132  C CG2 . VAL A 1 19  ? -6.917  7.497   -8.341  1.00 31.39 ? 19  VAL A CG2 1 
ATOM   133  N N   . MET A 1 20  ? -4.712  4.799   -9.487  1.00 19.82 ? 20  MET A N   1 
ATOM   134  C CA  . MET A 1 20  ? -3.526  5.089   -10.249 1.00 28.57 ? 20  MET A CA  1 
ATOM   135  C C   . MET A 1 20  ? -3.382  6.585   -10.606 1.00 30.59 ? 20  MET A C   1 
ATOM   136  O O   . MET A 1 20  ? -4.402  7.137   -11.015 1.00 29.82 ? 20  MET A O   1 
ATOM   137  C CB  . MET A 1 20  ? -3.567  4.276   -11.552 1.00 35.35 ? 20  MET A CB  1 
ATOM   138  C CG  . MET A 1 20  ? -3.603  2.778   -11.281 1.00 32.16 ? 20  MET A CG  1 
ATOM   139  S SD  . MET A 1 20  ? -2.227  2.150   -10.351 1.00 28.69 ? 20  MET A SD  1 
ATOM   140  C CE  . MET A 1 20  ? -0.932  2.058   -11.571 1.00 26.13 ? 20  MET A CE  1 
ATOM   141  N N   . SER A 1 21  ? -2.188  7.112   -10.400 1.00 29.52 ? 21  SER A N   1 
ATOM   142  C CA  . SER A 1 21  ? -1.669  8.400   -10.885 1.00 22.09 ? 21  SER A CA  1 
ATOM   143  C C   . SER A 1 21  ? -0.489  8.146   -11.824 1.00 23.24 ? 21  SER A C   1 
ATOM   144  O O   . SER A 1 21  ? 0.662   8.034   -11.386 1.00 27.78 ? 21  SER A O   1 
ATOM   145  C CB  . SER A 1 21  ? -1.270  9.313   -9.731  1.00 34.13 ? 21  SER A CB  1 
ATOM   146  O OG  . SER A 1 21  ? -0.578  10.478  -10.157 1.00 41.06 ? 21  SER A OG  1 
ATOM   147  N N   . GLY A 1 22  ? -0.830  8.009   -13.113 1.00 29.71 ? 22  GLY A N   1 
ATOM   148  C CA  . GLY A 1 22  ? 0.230   7.607   -14.058 1.00 31.45 ? 22  GLY A CA  1 
ATOM   149  C C   . GLY A 1 22  ? 0.524   6.131   -13.850 1.00 29.80 ? 22  GLY A C   1 
ATOM   150  O O   . GLY A 1 22  ? -0.207  5.472   -13.114 1.00 30.56 ? 22  GLY A O   1 
ATOM   151  N N   . PRO A 1 23  ? 1.536   5.551   -14.501 1.00 35.92 ? 23  PRO A N   1 
ATOM   152  C CA  . PRO A 1 23  ? 1.758   4.110   -14.371 1.00 29.93 ? 23  PRO A CA  1 
ATOM   153  C C   . PRO A 1 23  ? 2.399   3.625   -13.085 1.00 32.58 ? 23  PRO A C   1 
ATOM   154  O O   . PRO A 1 23  ? 2.218   2.428   -12.755 1.00 29.14 ? 23  PRO A O   1 
ATOM   155  C CB  . PRO A 1 23  ? 2.722   3.829   -15.538 1.00 31.03 ? 23  PRO A CB  1 
ATOM   156  C CG  . PRO A 1 23  ? 3.450   5.125   -15.736 1.00 31.01 ? 23  PRO A CG  1 
ATOM   157  C CD  . PRO A 1 23  ? 2.477   6.214   -15.407 1.00 31.59 ? 23  PRO A CD  1 
ATOM   158  N N   . TYR A 1 24  ? 3.124   4.469   -12.370 1.00 27.80 ? 24  TYR A N   1 
ATOM   159  C CA  . TYR A 1 24  ? 3.945   4.124   -11.230 1.00 20.40 ? 24  TYR A CA  1 
ATOM   160  C C   . TYR A 1 24  ? 3.689   4.948   -9.947  1.00 17.41 ? 24  TYR A C   1 
ATOM   161  O O   . TYR A 1 24  ? 4.496   4.919   -9.023  1.00 25.88 ? 24  TYR A O   1 
ATOM   162  C CB  . TYR A 1 24  ? 5.427   4.210   -11.629 1.00 23.26 ? 24  TYR A CB  1 
ATOM   163  C CG  . TYR A 1 24  ? 5.724   3.278   -12.798 1.00 23.79 ? 24  TYR A CG  1 
ATOM   164  C CD1 . TYR A 1 24  ? 6.326   3.731   -13.960 1.00 40.49 ? 24  TYR A CD1 1 
ATOM   165  C CD2 . TYR A 1 24  ? 5.367   1.954   -12.670 1.00 23.94 ? 24  TYR A CD2 1 
ATOM   166  C CE1 . TYR A 1 24  ? 6.583   2.845   -15.012 1.00 37.51 ? 24  TYR A CE1 1 
ATOM   167  C CE2 . TYR A 1 24  ? 5.624   1.095   -13.713 1.00 31.60 ? 24  TYR A CE2 1 
ATOM   168  C CZ  . TYR A 1 24  ? 6.220   1.534   -14.862 1.00 34.82 ? 24  TYR A CZ  1 
ATOM   169  O OH  . TYR A 1 24  ? 6.433   0.590   -15.856 1.00 32.99 ? 24  TYR A OH  1 
ATOM   170  N N   . GLU A 1 25  ? 2.539   5.590   -9.951  1.00 19.92 ? 25  GLU A N   1 
ATOM   171  C CA  . GLU A 1 25  ? 2.112   6.253   -8.711  1.00 28.50 ? 25  GLU A CA  1 
ATOM   172  C C   . GLU A 1 25  ? 0.621   6.053   -8.463  1.00 23.07 ? 25  GLU A C   1 
ATOM   173  O O   . GLU A 1 25  ? -0.143  5.725   -9.377  1.00 26.85 ? 25  GLU A O   1 
ATOM   174  C CB  . GLU A 1 25  ? 2.493   7.729   -8.822  1.00 31.52 ? 25  GLU A CB  1 
ATOM   175  C CG  . GLU A 1 25  ? 3.982   8.026   -8.823  1.00 41.01 ? 25  GLU A CG  1 
ATOM   176  C CD  . GLU A 1 25  ? 4.589   8.279   -10.181 1.00 58.43 ? 25  GLU A CD  1 
ATOM   177  O OE1 . GLU A 1 25  ? 4.615   7.359   -11.026 1.00 67.16 ? 25  GLU A OE1 1 
ATOM   178  O OE2 . GLU A 1 25  ? 5.076   9.407   -10.420 1.00 77.03 ? 25  GLU A OE2 1 
ATOM   179  N N   . LEU A 1 26  ? 0.233   6.298   -7.209  1.00 22.90 ? 26  LEU A N   1 
ATOM   180  C CA  . LEU A 1 26  ? -1.100  6.314   -6.706  1.00 23.20 ? 26  LEU A CA  1 
ATOM   181  C C   . LEU A 1 26  ? -1.485  7.714   -6.148  1.00 20.22 ? 26  LEU A C   1 
ATOM   182  O O   . LEU A 1 26  ? -0.621  8.436   -5.696  1.00 19.93 ? 26  LEU A O   1 
ATOM   183  C CB  . LEU A 1 26  ? -1.302  5.378   -5.529  1.00 30.18 ? 26  LEU A CB  1 
ATOM   184  C CG  . LEU A 1 26  ? -1.034  3.888   -5.667  1.00 26.51 ? 26  LEU A CG  1 
ATOM   185  C CD1 . LEU A 1 26  ? -0.804  3.368   -4.247  1.00 29.84 ? 26  LEU A CD1 1 
ATOM   186  C CD2 . LEU A 1 26  ? -2.148  3.175   -6.380  1.00 33.90 ? 26  LEU A CD2 1 
ATOM   187  N N   . LYS A 1 27  ? -2.771  7.948   -6.243  1.00 19.37 ? 27  LYS A N   1 
ATOM   188  C CA  . LYS A 1 27  ? -3.359  9.166   -5.656  1.00 19.92 ? 27  LYS A CA  1 
ATOM   189  C C   . LYS A 1 27  ? -4.560  8.761   -4.834  1.00 26.01 ? 27  LYS A C   1 
ATOM   190  O O   . LYS A 1 27  ? -5.121  7.662   -4.915  1.00 21.44 ? 27  LYS A O   1 
ATOM   191  C CB  . LYS A 1 27  ? -3.761  10.182  -6.729  1.00 25.63 ? 27  LYS A CB  1 
ATOM   192  C CG  . LYS A 1 27  ? -2.650  11.124  -7.167  1.00 38.10 ? 27  LYS A CG  1 
ATOM   193  C CD  . LYS A 1 27  ? -3.057  11.920  -8.393  1.00 39.71 ? 27  LYS A CD  1 
ATOM   194  C CE  . LYS A 1 27  ? -1.972  12.890  -8.843  1.00 47.76 ? 27  LYS A CE  1 
ATOM   195  N NZ  . LYS A 1 27  ? -0.808  12.950  -7.919  1.00 54.70 ? 27  LYS A NZ  1 
ATOM   196  N N   . ALA A 1 28  ? -5.066  9.658   -3.966  1.00 18.97 ? 28  ALA A N   1 
ATOM   197  C CA  . ALA A 1 28  ? -6.204  9.324   -3.157  1.00 17.46 ? 28  ALA A CA  1 
ATOM   198  C C   . ALA A 1 28  ? -7.354  10.323  -3.344  1.00 19.88 ? 28  ALA A C   1 
ATOM   199  O O   . ALA A 1 28  ? -7.106  11.534  -3.381  1.00 21.38 ? 28  ALA A O   1 
ATOM   200  C CB  . ALA A 1 28  ? -5.835  9.264   -1.674  1.00 16.05 ? 28  ALA A CB  1 
ATOM   201  N N   . LEU A 1 29  ? -8.537  9.770   -3.471  1.00 18.84 ? 29  LEU A N   1 
ATOM   202  C CA  . LEU A 1 29  ? -9.688  10.687  -3.570  1.00 27.36 ? 29  LEU A CA  1 
ATOM   203  C C   . LEU A 1 29  ? -10.990 10.032  -3.141  1.00 23.43 ? 29  LEU A C   1 
ATOM   204  O O   . LEU A 1 29  ? -11.140 8.852   -2.893  1.00 20.10 ? 29  LEU A O   1 
ATOM   205  C CB  . LEU A 1 29  ? -9.812  11.305  -4.947  1.00 36.78 ? 29  LEU A CB  1 
ATOM   206  C CG  . LEU A 1 29  ? -9.726  10.534  -6.248  1.00 35.22 ? 29  LEU A CG  1 
ATOM   207  C CD1 . LEU A 1 29  ? -9.933  9.043   -6.089  1.00 41.96 ? 29  LEU A CD1 1 
ATOM   208  C CD2 . LEU A 1 29  ? -10.752 11.118  -7.233  1.00 38.16 ? 29  LEU A CD2 1 
ATOM   209  N N   . HIS A 1 30  ? -11.989 10.901  -2.973  1.00 19.76 ? 30  HIS A N   1 
ATOM   210  C CA  . HIS A 1 30  ? -13.306 10.517  -2.565  1.00 18.85 ? 30  HIS A CA  1 
ATOM   211  C C   . HIS A 1 30  ? -14.059 9.967   -3.774  1.00 23.01 ? 30  HIS A C   1 
ATOM   212  O O   . HIS A 1 30  ? -14.376 10.739  -4.670  1.00 28.41 ? 30  HIS A O   1 
ATOM   213  C CB  . HIS A 1 30  ? -14.016 11.709  -1.926  1.00 21.45 ? 30  HIS A CB  1 
ATOM   214  C CG  . HIS A 1 30  ? -13.602 12.055  -0.533  1.00 16.03 ? 30  HIS A CG  1 
ATOM   215  N ND1 . HIS A 1 30  ? -12.560 12.936  -0.257  1.00 19.26 ? 30  HIS A ND1 1 
ATOM   216  C CD2 . HIS A 1 30  ? -14.073 11.655  0.659   1.00 23.65 ? 30  HIS A CD2 1 
ATOM   217  C CE1 . HIS A 1 30  ? -12.438 13.040  1.055   1.00 21.82 ? 30  HIS A CE1 1 
ATOM   218  N NE2 . HIS A 1 30  ? -13.332 12.283  1.646   1.00 23.68 ? 30  HIS A NE2 1 
ATOM   219  N N   . LEU A 1 31  ? -14.279 8.663   -3.772  1.00 26.23 ? 31  LEU A N   1 
ATOM   220  C CA  . LEU A 1 31  ? -15.089 7.919   -4.719  1.00 29.59 ? 31  LEU A CA  1 
ATOM   221  C C   . LEU A 1 31  ? -16.329 7.347   -4.052  1.00 23.66 ? 31  LEU A C   1 
ATOM   222  O O   . LEU A 1 31  ? -16.294 6.766   -2.970  1.00 26.52 ? 31  LEU A O   1 
ATOM   223  C CB  . LEU A 1 31  ? -14.311 6.746   -5.348  1.00 22.79 ? 31  LEU A CB  1 
ATOM   224  C CG  . LEU A 1 31  ? -13.059 7.113   -6.119  1.00 30.98 ? 31  LEU A CG  1 
ATOM   225  C CD1 . LEU A 1 31  ? -12.597 5.900   -6.919  1.00 48.18 ? 31  LEU A CD1 1 
ATOM   226  C CD2 . LEU A 1 31  ? -13.258 8.309   -7.035  1.00 36.90 ? 31  LEU A CD2 1 
ATOM   227  N N   . GLN A 1 32  ? -17.491 7.517   -4.701  1.00 22.06 ? 32  GLN A N   1 
ATOM   228  C CA  . GLN A 1 32  ? -18.683 6.806   -4.256  1.00 21.24 ? 32  GLN A CA  1 
ATOM   229  C C   . GLN A 1 32  ? -19.441 6.412   -5.539  1.00 30.47 ? 32  GLN A C   1 
ATOM   230  O O   . GLN A 1 32  ? -19.254 7.021   -6.591  1.00 38.58 ? 32  GLN A O   1 
ATOM   231  C CB  . GLN A 1 32  ? -19.561 7.572   -3.278  1.00 28.95 ? 32  GLN A CB  1 
ATOM   232  C CG  . GLN A 1 32  ? -20.798 6.980   -2.630  1.00 24.85 ? 32  GLN A CG  1 
ATOM   233  C CD  . GLN A 1 32  ? -21.401 7.912   -1.584  1.00 30.34 ? 32  GLN A CD  1 
ATOM   234  O OE1 . GLN A 1 32  ? -21.001 7.895   -0.424  1.00 28.08 ? 32  GLN A OE1 1 
ATOM   235  N NE2 . GLN A 1 32  ? -22.358 8.735   -1.970  1.00 32.89 ? 32  GLN A NE2 1 
ATOM   236  N N   . GLY A 1 33  ? -20.254 5.378   -5.460  1.00 37.58 ? 33  GLY A N   1 
ATOM   237  C CA  . GLY A 1 33  ? -21.016 4.846   -6.573  1.00 32.84 ? 33  GLY A CA  1 
ATOM   238  C C   . GLY A 1 33  ? -20.168 4.198   -7.655  1.00 37.75 ? 33  GLY A C   1 
ATOM   239  O O   . GLY A 1 33  ? -19.126 3.618   -7.365  1.00 39.08 ? 33  GLY A O   1 
ATOM   240  N N   . GLN A 1 34  ? -20.635 4.318   -8.890  1.00 34.32 ? 34  GLN A N   1 
ATOM   241  C CA  . GLN A 1 34  ? -20.042 3.745   -10.091 1.00 38.85 ? 34  GLN A CA  1 
ATOM   242  C C   . GLN A 1 34  ? -18.571 4.121   -10.276 1.00 42.07 ? 34  GLN A C   1 
ATOM   243  O O   . GLN A 1 34  ? -17.794 3.264   -10.737 1.00 38.21 ? 34  GLN A O   1 
ATOM   244  C CB  . GLN A 1 34  ? -20.856 4.105   -11.341 1.00 49.17 ? 34  GLN A CB  1 
ATOM   245  C CG  . GLN A 1 34  ? -21.264 5.552   -11.547 1.00 54.44 ? 34  GLN A CG  1 
ATOM   246  C CD  . GLN A 1 34  ? -22.633 5.665   -12.194 1.00 66.56 ? 34  GLN A CD  1 
ATOM   247  O OE1 . GLN A 1 34  ? -22.735 5.688   -13.431 1.00 60.03 ? 34  GLN A OE1 1 
ATOM   248  N NE2 . GLN A 1 34  ? -23.687 5.744   -11.378 1.00 79.79 ? 34  GLN A NE2 1 
ATOM   249  N N   . ASP A 1 35  ? -18.141 5.328   -9.929  1.00 36.45 ? 35  ASP A N   1 
ATOM   250  C CA  . ASP A 1 35  ? -16.759 5.779   -10.038 1.00 33.27 ? 35  ASP A CA  1 
ATOM   251  C C   . ASP A 1 35  ? -15.836 5.016   -9.079  1.00 32.31 ? 35  ASP A C   1 
ATOM   252  O O   . ASP A 1 35  ? -14.614 5.180   -9.162  1.00 30.58 ? 35  ASP A O   1 
ATOM   253  C CB  . ASP A 1 35  ? -16.601 7.285   -9.796  1.00 26.47 ? 35  ASP A CB  1 
ATOM   254  C CG  . ASP A 1 35  ? -16.901 8.132   -11.016 1.00 46.46 ? 35  ASP A CG  1 
ATOM   255  O OD1 . ASP A 1 35  ? -17.580 7.617   -11.936 1.00 48.69 ? 35  ASP A OD1 1 
ATOM   256  O OD2 . ASP A 1 35  ? -16.479 9.310   -11.073 1.00 44.29 ? 35  ASP A OD2 1 
ATOM   257  N N   . MET A 1 36  ? -16.408 4.181   -8.215  1.00 32.92 ? 36  MET A N   1 
ATOM   258  C CA  . MET A 1 36  ? -15.584 3.359   -7.341  1.00 36.67 ? 36  MET A CA  1 
ATOM   259  C C   . MET A 1 36  ? -14.769 2.359   -8.142  1.00 28.61 ? 36  MET A C   1 
ATOM   260  O O   . MET A 1 36  ? -13.714 1.898   -7.704  1.00 26.37 ? 36  MET A O   1 
ATOM   261  C CB  . MET A 1 36  ? -16.477 2.629   -6.327  1.00 38.65 ? 36  MET A CB  1 
ATOM   262  C CG  . MET A 1 36  ? -17.148 3.642   -5.385  1.00 46.19 ? 36  MET A CG  1 
ATOM   263  S SD  . MET A 1 36  ? -17.192 2.904   -3.738  1.00 42.35 ? 36  MET A SD  1 
ATOM   264  C CE  . MET A 1 36  ? -15.518 3.233   -3.228  1.00 30.18 ? 36  MET A CE  1 
ATOM   265  N N   . GLU A 1 37  ? -15.234 2.011   -9.340  1.00 35.37 ? 37  GLU A N   1 
ATOM   266  C CA  . GLU A 1 37  ? -14.547 0.961   -10.089 1.00 30.10 ? 37  GLU A CA  1 
ATOM   267  C C   . GLU A 1 37  ? -13.134 1.366   -10.496 1.00 27.71 ? 37  GLU A C   1 
ATOM   268  O O   . GLU A 1 37  ? -12.339 0.498   -10.884 1.00 32.52 ? 37  GLU A O   1 
ATOM   269  C CB  . GLU A 1 37  ? -15.394 0.552   -11.312 1.00 29.48 ? 37  GLU A CB  1 
ATOM   270  C CG  . GLU A 1 37  ? -16.618 -0.242  -10.856 1.00 48.60 ? 37  GLU A CG  1 
ATOM   271  C CD  . GLU A 1 37  ? -16.234 -1.253  -9.786  1.00 50.84 ? 37  GLU A CD  1 
ATOM   272  O OE1 . GLU A 1 37  ? -16.439 -0.961  -8.587  1.00 42.92 ? 37  GLU A OE1 1 
ATOM   273  O OE2 . GLU A 1 37  ? -15.733 -2.341  -10.131 1.00 56.65 ? 37  GLU A OE2 1 
ATOM   274  N N   . GLN A 1 38  ? -12.819 2.625   -10.394 1.00 25.13 ? 38  GLN A N   1 
ATOM   275  C CA  . GLN A 1 38  ? -11.541 3.290   -10.560 1.00 25.56 ? 38  GLN A CA  1 
ATOM   276  C C   . GLN A 1 38  ? -10.481 2.797   -9.559  1.00 23.04 ? 38  GLN A C   1 
ATOM   277  O O   . GLN A 1 38  ? -9.301  2.968   -9.784  1.00 29.15 ? 38  GLN A O   1 
ATOM   278  C CB  . GLN A 1 38  ? -11.626 4.804   -10.340 1.00 39.43 ? 38  GLN A CB  1 
ATOM   279  C CG  . GLN A 1 38  ? -11.270 5.791   -11.417 1.00 47.04 ? 38  GLN A CG  1 
ATOM   280  C CD  . GLN A 1 38  ? -11.714 7.199   -11.009 1.00 39.62 ? 38  GLN A CD  1 
ATOM   281  O OE1 . GLN A 1 38  ? -10.902 8.091   -10.763 1.00 49.15 ? 38  GLN A OE1 1 
ATOM   282  N NE2 . GLN A 1 38  ? -13.030 7.375   -10.924 1.00 44.56 ? 38  GLN A NE2 1 
ATOM   283  N N   . GLN A 1 39  ? -10.906 2.251   -8.441  1.00 19.78 ? 39  GLN A N   1 
ATOM   284  C CA  . GLN A 1 39  ? -9.971  2.026   -7.343  1.00 18.98 ? 39  GLN A CA  1 
ATOM   285  C C   . GLN A 1 39  ? -9.073  0.817   -7.593  1.00 22.65 ? 39  GLN A C   1 
ATOM   286  O O   . GLN A 1 39  ? -9.487  -0.155  -8.213  1.00 24.36 ? 39  GLN A O   1 
ATOM   287  C CB  . GLN A 1 39  ? -10.714 1.815   -6.035  1.00 20.99 ? 39  GLN A CB  1 
ATOM   288  C CG  . GLN A 1 39  ? -11.440 0.506   -5.866  1.00 20.63 ? 39  GLN A CG  1 
ATOM   289  C CD  . GLN A 1 39  ? -12.176 0.506   -4.534  1.00 32.16 ? 39  GLN A CD  1 
ATOM   290  O OE1 . GLN A 1 39  ? -11.661 0.976   -3.511  1.00 33.43 ? 39  GLN A OE1 1 
ATOM   291  N NE2 . GLN A 1 39  ? -13.398 0.035   -4.524  1.00 28.88 ? 39  GLN A NE2 1 
ATOM   292  N N   . VAL A 1 40  ? -7.881  0.906   -7.064  1.00 23.25 ? 40  VAL A N   1 
ATOM   293  C CA  . VAL A 1 40  ? -6.937  -0.199  -7.159  1.00 24.30 ? 40  VAL A CA  1 
ATOM   294  C C   . VAL A 1 40  ? -7.430  -1.387  -6.339  1.00 20.91 ? 40  VAL A C   1 
ATOM   295  O O   . VAL A 1 40  ? -7.817  -1.222  -5.180  1.00 19.66 ? 40  VAL A O   1 
ATOM   296  C CB  . VAL A 1 40  ? -5.539  0.198   -6.632  1.00 22.03 ? 40  VAL A CB  1 
ATOM   297  C CG1 . VAL A 1 40  ? -4.648  -0.998  -6.393  1.00 22.58 ? 40  VAL A CG1 1 
ATOM   298  C CG2 . VAL A 1 40  ? -4.868  1.140   -7.621  1.00 25.15 ? 40  VAL A CG2 1 
ATOM   299  N N   . VAL A 1 41  ? -7.348  -2.600  -6.884  1.00 18.13 ? 41  VAL A N   1 
ATOM   300  C CA  . VAL A 1 41  ? -7.519  -3.821  -6.153  1.00 17.09 ? 41  VAL A CA  1 
ATOM   301  C C   . VAL A 1 41  ? -6.155  -4.479  -5.917  1.00 16.14 ? 41  VAL A C   1 
ATOM   302  O O   . VAL A 1 41  ? -5.411  -4.640  -6.878  1.00 17.75 ? 41  VAL A O   1 
ATOM   303  C CB  . VAL A 1 41  ? -8.425  -4.821  -6.930  1.00 18.37 ? 41  VAL A CB  1 
ATOM   304  C CG1 . VAL A 1 41  ? -8.627  -6.078  -6.112  1.00 20.80 ? 41  VAL A CG1 1 
ATOM   305  C CG2 . VAL A 1 41  ? -9.742  -4.153  -7.256  1.00 22.14 ? 41  VAL A CG2 1 
ATOM   306  N N   . TRP A 1 42  ? -5.809  -4.764  -4.680  1.00 17.30 ? 42  TRP A N   1 
ATOM   307  C CA  . TRP A 1 42  ? -4.604  -5.331  -4.184  1.00 15.17 ? 42  TRP A CA  1 
ATOM   308  C C   . TRP A 1 42  ? -4.714  -6.849  -3.959  1.00 15.47 ? 42  TRP A C   1 
ATOM   309  O O   . TRP A 1 42  ? -5.819  -7.277  -3.606  1.00 17.93 ? 42  TRP A O   1 
ATOM   310  C CB  . TRP A 1 42  ? -4.215  -4.697  -2.842  1.00 16.58 ? 42  TRP A CB  1 
ATOM   311  C CG  . TRP A 1 42  ? -4.141  -3.187  -2.927  1.00 14.92 ? 42  TRP A CG  1 
ATOM   312  C CD1 . TRP A 1 42  ? -5.140  -2.340  -2.573  1.00 17.01 ? 42  TRP A CD1 1 
ATOM   313  C CD2 . TRP A 1 42  ? -3.039  -2.411  -3.391  1.00 15.84 ? 42  TRP A CD2 1 
ATOM   314  N NE1 . TRP A 1 42  ? -4.718  -1.041  -2.789  1.00 16.59 ? 42  TRP A NE1 1 
ATOM   315  C CE2 . TRP A 1 42  ? -3.459  -1.052  -3.287  1.00 16.53 ? 42  TRP A CE2 1 
ATOM   316  C CE3 . TRP A 1 42  ? -1.779  -2.684  -3.890  1.00 18.56 ? 42  TRP A CE3 1 
ATOM   317  C CZ2 . TRP A 1 42  ? -2.597  -0.031  -3.672  1.00 16.23 ? 42  TRP A CZ2 1 
ATOM   318  C CZ3 . TRP A 1 42  ? -0.923  -1.673  -4.268  1.00 18.61 ? 42  TRP A CZ3 1 
ATOM   319  C CH2 . TRP A 1 42  ? -1.368  -0.333  -4.146  1.00 15.51 ? 42  TRP A CH2 1 
ATOM   320  N N   . SER A 1 43  ? -3.585  -7.492  -4.136  1.00 15.12 ? 43  SER A N   1 
ATOM   321  C CA  . SER A 1 43  ? -3.235  -8.775  -3.548  1.00 16.90 ? 43  SER A CA  1 
ATOM   322  C C   . SER A 1 43  ? -2.202  -8.456  -2.458  1.00 15.38 ? 43  SER A C   1 
ATOM   323  O O   . SER A 1 43  ? -1.049  -8.105  -2.760  1.00 19.49 ? 43  SER A O   1 
ATOM   324  C CB  . SER A 1 43  ? -2.702  -9.806  -4.557  1.00 18.36 ? 43  SER A CB  1 
ATOM   325  O OG  A SER A 1 43  ? -2.355  -11.037 -3.925  0.70 18.60 ? 43  SER A OG  1 
ATOM   326  O OG  B SER A 1 43  ? -3.493  -9.810  -5.742  0.30 22.59 ? 43  SER A OG  1 
ATOM   327  N N   . MET A 1 44  ? -2.681  -8.569  -1.230  1.00 14.56 ? 44  MET A N   1 
ATOM   328  C CA  . MET A 1 44  ? -1.835  -8.465  -0.063  1.00 15.89 ? 44  MET A CA  1 
ATOM   329  C C   . MET A 1 44  ? -1.283  -9.860  0.276   1.00 14.09 ? 44  MET A C   1 
ATOM   330  O O   . MET A 1 44  ? -2.096  -10.697 0.653   1.00 18.83 ? 44  MET A O   1 
ATOM   331  C CB  . MET A 1 44  ? -2.554  -7.908  1.126   1.00 18.01 ? 44  MET A CB  1 
ATOM   332  C CG  . MET A 1 44  ? -1.690  -7.656  2.352   1.00 21.66 ? 44  MET A CG  1 
ATOM   333  S SD  . MET A 1 44  ? -2.738  -7.127  3.712   1.00 26.32 ? 44  MET A SD  1 
ATOM   334  C CE  . MET A 1 44  ? -3.459  -5.628  3.066   1.00 28.60 ? 44  MET A CE  1 
ATOM   335  N N   . SER A 1 45  ? 0.017   -9.966  0.058   1.00 14.83 ? 45  SER A N   1 
ATOM   336  C CA  . SER A 1 45  ? 0.678   -11.234 0.332   1.00 18.39 ? 45  SER A CA  1 
ATOM   337  C C   . SER A 1 45  ? 1.373   -11.147 1.692   1.00 20.37 ? 45  SER A C   1 
ATOM   338  O O   . SER A 1 45  ? 1.897   -10.126 2.136   1.00 18.20 ? 45  SER A O   1 
ATOM   339  C CB  . SER A 1 45  ? 1.669   -11.609 -0.732  1.00 20.94 ? 45  SER A CB  1 
ATOM   340  O OG  A SER A 1 45  ? 2.646   -10.663 -1.000  0.70 23.97 ? 45  SER A OG  1 
ATOM   341  O OG  B SER A 1 45  ? 1.198   -11.730 -2.058  0.30 18.70 ? 45  SER A OG  1 
ATOM   342  N N   . PHE A 1 46  ? 1.395   -12.304 2.358   1.00 18.22 ? 46  PHE A N   1 
ATOM   343  C CA  . PHE A 1 46  ? 1.935   -12.493 3.677   1.00 20.22 ? 46  PHE A CA  1 
ATOM   344  C C   . PHE A 1 46  ? 3.322   -13.078 3.512   1.00 32.60 ? 46  PHE A C   1 
ATOM   345  O O   . PHE A 1 46  ? 3.481   -14.250 3.113   1.00 25.31 ? 46  PHE A O   1 
ATOM   346  C CB  . PHE A 1 46  ? 0.978   -13.371 4.526   1.00 23.23 ? 46  PHE A CB  1 
ATOM   347  C CG  . PHE A 1 46  ? -0.311  -12.592 4.786   1.00 20.28 ? 46  PHE A CG  1 
ATOM   348  C CD1 . PHE A 1 46  ? -1.379  -12.581 3.929   1.00 23.93 ? 46  PHE A CD1 1 
ATOM   349  C CD2 . PHE A 1 46  ? -0.391  -11.824 5.945   1.00 22.46 ? 46  PHE A CD2 1 
ATOM   350  C CE1 . PHE A 1 46  ? -2.513  -11.841 4.194   1.00 33.95 ? 46  PHE A CE1 1 
ATOM   351  C CE2 . PHE A 1 46  ? -1.522  -11.089 6.207   1.00 24.68 ? 46  PHE A CE2 1 
ATOM   352  C CZ  . PHE A 1 46  ? -2.588  -11.063 5.349   1.00 21.73 ? 46  PHE A CZ  1 
ATOM   353  N N   . VAL A 1 47  ? 4.293   -12.199 3.802   1.00 20.44 ? 47  VAL A N   1 
ATOM   354  C CA  . VAL A 1 47  ? 5.665   -12.568 3.418   1.00 19.55 ? 47  VAL A CA  1 
ATOM   355  C C   . VAL A 1 47  ? 6.568   -12.847 4.590   1.00 22.38 ? 47  VAL A C   1 
ATOM   356  O O   . VAL A 1 47  ? 6.230   -12.715 5.774   1.00 21.99 ? 47  VAL A O   1 
ATOM   357  C CB  . VAL A 1 47  ? 6.234   -11.457 2.507   1.00 22.47 ? 47  VAL A CB  1 
ATOM   358  C CG1 . VAL A 1 47  ? 5.391   -11.313 1.277   1.00 24.08 ? 47  VAL A CG1 1 
ATOM   359  C CG2 . VAL A 1 47  ? 6.293   -10.151 3.295   1.00 22.88 ? 47  VAL A CG2 1 
ATOM   360  N N   . GLN A 1 48  ? 7.801   -13.273 4.284   1.00 30.10 ? 48  GLN A N   1 
ATOM   361  C CA  . GLN A 1 48  ? 8.698   -13.511 5.421   1.00 35.08 ? 48  GLN A CA  1 
ATOM   362  C C   . GLN A 1 48  ? 9.202   -12.212 6.021   1.00 30.79 ? 48  GLN A C   1 
ATOM   363  O O   . GLN A 1 48  ? 9.383   -11.185 5.375   1.00 31.80 ? 48  GLN A O   1 
ATOM   364  C CB  . GLN A 1 48  ? 9.892   -14.377 5.005   1.00 40.65 ? 48  GLN A CB  1 
ATOM   365  C CG  . GLN A 1 48  ? 9.479   -15.656 4.279   1.00 33.96 ? 48  GLN A CG  1 
ATOM   366  C CD  . GLN A 1 48  ? 8.750   -16.585 5.234   1.00 47.27 ? 48  GLN A CD  1 
ATOM   367  O OE1 . GLN A 1 48  ? 8.294   -16.142 6.288   1.00 69.19 ? 48  GLN A OE1 1 
ATOM   368  N NE2 . GLN A 1 48  ? 8.655   -17.861 4.877   1.00 58.35 ? 48  GLN A NE2 1 
ATOM   369  N N   . GLY A 1 49  ? 9.440   -12.274 7.331   1.00 31.11 ? 49  GLY A N   1 
ATOM   370  C CA  . GLY A 1 49  ? 9.963   -11.110 8.034   1.00 29.47 ? 49  GLY A CA  1 
ATOM   371  C C   . GLY A 1 49  ? 9.561   -11.181 9.487   1.00 37.53 ? 49  GLY A C   1 
ATOM   372  O O   . GLY A 1 49  ? 8.731   -12.016 9.867   1.00 34.81 ? 49  GLY A O   1 
ATOM   373  N N   . GLU A 1 50  ? 10.159  -10.321 10.315  1.00 32.67 ? 50  GLU A N   1 
ATOM   374  C CA  . GLU A 1 50  ? 9.814   -10.452 11.729  1.00 37.18 ? 50  GLU A CA  1 
ATOM   375  C C   . GLU A 1 50  ? 8.331   -10.128 11.886  1.00 31.57 ? 50  GLU A C   1 
ATOM   376  O O   . GLU A 1 50  ? 7.809   -9.265  11.185  1.00 29.76 ? 50  GLU A O   1 
ATOM   377  C CB  . GLU A 1 50  ? 10.676  -9.557  12.608  1.00 41.89 ? 50  GLU A CB  1 
ATOM   378  C CG  . GLU A 1 50  ? 10.190  -9.494  14.052  1.00 48.70 ? 50  GLU A CG  1 
ATOM   379  C CD  . GLU A 1 50  ? 10.948  -8.440  14.835  1.00 61.57 ? 50  GLU A CD  1 
ATOM   380  O OE1 . GLU A 1 50  ? 12.189  -8.571  14.941  1.00 51.21 ? 50  GLU A OE1 1 
ATOM   381  O OE2 . GLU A 1 50  ? 10.301  -7.489  15.326  1.00 80.12 ? 50  GLU A OE2 1 
ATOM   382  N N   . GLU A 1 51  ? 7.697   -10.804 12.825  1.00 30.34 ? 51  GLU A N   1 
ATOM   383  C CA  . GLU A 1 51  ? 6.255   -10.632 12.994  1.00 33.51 ? 51  GLU A CA  1 
ATOM   384  C C   . GLU A 1 51  ? 5.878   -10.617 14.457  1.00 37.58 ? 51  GLU A C   1 
ATOM   385  O O   . GLU A 1 51  ? 6.663   -10.967 15.338  1.00 56.58 ? 51  GLU A O   1 
ATOM   386  C CB  . GLU A 1 51  ? 5.597   -11.770 12.209  1.00 35.23 ? 51  GLU A CB  1 
ATOM   387  C CG  . GLU A 1 51  ? 4.109   -11.836 12.104  1.00 42.56 ? 51  GLU A CG  1 
ATOM   388  C CD  . GLU A 1 51  ? 3.608   -13.053 11.348  1.00 48.28 ? 51  GLU A CD  1 
ATOM   389  O OE1 . GLU A 1 51  ? 4.373   -13.612 10.539  1.00 34.09 ? 51  GLU A OE1 1 
ATOM   390  O OE2 . GLU A 1 51  ? 2.444   -13.445 11.561  1.00 49.43 ? 51  GLU A OE2 1 
ATOM   391  N N   . SER A 1 52  ? 4.661   -10.189 14.752  1.00 38.58 ? 52  SER A N   1 
ATOM   392  C CA  . SER A 1 52  ? 4.146   -10.255 16.124  1.00 41.98 ? 52  SER A CA  1 
ATOM   393  C C   . SER A 1 52  ? 2.628   -10.359 16.034  1.00 43.27 ? 52  SER A C   1 
ATOM   394  O O   . SER A 1 52  ? 2.065   -10.373 14.931  1.00 34.44 ? 52  SER A O   1 
ATOM   395  C CB  . SER A 1 52  ? 4.656   -9.096  16.955  1.00 41.27 ? 52  SER A CB  1 
ATOM   396  O OG  . SER A 1 52  ? 3.951   -7.893  16.751  1.00 40.58 ? 52  SER A OG  1 
ATOM   397  N N   . ASN A 1 53  ? 1.941   -10.485 17.164  1.00 33.39 ? 53  ASN A N   1 
ATOM   398  C CA  . ASN A 1 53  ? 0.485   -10.545 17.072  1.00 33.93 ? 53  ASN A CA  1 
ATOM   399  C C   . ASN A 1 53  ? -0.025  -9.181  16.590  1.00 33.83 ? 53  ASN A C   1 
ATOM   400  O O   . ASN A 1 53  ? -0.457  -9.129  15.441  1.00 43.82 ? 53  ASN A O   1 
ATOM   401  C CB  . ASN A 1 53  ? -0.155  -10.912 18.403  1.00 48.49 ? 53  ASN A CB  1 
ATOM   402  C CG  . ASN A 1 53  ? -0.151  -12.407 18.679  1.00 41.86 ? 53  ASN A CG  1 
ATOM   403  O OD1 . ASN A 1 53  ? 0.099   -13.197 17.768  1.00 48.20 ? 53  ASN A OD1 1 
ATOM   404  N ND2 . ASN A 1 53  ? -0.437  -12.780 19.925  1.00 71.51 ? 53  ASN A ND2 1 
ATOM   405  N N   . LYS A 1 55  ? 2.392   -6.080  14.083  1.00 65.94 ? 55  LYS A N   1 
ATOM   406  C CA  . LYS A 1 55  ? 3.302   -6.139  12.948  1.00 32.57 ? 55  LYS A CA  1 
ATOM   407  C C   . LYS A 1 55  ? 3.257   -7.534  12.312  1.00 25.62 ? 55  LYS A C   1 
ATOM   408  O O   . LYS A 1 55  ? 3.831   -8.490  12.846  1.00 24.03 ? 55  LYS A O   1 
ATOM   409  C CB  . LYS A 1 55  ? 4.738   -5.732  13.269  1.00 27.47 ? 55  LYS A CB  1 
ATOM   410  C CG  . LYS A 1 55  ? 4.880   -4.253  13.644  1.00 29.48 ? 55  LYS A CG  1 
ATOM   411  C CD  . LYS A 1 55  ? 6.314   -3.771  13.740  1.00 35.46 ? 55  LYS A CD  1 
ATOM   412  C CE  . LYS A 1 55  ? 6.432   -2.316  13.322  1.00 46.96 ? 55  LYS A CE  1 
ATOM   413  N NZ  . LYS A 1 55  ? 7.641   -1.606  13.813  1.00 37.51 ? 55  LYS A NZ  1 
ATOM   414  N N   . ILE A 1 56  ? 2.583   -7.581  11.182  1.00 22.97 ? 56  ILE A N   1 
ATOM   415  C CA  . ILE A 1 56  ? 2.596   -8.643  10.191  1.00 26.51 ? 56  ILE A CA  1 
ATOM   416  C C   . ILE A 1 56  ? 3.230   -8.149  8.874   1.00 17.00 ? 56  ILE A C   1 
ATOM   417  O O   . ILE A 1 56  ? 2.634   -7.239  8.299   1.00 17.24 ? 56  ILE A O   1 
ATOM   418  C CB  . ILE A 1 56  ? 1.168   -9.140  9.886   1.00 26.17 ? 56  ILE A CB  1 
ATOM   419  C CG1 . ILE A 1 56  ? 0.320   -9.410  11.131  1.00 33.78 ? 56  ILE A CG1 1 
ATOM   420  C CG2 . ILE A 1 56  ? 1.211   -10.376 9.007   1.00 27.65 ? 56  ILE A CG2 1 
ATOM   421  C CD1 . ILE A 1 56  ? 0.464   -10.820 11.657  1.00 36.89 ? 56  ILE A CD1 1 
ATOM   422  N N   . PRO A 1 57  ? 4.318   -8.722  8.407   1.00 16.63 ? 57  PRO A N   1 
ATOM   423  C CA  . PRO A 1 57  ? 4.968   -8.309  7.156   1.00 16.01 ? 57  PRO A CA  1 
ATOM   424  C C   . PRO A 1 57  ? 4.141   -8.737  5.960   1.00 19.14 ? 57  PRO A C   1 
ATOM   425  O O   . PRO A 1 57  ? 3.669   -9.866  5.839   1.00 17.11 ? 57  PRO A O   1 
ATOM   426  C CB  . PRO A 1 57  ? 6.329   -8.996  7.120   1.00 20.64 ? 57  PRO A CB  1 
ATOM   427  C CG  . PRO A 1 57  ? 6.438   -9.721  8.411   1.00 27.17 ? 57  PRO A CG  1 
ATOM   428  C CD  . PRO A 1 57  ? 5.079   -9.853  9.002   1.00 24.99 ? 57  PRO A CD  1 
ATOM   429  N N   . VAL A 1 58  ? 3.922   -7.762  5.063   1.00 17.40 ? 58  VAL A N   1 
ATOM   430  C CA  . VAL A 1 58  ? 3.104   -7.993  3.886   1.00 15.23 ? 58  VAL A CA  1 
ATOM   431  C C   . VAL A 1 58  ? 3.784   -7.294  2.712   1.00 15.69 ? 58  VAL A C   1 
ATOM   432  O O   . VAL A 1 58  ? 4.648   -6.426  2.936   1.00 14.08 ? 58  VAL A O   1 
ATOM   433  C CB  . VAL A 1 58  ? 1.672   -7.494  4.022   1.00 14.39 ? 58  VAL A CB  1 
ATOM   434  C CG1 . VAL A 1 58  ? 0.968   -8.145  5.190   1.00 15.60 ? 58  VAL A CG1 1 
ATOM   435  C CG2 . VAL A 1 58  ? 1.663   -5.967  4.137   1.00 19.27 ? 58  VAL A CG2 1 
ATOM   436  N N   . ALA A 1 59  ? 3.388   -7.703  1.531   1.00 15.44 ? 59  ALA A N   1 
ATOM   437  C CA  . ALA A 1 59  ? 3.654   -7.033  0.278   1.00 12.46 ? 59  ALA A CA  1 
ATOM   438  C C   . ALA A 1 59  ? 2.331   -6.669  -0.370  1.00 12.87 ? 59  ALA A C   1 
ATOM   439  O O   . ALA A 1 59  ? 1.313   -7.356  -0.192  1.00 17.55 ? 59  ALA A O   1 
ATOM   440  C CB  . ALA A 1 59  ? 4.520   -7.866  -0.650  1.00 16.01 ? 59  ALA A CB  1 
ATOM   441  N N   . LEU A 1 60  ? 2.290   -5.534  -1.083  1.00 12.89 ? 60  LEU A N   1 
ATOM   442  C CA  . LEU A 1 60  ? 1.116   -4.969  -1.684  1.00 13.85 ? 60  LEU A CA  1 
ATOM   443  C C   . LEU A 1 60  ? 1.359   -4.865  -3.186  1.00 15.03 ? 60  LEU A C   1 
ATOM   444  O O   . LEU A 1 60  ? 2.078   -4.023  -3.717  1.00 14.10 ? 60  LEU A O   1 
ATOM   445  C CB  . LEU A 1 60  ? 0.778   -3.603  -1.105  1.00 13.58 ? 60  LEU A CB  1 
ATOM   446  C CG  . LEU A 1 60  ? 0.318   -3.584  0.347   1.00 14.76 ? 60  LEU A CG  1 
ATOM   447  C CD1 . LEU A 1 60  ? 0.402   -2.156  0.902   1.00 15.67 ? 60  LEU A CD1 1 
ATOM   448  C CD2 . LEU A 1 60  ? -1.074  -4.185  0.444   1.00 18.85 ? 60  LEU A CD2 1 
ATOM   449  N N   . GLY A 1 61  ? 0.706   -5.801  -3.868  1.00 19.10 ? 61  GLY A N   1 
ATOM   450  C CA  . GLY A 1 61  ? 0.810   -5.884  -5.307  1.00 18.16 ? 61  GLY A CA  1 
ATOM   451  C C   . GLY A 1 61  ? -0.564  -5.637  -5.939  1.00 15.06 ? 61  GLY A C   1 
ATOM   452  O O   . GLY A 1 61  ? -1.568  -5.974  -5.309  1.00 17.74 ? 61  GLY A O   1 
ATOM   453  N N   . LEU A 1 62  ? -0.626  -5.006  -7.110  1.00 14.59 ? 62  LEU A N   1 
ATOM   454  C CA  . LEU A 1 62  ? -1.887  -4.903  -7.849  1.00 16.06 ? 62  LEU A CA  1 
ATOM   455  C C   . LEU A 1 62  ? -2.367  -6.323  -8.177  1.00 21.41 ? 62  LEU A C   1 
ATOM   456  O O   . LEU A 1 62  ? -1.556  -7.121  -8.635  1.00 19.86 ? 62  LEU A O   1 
ATOM   457  C CB  . LEU A 1 62  ? -1.752  -4.033  -9.074  1.00 18.62 ? 62  LEU A CB  1 
ATOM   458  C CG  . LEU A 1 62  ? -1.913  -2.520  -8.822  1.00 25.74 ? 62  LEU A CG  1 
ATOM   459  C CD1 . LEU A 1 62  ? -0.706  -2.001  -8.079  1.00 25.31 ? 62  LEU A CD1 1 
ATOM   460  C CD2 . LEU A 1 62  ? -2.156  -1.802  -10.145 1.00 23.42 ? 62  LEU A CD2 1 
ATOM   461  N N   . LYS A 1 63  ? -3.627  -6.636  -7.910  1.00 18.40 ? 63  LYS A N   1 
ATOM   462  C CA  . LYS A 1 63  ? -4.072  -8.034  -8.146  1.00 18.69 ? 63  LYS A CA  1 
ATOM   463  C C   . LYS A 1 63  ? -3.910  -8.315  -9.648  1.00 18.84 ? 63  LYS A C   1 
ATOM   464  O O   . LYS A 1 63  ? -4.269  -7.551  -10.554 1.00 20.80 ? 63  LYS A O   1 
ATOM   465  C CB  . LYS A 1 63  ? -5.458  -8.177  -7.572  1.00 24.10 ? 63  LYS A CB  1 
ATOM   466  C CG  . LYS A 1 63  ? -6.229  -9.464  -7.843  1.00 23.21 ? 63  LYS A CG  1 
ATOM   467  C CD  . LYS A 1 63  ? -7.651  -9.351  -7.325  1.00 30.79 ? 63  LYS A CD  1 
ATOM   468  C CE  . LYS A 1 63  ? -8.264  -10.744 -7.159  1.00 40.86 ? 63  LYS A CE  1 
ATOM   469  N NZ  . LYS A 1 63  ? -8.693  -11.295 -8.482  1.00 40.31 ? 63  LYS A NZ  1 
ATOM   470  N N   . GLU A 1 64  ? -3.292  -9.457  -9.916  1.00 24.97 ? 64  GLU A N   1 
ATOM   471  C CA  . GLU A 1 64  ? -3.002  -9.932  -11.262 1.00 37.47 ? 64  GLU A CA  1 
ATOM   472  C C   . GLU A 1 64  ? -2.157  -9.013  -12.133 1.00 42.39 ? 64  GLU A C   1 
ATOM   473  O O   . GLU A 1 64  ? -2.169  -9.145  -13.366 1.00 30.27 ? 64  GLU A O   1 
ATOM   474  C CB  . GLU A 1 64  ? -4.343  -10.212 -11.971 1.00 36.54 ? 64  GLU A CB  1 
ATOM   475  C CG  . GLU A 1 64  ? -5.253  -11.134 -11.162 1.00 41.79 ? 64  GLU A CG  1 
ATOM   476  C CD  . GLU A 1 64  ? -6.648  -11.219 -11.739 1.00 48.22 ? 64  GLU A CD  1 
ATOM   477  O OE1 . GLU A 1 64  ? -6.971  -10.457 -12.677 1.00 52.02 ? 64  GLU A OE1 1 
ATOM   478  O OE2 . GLU A 1 64  ? -7.432  -12.063 -11.259 1.00 57.97 ? 64  GLU A OE2 1 
ATOM   479  N N   . LYS A 1 65  ? -1.407  -8.088  -11.543 1.00 25.91 ? 65  LYS A N   1 
ATOM   480  C CA  . LYS A 1 65  ? -0.448  -7.253  -12.286 1.00 26.61 ? 65  LYS A CA  1 
ATOM   481  C C   . LYS A 1 65  ? 0.871   -7.370  -11.537 1.00 26.49 ? 65  LYS A C   1 
ATOM   482  O O   . LYS A 1 65  ? 1.050   -7.554  -10.310 1.00 25.39 ? 65  LYS A O   1 
ATOM   483  C CB  . LYS A 1 65  ? -0.844  -5.813  -12.515 1.00 25.68 ? 65  LYS A CB  1 
ATOM   484  C CG  . LYS A 1 65  ? -2.283  -5.527  -12.859 1.00 36.78 ? 65  LYS A CG  1 
ATOM   485  C CD  . LYS A 1 65  ? -2.465  -4.155  -13.460 1.00 24.83 ? 65  LYS A CD  1 
ATOM   486  C CE  . LYS A 1 65  ? -3.480  -4.073  -14.568 1.00 50.08 ? 65  LYS A CE  1 
ATOM   487  N NZ  . LYS A 1 65  ? -3.034  -3.301  -15.768 1.00 49.68 ? 65  LYS A NZ  1 
ATOM   488  N N   . ASN A 1 66  ? 1.919   -7.347  -12.337 1.00 21.85 ? 66  ASN A N   1 
ATOM   489  C CA  . ASN A 1 66  ? 3.283   -7.506  -11.889 1.00 23.70 ? 66  ASN A CA  1 
ATOM   490  C C   . ASN A 1 66  ? 3.799   -6.113  -11.490 1.00 20.63 ? 66  ASN A C   1 
ATOM   491  O O   . ASN A 1 66  ? 4.779   -5.624  -12.007 1.00 19.19 ? 66  ASN A O   1 
ATOM   492  C CB  . ASN A 1 66  ? 4.164   -8.189  -12.928 1.00 28.60 ? 66  ASN A CB  1 
ATOM   493  C CG  . ASN A 1 66  ? 4.125   -7.508  -14.304 1.00 17.09 ? 66  ASN A CG  1 
ATOM   494  O OD1 . ASN A 1 66  ? 3.090   -7.031  -14.772 1.00 24.23 ? 66  ASN A OD1 1 
ATOM   495  N ND2 . ASN A 1 66  ? 5.304   -7.464  -14.877 1.00 21.40 ? 66  ASN A ND2 1 
ATOM   496  N N   . LEU A 1 67  ? 3.061   -5.474  -10.581 1.00 22.57 ? 67  LEU A N   1 
ATOM   497  C CA  . LEU A 1 67  ? 3.409   -4.150  -10.054 1.00 18.89 ? 67  LEU A CA  1 
ATOM   498  C C   . LEU A 1 67  ? 3.175   -4.136  -8.524  1.00 14.29 ? 67  LEU A C   1 
ATOM   499  O O   . LEU A 1 67  ? 2.121   -4.546  -8.060  1.00 16.36 ? 67  LEU A O   1 
ATOM   500  C CB  . LEU A 1 67  ? 2.558   -3.050  -10.656 1.00 24.63 ? 67  LEU A CB  1 
ATOM   501  C CG  . LEU A 1 67  ? 2.806   -2.576  -12.074 1.00 28.42 ? 67  LEU A CG  1 
ATOM   502  C CD1 . LEU A 1 67  ? 1.554   -1.927  -12.642 1.00 33.17 ? 67  LEU A CD1 1 
ATOM   503  C CD2 . LEU A 1 67  ? 4.002   -1.651  -12.079 1.00 28.95 ? 67  LEU A CD2 1 
ATOM   504  N N   . TYR A 1 68  ? 4.206   -3.720  -7.816  1.00 14.61 ? 68  TYR A N   1 
ATOM   505  C CA  . TYR A 1 68  ? 4.224   -3.762  -6.378  1.00 15.01 ? 68  TYR A CA  1 
ATOM   506  C C   . TYR A 1 68  ? 4.635   -2.394  -5.800  1.00 12.87 ? 68  TYR A C   1 
ATOM   507  O O   . TYR A 1 68  ? 5.474   -1.711  -6.347  1.00 17.11 ? 68  TYR A O   1 
ATOM   508  C CB  . TYR A 1 68  ? 5.211   -4.784  -5.797  1.00 14.62 ? 68  TYR A CB  1 
ATOM   509  C CG  . TYR A 1 68  ? 4.746   -6.222  -5.928  1.00 18.00 ? 68  TYR A CG  1 
ATOM   510  C CD1 . TYR A 1 68  ? 4.928   -6.807  -7.188  1.00 22.68 ? 68  TYR A CD1 1 
ATOM   511  C CD2 . TYR A 1 68  ? 4.225   -6.934  -4.879  1.00 15.74 ? 68  TYR A CD2 1 
ATOM   512  C CE1 . TYR A 1 68  ? 4.526   -8.128  -7.328  1.00 22.47 ? 68  TYR A CE1 1 
ATOM   513  C CE2 . TYR A 1 68  ? 3.802   -8.264  -5.024  1.00 20.22 ? 68  TYR A CE2 1 
ATOM   514  C CZ  . TYR A 1 68  ? 3.978   -8.799  -6.277  1.00 22.88 ? 68  TYR A CZ  1 
ATOM   515  O OH  . TYR A 1 68  ? 3.601   -10.116 -6.502  1.00 26.47 ? 68  TYR A OH  1 
ATOM   516  N N   . LEU A 1 69  ? 3.966   -2.068  -4.688  1.00 14.78 ? 69  LEU A N   1 
ATOM   517  C CA  . LEU A 1 69  ? 4.481   -0.908  -3.946  1.00 14.39 ? 69  LEU A CA  1 
ATOM   518  C C   . LEU A 1 69  ? 5.856   -1.160  -3.371  1.00 13.70 ? 69  LEU A C   1 
ATOM   519  O O   . LEU A 1 69  ? 6.184   -2.223  -2.838  1.00 14.11 ? 69  LEU A O   1 
ATOM   520  C CB  . LEU A 1 69  ? 3.526   -0.543  -2.796  1.00 17.47 ? 69  LEU A CB  1 
ATOM   521  C CG  . LEU A 1 69  ? 2.231   0.156   -3.179  1.00 15.02 ? 69  LEU A CG  1 
ATOM   522  C CD1 . LEU A 1 69  ? 1.283   0.229   -1.976  1.00 21.01 ? 69  LEU A CD1 1 
ATOM   523  C CD2 . LEU A 1 69  ? 2.541   1.523   -3.768  1.00 14.77 ? 69  LEU A CD2 1 
ATOM   524  N N   . SER A 1 70  ? 6.711   -0.141  -3.460  1.00 13.34 ? 70  SER A N   1 
ATOM   525  C CA  . SER A 1 70  ? 8.022   -0.291  -2.882  1.00 14.15 ? 70  SER A CA  1 
ATOM   526  C C   . SER A 1 70  ? 8.591   1.074   -2.407  1.00 15.75 ? 70  SER A C   1 
ATOM   527  O O   . SER A 1 70  ? 8.074   2.090   -2.852  1.00 17.52 ? 70  SER A O   1 
ATOM   528  C CB  . SER A 1 70  ? 9.016   -0.958  -3.804  1.00 23.82 ? 70  SER A CB  1 
ATOM   529  O OG  . SER A 1 70  ? 9.304   -0.126  -4.892  1.00 24.62 ? 70  SER A OG  1 
ATOM   530  N N   . CYS A 1 71  ? 9.551   0.912   -1.521  1.00 16.18 ? 71  CYS A N   1 
ATOM   531  C CA  . CYS A 1 71  ? 10.106  2.063   -0.780  1.00 17.30 ? 71  CYS A CA  1 
ATOM   532  C C   . CYS A 1 71  ? 11.582  2.192   -1.149  1.00 15.63 ? 71  CYS A C   1 
ATOM   533  O O   . CYS A 1 71  ? 12.316  1.246   -0.880  1.00 17.81 ? 71  CYS A O   1 
ATOM   534  C CB  . CYS A 1 71  ? 9.934   1.868   0.710   1.00 19.88 ? 71  CYS A CB  1 
ATOM   535  S SG  . CYS A 1 71  ? 8.224   1.622   1.232   1.00 21.39 ? 71  CYS A SG  1 
ATOM   536  N N   . VAL A 1 72  ? 11.914  3.331   -1.731  1.00 20.88 ? 72  VAL A N   1 
ATOM   537  C CA  . VAL A 1 72  ? 13.274  3.581   -2.183  1.00 19.25 ? 72  VAL A CA  1 
ATOM   538  C C   . VAL A 1 72  ? 13.644  5.043   -1.855  1.00 20.53 ? 72  VAL A C   1 
ATOM   539  O O   . VAL A 1 72  ? 12.744  5.851   -1.652  1.00 21.57 ? 72  VAL A O   1 
ATOM   540  C CB  . VAL A 1 72  ? 13.502  3.381   -3.689  1.00 19.88 ? 72  VAL A CB  1 
ATOM   541  C CG1 . VAL A 1 72  ? 13.192  1.916   -4.043  1.00 26.13 ? 72  VAL A CG1 1 
ATOM   542  C CG2 . VAL A 1 72  ? 12.690  4.330   -4.555  1.00 21.34 ? 72  VAL A CG2 1 
ATOM   543  N N   . LEU A 1 73  ? 14.962  5.246   -1.884  1.00 23.30 ? 73  LEU A N   1 
ATOM   544  C CA  . LEU A 1 73  ? 15.417  6.641   -1.848  1.00 27.90 ? 73  LEU A CA  1 
ATOM   545  C C   . LEU A 1 73  ? 15.313  7.280   -3.226  1.00 26.07 ? 73  LEU A C   1 
ATOM   546  O O   . LEU A 1 73  ? 15.806  6.715   -4.215  1.00 34.18 ? 73  LEU A O   1 
ATOM   547  C CB  . LEU A 1 73  ? 16.851  6.713   -1.333  1.00 25.92 ? 73  LEU A CB  1 
ATOM   548  C CG  . LEU A 1 73  ? 17.045  6.377   0.145   1.00 30.53 ? 73  LEU A CG  1 
ATOM   549  C CD1 . LEU A 1 73  ? 18.533  6.346   0.495   1.00 35.08 ? 73  LEU A CD1 1 
ATOM   550  C CD2 . LEU A 1 73  ? 16.292  7.352   1.031   1.00 27.43 ? 73  LEU A CD2 1 
ATOM   551  N N   . LYS A 1 74  ? 14.685  8.437   -3.285  1.00 24.26 ? 74  LYS A N   1 
ATOM   552  C CA  . LYS A 1 74  ? 14.534  9.301   -4.430  1.00 26.52 ? 74  LYS A CA  1 
ATOM   553  C C   . LYS A 1 74  ? 14.789  10.758  -4.024  1.00 28.66 ? 74  LYS A C   1 
ATOM   554  O O   . LYS A 1 74  ? 14.135  11.352  -3.185  1.00 34.18 ? 74  LYS A O   1 
ATOM   555  C CB  . LYS A 1 74  ? 13.160  9.124   -5.082  1.00 33.57 ? 74  LYS A CB  1 
ATOM   556  C CG  . LYS A 1 74  ? 13.234  8.843   -6.577  1.00 47.04 ? 74  LYS A CG  1 
ATOM   557  C CD  . LYS A 1 74  ? 12.032  9.441   -7.293  1.00 51.40 ? 74  LYS A CD  1 
ATOM   558  C CE  . LYS A 1 74  ? 12.087  10.959  -7.283  1.00 48.89 ? 74  LYS A CE  1 
ATOM   559  N NZ  . LYS A 1 74  ? 12.571  11.509  -8.575  1.00 47.68 ? 74  LYS A NZ  1 
ATOM   560  N N   . ASP A 1 75  ? 15.802  11.347  -4.640  1.00 36.29 ? 75  ASP A N   1 
ATOM   561  C CA  . ASP A 1 75  ? 16.289  12.628  -4.139  1.00 44.49 ? 75  ASP A CA  1 
ATOM   562  C C   . ASP A 1 75  ? 16.711  12.487  -2.676  1.00 31.23 ? 75  ASP A C   1 
ATOM   563  O O   . ASP A 1 75  ? 16.494  13.425  -1.921  1.00 30.27 ? 75  ASP A O   1 
ATOM   564  C CB  . ASP A 1 75  ? 15.210  13.694  -4.273  1.00 48.24 ? 75  ASP A CB  1 
ATOM   565  C CG  . ASP A 1 75  ? 15.542  14.742  -5.317  1.00 61.83 ? 75  ASP A CG  1 
ATOM   566  O OD1 . ASP A 1 75  ? 15.941  15.853  -4.894  1.00 61.15 ? 75  ASP A OD1 1 
ATOM   567  O OD2 . ASP A 1 75  ? 15.397  14.430  -6.520  1.00 69.62 ? 75  ASP A OD2 1 
ATOM   568  N N   . ASP A 1 76  ? 17.278  11.342  -2.303  1.00 26.69 ? 76  ASP A N   1 
ATOM   569  C CA  . ASP A 1 76  ? 17.760  11.116  -0.947  1.00 26.44 ? 76  ASP A CA  1 
ATOM   570  C C   . ASP A 1 76  ? 16.656  11.100  0.097   1.00 29.53 ? 76  ASP A C   1 
ATOM   571  O O   . ASP A 1 76  ? 16.928  11.275  1.300   1.00 24.84 ? 76  ASP A O   1 
ATOM   572  C CB  . ASP A 1 76  ? 18.765  12.198  -0.518  1.00 31.37 ? 76  ASP A CB  1 
ATOM   573  C CG  . ASP A 1 76  ? 19.833  12.414  -1.579  1.00 33.25 ? 76  ASP A CG  1 
ATOM   574  O OD1 . ASP A 1 76  ? 20.552  11.442  -1.876  1.00 41.30 ? 76  ASP A OD1 1 
ATOM   575  O OD2 . ASP A 1 76  ? 19.926  13.543  -2.101  1.00 38.24 ? 76  ASP A OD2 1 
ATOM   576  N N   . LYS A 1 77  ? 15.405  10.902  -0.333  1.00 24.85 ? 77  LYS A N   1 
ATOM   577  C CA  . LYS A 1 77  ? 14.385  10.692  0.685   1.00 22.88 ? 77  LYS A CA  1 
ATOM   578  C C   . LYS A 1 77  ? 13.520  9.444   0.487   1.00 18.84 ? 77  LYS A C   1 
ATOM   579  O O   . LYS A 1 77  ? 13.291  9.103   -0.692  1.00 24.79 ? 77  LYS A O   1 
ATOM   580  C CB  . LYS A 1 77  ? 13.410  11.873  0.782   1.00 28.87 ? 77  LYS A CB  1 
ATOM   581  C CG  . LYS A 1 77  ? 13.589  12.661  2.082   1.00 45.12 ? 77  LYS A CG  1 
ATOM   582  C CD  . LYS A 1 77  ? 13.472  14.161  1.913   1.00 56.53 ? 77  LYS A CD  1 
ATOM   583  C CE  . LYS A 1 77  ? 14.199  14.893  3.040   1.00 60.74 ? 77  LYS A CE  1 
ATOM   584  N NZ  . LYS A 1 77  ? 13.253  15.728  3.849   1.00 46.25 ? 77  LYS A NZ  1 
ATOM   585  N N   . PRO A 1 78  ? 13.082  8.850   1.572   1.00 26.86 ? 78  PRO A N   1 
ATOM   586  C CA  . PRO A 1 78  ? 12.171  7.694   1.424   1.00 23.56 ? 78  PRO A CA  1 
ATOM   587  C C   . PRO A 1 78  ? 10.944  8.054   0.616   1.00 22.89 ? 78  PRO A C   1 
ATOM   588  O O   . PRO A 1 78  ? 10.160  8.972   0.811   1.00 23.74 ? 78  PRO A O   1 
ATOM   589  C CB  . PRO A 1 78  ? 11.855  7.326   2.862   1.00 25.70 ? 78  PRO A CB  1 
ATOM   590  C CG  . PRO A 1 78  ? 13.086  7.761   3.627   1.00 29.09 ? 78  PRO A CG  1 
ATOM   591  C CD  . PRO A 1 78  ? 13.367  9.105   2.997   1.00 29.18 ? 78  PRO A CD  1 
ATOM   592  N N   . THR A 1 79  ? 10.721  7.253   -0.451  1.00 20.72 ? 79  THR A N   1 
ATOM   593  C CA  . THR A 1 79  ? 9.724   7.538   -1.455  1.00 18.52 ? 79  THR A CA  1 
ATOM   594  C C   . THR A 1 79  ? 8.962   6.216   -1.820  1.00 16.97 ? 79  THR A C   1 
ATOM   595  O O   . THR A 1 79  ? 9.630   5.190   -1.875  1.00 20.05 ? 79  THR A O   1 
ATOM   596  C CB  . THR A 1 79  ? 10.323  8.106   -2.734  1.00 23.63 ? 79  THR A CB  1 
ATOM   597  O OG1 . THR A 1 79  ? 11.161  9.240   -2.410  1.00 26.40 ? 79  THR A OG1 1 
ATOM   598  C CG2 . THR A 1 79  ? 9.297   8.674   -3.713  1.00 24.53 ? 79  THR A CG2 1 
ATOM   599  N N   . LEU A 1 80  ? 7.692   6.394   -1.968  1.00 19.24 ? 80  LEU A N   1 
ATOM   600  C CA  . LEU A 1 80  ? 6.748   5.307   -2.314  1.00 18.90 ? 80  LEU A CA  1 
ATOM   601  C C   . LEU A 1 80  ? 6.635   5.269   -3.835  1.00 26.35 ? 80  LEU A C   1 
ATOM   602  O O   . LEU A 1 80  ? 6.460   6.316   -4.450  1.00 25.43 ? 80  LEU A O   1 
ATOM   603  C CB  . LEU A 1 80  ? 5.398   5.510   -1.677  1.00 16.12 ? 80  LEU A CB  1 
ATOM   604  C CG  . LEU A 1 80  ? 4.386   4.374   -1.813  1.00 16.82 ? 80  LEU A CG  1 
ATOM   605  C CD1 . LEU A 1 80  ? 4.935   3.210   -0.982  1.00 19.71 ? 80  LEU A CD1 1 
ATOM   606  C CD2 . LEU A 1 80  ? 3.057   4.810   -1.298  1.00 17.98 ? 80  LEU A CD2 1 
ATOM   607  N N   . GLN A 1 81  ? 6.754   4.101   -4.465  1.00 16.57 ? 81  GLN A N   1 
ATOM   608  C CA  . GLN A 1 81  ? 6.606   3.985   -5.890  1.00 22.70 ? 81  GLN A CA  1 
ATOM   609  C C   . GLN A 1 81  ? 5.904   2.648   -6.205  1.00 21.82 ? 81  GLN A C   1 
ATOM   610  O O   . GLN A 1 81  ? 5.895   1.801   -5.324  1.00 20.54 ? 81  GLN A O   1 
ATOM   611  C CB  . GLN A 1 81  ? 7.946   3.985   -6.626  1.00 23.20 ? 81  GLN A CB  1 
ATOM   612  C CG  . GLN A 1 81  ? 8.844   2.793   -6.428  1.00 23.30 ? 81  GLN A CG  1 
ATOM   613  C CD  . GLN A 1 81  ? 10.233  2.847   -7.024  1.00 24.47 ? 81  GLN A CD  1 
ATOM   614  O OE1 . GLN A 1 81  ? 10.976  1.773   -6.857  1.00 31.48 ? 81  GLN A OE1 1 
ATOM   615  N NE2 . GLN A 1 81  ? 10.641  3.856   -7.617  1.00 35.09 ? 81  GLN A NE2 1 
ATOM   616  N N   . LEU A 1 82  ? 5.362   2.536   -7.397  1.00 20.40 ? 82  LEU A N   1 
ATOM   617  C CA  . LEU A 1 82  ? 4.967   1.208   -7.892  1.00 16.29 ? 82  LEU A CA  1 
ATOM   618  C C   . LEU A 1 82  ? 6.116   0.754   -8.759  1.00 18.62 ? 82  LEU A C   1 
ATOM   619  O O   . LEU A 1 82  ? 6.731   1.536   -9.508  1.00 24.07 ? 82  LEU A O   1 
ATOM   620  C CB  . LEU A 1 82  ? 3.649   1.274   -8.646  1.00 22.33 ? 82  LEU A CB  1 
ATOM   621  C CG  . LEU A 1 82  ? 2.391   1.441   -7.797  1.00 19.11 ? 82  LEU A CG  1 
ATOM   622  C CD1 . LEU A 1 82  ? 1.163   1.843   -8.594  1.00 23.00 ? 82  LEU A CD1 1 
ATOM   623  C CD2 . LEU A 1 82  ? 2.178   0.170   -6.974  1.00 20.70 ? 82  LEU A CD2 1 
ATOM   624  N N   . GLU A 1 83  ? 6.483   -0.490  -8.636  1.00 17.57 ? 83  GLU A N   1 
ATOM   625  C CA  . GLU A 1 83  ? 7.648   -1.043  -9.287  1.00 18.51 ? 83  GLU A CA  1 
ATOM   626  C C   . GLU A 1 83  ? 7.234   -2.321  -10.041 1.00 16.58 ? 83  GLU A C   1 
ATOM   627  O O   . GLU A 1 83  ? 6.591   -3.219  -9.526  1.00 17.70 ? 83  GLU A O   1 
ATOM   628  C CB  . GLU A 1 83  ? 8.756   -1.363  -8.288  1.00 17.62 ? 83  GLU A CB  1 
ATOM   629  C CG  . GLU A 1 83  ? 9.992   -2.040  -8.815  1.00 23.75 ? 83  GLU A CG  1 
ATOM   630  C CD  . GLU A 1 83  ? 11.111  -2.236  -7.810  1.00 22.14 ? 83  GLU A CD  1 
ATOM   631  O OE1 . GLU A 1 83  ? 11.123  -1.547  -6.767  1.00 28.22 ? 83  GLU A OE1 1 
ATOM   632  O OE2 . GLU A 1 83  ? 12.018  -3.057  -8.045  1.00 26.69 ? 83  GLU A OE2 1 
ATOM   633  N N   . SER A 1 84  ? 7.659   -2.349  -11.307 1.00 20.19 ? 84  SER A N   1 
ATOM   634  C CA  . SER A 1 84  ? 7.462   -3.533  -12.134 1.00 20.43 ? 84  SER A CA  1 
ATOM   635  C C   . SER A 1 84  ? 8.387   -4.660  -11.689 1.00 18.53 ? 84  SER A C   1 
ATOM   636  O O   . SER A 1 84  ? 9.563   -4.508  -11.313 1.00 19.95 ? 84  SER A O   1 
ATOM   637  C CB  . SER A 1 84  ? 7.733   -3.175  -13.595 1.00 18.21 ? 84  SER A CB  1 
ATOM   638  O OG  . SER A 1 84  ? 7.013   -2.062  -14.092 1.00 20.32 ? 84  SER A OG  1 
ATOM   639  N N   . VAL A 1 85  ? 7.838   -5.896  -11.725 1.00 19.38 ? 85  VAL A N   1 
ATOM   640  C CA  . VAL A 1 85  ? 8.640   -7.059  -11.410 1.00 18.25 ? 85  VAL A CA  1 
ATOM   641  C C   . VAL A 1 85  ? 8.471   -8.145  -12.491 1.00 16.94 ? 85  VAL A C   1 
ATOM   642  O O   . VAL A 1 85  ? 7.496   -8.103  -13.213 1.00 21.72 ? 85  VAL A O   1 
ATOM   643  C CB  . VAL A 1 85  ? 8.254   -7.670  -10.046 1.00 19.63 ? 85  VAL A CB  1 
ATOM   644  C CG1 . VAL A 1 85  ? 8.409   -6.652  -8.911  1.00 22.22 ? 85  VAL A CG1 1 
ATOM   645  C CG2 . VAL A 1 85  ? 6.836   -8.212  -10.063 1.00 21.14 ? 85  VAL A CG2 1 
ATOM   646  N N   . ASP A 1 86  ? 9.396   -9.079  -12.485 1.00 21.81 ? 86  ASP A N   1 
ATOM   647  C CA  . ASP A 1 86  ? 9.246   -10.222 -13.393 1.00 26.12 ? 86  ASP A CA  1 
ATOM   648  C C   . ASP A 1 86  ? 8.087   -11.129 -12.993 1.00 19.87 ? 86  ASP A C   1 
ATOM   649  O O   . ASP A 1 86  ? 8.158   -11.712 -11.922 1.00 26.22 ? 86  ASP A O   1 
ATOM   650  C CB  . ASP A 1 86  ? 10.556  -10.995 -13.373 1.00 25.28 ? 86  ASP A CB  1 
ATOM   651  C CG  . ASP A 1 86  ? 10.607  -12.136 -14.383 1.00 30.90 ? 86  ASP A CG  1 
ATOM   652  O OD1 . ASP A 1 86  ? 9.569   -12.417 -14.974 1.00 29.52 ? 86  ASP A OD1 1 
ATOM   653  O OD2 . ASP A 1 86  ? 11.712  -12.690 -14.552 1.00 37.20 ? 86  ASP A OD2 1 
ATOM   654  N N   . PRO A 1 87  ? 7.104   -11.292 -13.856 1.00 22.67 ? 87  PRO A N   1 
ATOM   655  C CA  . PRO A 1 87  ? 5.869   -12.019 -13.528 1.00 22.83 ? 87  PRO A CA  1 
ATOM   656  C C   . PRO A 1 87  ? 6.155   -13.504 -13.321 1.00 24.76 ? 87  PRO A C   1 
ATOM   657  O O   . PRO A 1 87  ? 5.304   -14.192 -12.756 1.00 28.67 ? 87  PRO A O   1 
ATOM   658  C CB  . PRO A 1 87  ? 4.936   -11.762 -14.700 1.00 25.02 ? 87  PRO A CB  1 
ATOM   659  C CG  . PRO A 1 87  ? 5.845   -11.434 -15.839 1.00 24.25 ? 87  PRO A CG  1 
ATOM   660  C CD  . PRO A 1 87  ? 7.055   -10.787 -15.242 1.00 25.47 ? 87  PRO A CD  1 
ATOM   661  N N   . LYS A 1 88  ? 7.331   -13.990 -13.745 1.00 29.96 ? 88  LYS A N   1 
ATOM   662  C CA  . LYS A 1 88  ? 7.552   -15.417 -13.511 1.00 31.80 ? 88  LYS A CA  1 
ATOM   663  C C   . LYS A 1 88  ? 8.038   -15.654 -12.090 1.00 32.92 ? 88  LYS A C   1 
ATOM   664  O O   . LYS A 1 88  ? 7.975   -16.782 -11.602 1.00 29.96 ? 88  LYS A O   1 
ATOM   665  C CB  . LYS A 1 88  ? 8.527   -15.974 -14.553 1.00 40.13 ? 88  LYS A CB  1 
ATOM   666  C CG  . LYS A 1 88  ? 9.196   -17.278 -14.131 1.00 51.88 ? 88  LYS A CG  1 
ATOM   667  C CD  . LYS A 1 88  ? 10.428  -17.606 -14.956 1.00 53.25 ? 88  LYS A CD  1 
ATOM   668  C CE  . LYS A 1 88  ? 10.570  -19.113 -15.145 1.00 60.27 ? 88  LYS A CE  1 
ATOM   669  N NZ  . LYS A 1 88  ? 11.458  -19.746 -14.119 1.00 43.19 ? 88  LYS A NZ  1 
ATOM   670  N N   . ASN A 1 89  ? 8.500   -14.598 -11.390 1.00 26.10 ? 89  ASN A N   1 
ATOM   671  C CA  . ASN A 1 89  ? 9.140   -14.765 -10.107 1.00 22.73 ? 89  ASN A CA  1 
ATOM   672  C C   . ASN A 1 89  ? 8.300   -14.254 -8.914  1.00 19.40 ? 89  ASN A C   1 
ATOM   673  O O   . ASN A 1 89  ? 8.813   -14.517 -7.815  1.00 24.92 ? 89  ASN A O   1 
ATOM   674  C CB  . ASN A 1 89  ? 10.517  -14.080 -10.122 1.00 26.25 ? 89  ASN A CB  1 
ATOM   675  C CG  . ASN A 1 89  ? 11.550  -14.627 -11.101 1.00 27.50 ? 89  ASN A CG  1 
ATOM   676  O OD1 . ASN A 1 89  ? 12.518  -13.965 -11.499 1.00 32.72 ? 89  ASN A OD1 1 
ATOM   677  N ND2 . ASN A 1 89  ? 11.439  -15.867 -11.530 1.00 28.58 ? 89  ASN A ND2 1 
ATOM   678  N N   . TYR A 1 90  ? 7.178   -13.655 -9.225  1.00 20.63 ? 90  TYR A N   1 
ATOM   679  C CA  . TYR A 1 90  ? 6.309   -13.058 -8.179  1.00 19.57 ? 90  TYR A CA  1 
ATOM   680  C C   . TYR A 1 90  ? 4.884   -13.536 -8.360  1.00 24.06 ? 90  TYR A C   1 
ATOM   681  O O   . TYR A 1 90  ? 4.506   -13.757 -9.522  1.00 26.98 ? 90  TYR A O   1 
ATOM   682  C CB  . TYR A 1 90  ? 6.388   -11.534 -8.260  1.00 19.34 ? 90  TYR A CB  1 
ATOM   683  C CG  . TYR A 1 90  ? 7.731   -10.980 -7.931  1.00 20.82 ? 90  TYR A CG  1 
ATOM   684  C CD1 . TYR A 1 90  ? 8.803   -10.983 -8.830  1.00 25.94 ? 90  TYR A CD1 1 
ATOM   685  C CD2 . TYR A 1 90  ? 7.972   -10.432 -6.668  1.00 19.55 ? 90  TYR A CD2 1 
ATOM   686  C CE1 . TYR A 1 90  ? 10.047  -10.468 -8.490  1.00 20.82 ? 90  TYR A CE1 1 
ATOM   687  C CE2 . TYR A 1 90  ? 9.188   -9.917  -6.321  1.00 22.68 ? 90  TYR A CE2 1 
ATOM   688  C CZ  . TYR A 1 90  ? 10.240  -9.924  -7.227  1.00 22.09 ? 90  TYR A CZ  1 
ATOM   689  O OH  . TYR A 1 90  ? 11.436  -9.394  -6.837  1.00 22.88 ? 90  TYR A OH  1 
ATOM   690  N N   . PRO A 1 91  ? 4.084   -13.699 -7.311  1.00 30.67 ? 91  PRO A N   1 
ATOM   691  C CA  . PRO A 1 91  ? 4.470   -13.406 -5.933  1.00 26.40 ? 91  PRO A CA  1 
ATOM   692  C C   . PRO A 1 91  ? 5.404   -14.468 -5.358  1.00 23.94 ? 91  PRO A C   1 
ATOM   693  O O   . PRO A 1 91  ? 5.529   -15.571 -5.869  1.00 26.60 ? 91  PRO A O   1 
ATOM   694  C CB  . PRO A 1 91  ? 3.144   -13.429 -5.167  1.00 27.00 ? 91  PRO A CB  1 
ATOM   695  C CG  . PRO A 1 91  ? 2.059   -13.667 -6.150  1.00 34.31 ? 91  PRO A CG  1 
ATOM   696  C CD  . PRO A 1 91  ? 2.699   -14.206 -7.390  1.00 30.59 ? 91  PRO A CD  1 
ATOM   697  N N   . LYS A 1 92  ? 6.110   -14.132 -4.305  1.00 21.14 ? 92  LYS A N   1 
ATOM   698  C CA  . LYS A 1 92  ? 6.957   -15.047 -3.558  1.00 31.53 ? 92  LYS A CA  1 
ATOM   699  C C   . LYS A 1 92  ? 6.951   -14.718 -2.072  1.00 27.79 ? 92  LYS A C   1 
ATOM   700  O O   . LYS A 1 92  ? 6.597   -13.609 -1.640  1.00 25.50 ? 92  LYS A O   1 
ATOM   701  C CB  . LYS A 1 92  ? 8.366   -15.029 -4.140  1.00 27.33 ? 92  LYS A CB  1 
ATOM   702  C CG  . LYS A 1 92  ? 9.112   -13.713 -4.008  1.00 24.80 ? 92  LYS A CG  1 
ATOM   703  C CD  . LYS A 1 92  ? 10.308  -13.611 -4.915  1.00 24.01 ? 92  LYS A CD  1 
ATOM   704  C CE  . LYS A 1 92  ? 11.454  -12.816 -4.377  1.00 32.20 ? 92  LYS A CE  1 
ATOM   705  N NZ  . LYS A 1 92  ? 12.554  -12.624 -5.374  1.00 38.33 ? 92  LYS A NZ  1 
ATOM   706  N N   . LYS A 1 93  ? 7.308   -15.701 -1.234  1.00 27.25 ? 93  LYS A N   1 
ATOM   707  C CA  . LYS A 1 93  ? 7.329   -15.509 0.207   1.00 25.71 ? 93  LYS A CA  1 
ATOM   708  C C   . LYS A 1 93  ? 8.418   -14.556 0.712   1.00 23.09 ? 93  LYS A C   1 
ATOM   709  O O   . LYS A 1 93  ? 8.144   -13.753 1.619   1.00 25.49 ? 93  LYS A O   1 
ATOM   710  C CB  . LYS A 1 93  ? 7.559   -16.833 0.963   1.00 28.31 ? 93  LYS A CB  1 
ATOM   711  C CG  . LYS A 1 93  ? 6.656   -17.964 0.523   1.00 41.06 ? 93  LYS A CG  1 
ATOM   712  C CD  . LYS A 1 93  ? 7.366   -19.317 0.646   1.00 34.41 ? 93  LYS A CD  1 
ATOM   713  C CE  . LYS A 1 93  ? 6.336   -20.430 0.732   1.00 43.58 ? 93  LYS A CE  1 
ATOM   714  N NZ  . LYS A 1 93  ? 6.718   -21.545 1.643   1.00 42.38 ? 93  LYS A NZ  1 
ATOM   715  N N   . LYS A 1 94  ? 9.620   -14.705 0.207   1.00 24.86 ? 94  LYS A N   1 
ATOM   716  C CA  . LYS A 1 94  ? 10.804  -13.938 0.572   1.00 22.19 ? 94  LYS A CA  1 
ATOM   717  C C   . LYS A 1 94  ? 10.910  -12.790 -0.418  1.00 24.73 ? 94  LYS A C   1 
ATOM   718  O O   . LYS A 1 94  ? 11.597  -12.706 -1.422  1.00 24.73 ? 94  LYS A O   1 
ATOM   719  C CB  . LYS A 1 94  ? 12.063  -14.802 0.635   1.00 34.49 ? 94  LYS A CB  1 
ATOM   720  C CG  . LYS A 1 94  ? 12.176  -15.614 1.923   1.00 46.93 ? 94  LYS A CG  1 
ATOM   721  C CD  . LYS A 1 94  ? 12.550  -14.660 3.062   1.00 49.95 ? 94  LYS A CD  1 
ATOM   722  C CE  . LYS A 1 94  ? 12.971  -15.384 4.356   1.00 52.68 ? 94  LYS A CE  1 
ATOM   723  N NZ  . LYS A 1 94  ? 13.650  -14.416 5.298   1.00 46.00 ? 94  LYS A NZ  1 
ATOM   724  N N   . MET A 1 95  ? 10.071  -11.777 -0.101  1.00 21.38 ? 95  MET A N   1 
ATOM   725  C CA  . MET A 1 95  ? 10.110  -10.601 -0.939  1.00 19.86 ? 95  MET A CA  1 
ATOM   726  C C   . MET A 1 95  ? 11.288  -9.739  -0.510  1.00 16.44 ? 95  MET A C   1 
ATOM   727  O O   . MET A 1 95  ? 11.592  -9.781  0.676   1.00 26.52 ? 95  MET A O   1 
ATOM   728  C CB  . MET A 1 95  ? 8.816   -9.804  -0.798  1.00 19.92 ? 95  MET A CB  1 
ATOM   729  C CG  . MET A 1 95  ? 7.559   -10.379 -1.376  1.00 20.74 ? 95  MET A CG  1 
ATOM   730  S SD  . MET A 1 95  ? 7.503   -10.349 -3.167  1.00 22.41 ? 95  MET A SD  1 
ATOM   731  C CE  . MET A 1 95  ? 7.133   -8.596  -3.481  1.00 18.68 ? 95  MET A CE  1 
ATOM   732  N N   . GLU A 1 96  ? 11.872  -8.991  -1.395  1.00 19.86 ? 96  GLU A N   1 
ATOM   733  C CA  . GLU A 1 96  ? 12.956  -8.055  -1.127  1.00 20.28 ? 96  GLU A CA  1 
ATOM   734  C C   . GLU A 1 96  ? 12.467  -6.941  -0.204  1.00 22.00 ? 96  GLU A C   1 
ATOM   735  O O   . GLU A 1 96  ? 11.287  -6.580  -0.249  1.00 19.18 ? 96  GLU A O   1 
ATOM   736  C CB  . GLU A 1 96  ? 13.435  -7.501  -2.447  1.00 24.36 ? 96  GLU A CB  1 
ATOM   737  C CG  . GLU A 1 96  ? 14.199  -8.440  -3.361  1.00 21.26 ? 96  GLU A CG  1 
ATOM   738  C CD  . GLU A 1 96  ? 13.328  -9.295  -4.242  1.00 27.31 ? 96  GLU A CD  1 
ATOM   739  O OE1 . GLU A 1 96  ? 13.910  -10.220 -4.856  1.00 24.76 ? 96  GLU A OE1 1 
ATOM   740  O OE2 . GLU A 1 96  ? 12.113  -9.063  -4.353  1.00 23.84 ? 96  GLU A OE2 1 
ATOM   741  N N   . LYS A 1 97  ? 13.375  -6.435  0.626   1.00 20.01 ? 97  LYS A N   1 
ATOM   742  C CA  . LYS A 1 97  ? 12.947  -5.597  1.731   1.00 19.74 ? 97  LYS A CA  1 
ATOM   743  C C   . LYS A 1 97  ? 12.218  -4.339  1.251   1.00 15.87 ? 97  LYS A C   1 
ATOM   744  O O   . LYS A 1 97  ? 11.302  -3.913  1.966   1.00 18.96 ? 97  LYS A O   1 
ATOM   745  C CB  . LYS A 1 97  ? 14.150  -5.290  2.630   1.00 20.62 ? 97  LYS A CB  1 
ATOM   746  C CG  . LYS A 1 97  ? 13.683  -4.700  3.960   1.00 30.13 ? 97  LYS A CG  1 
ATOM   747  C CD  . LYS A 1 97  ? 14.865  -4.258  4.810   1.00 47.33 ? 97  LYS A CD  1 
ATOM   748  C CE  . LYS A 1 97  ? 14.813  -4.746  6.240   1.00 53.16 ? 97  LYS A CE  1 
ATOM   749  N NZ  . LYS A 1 97  ? 15.175  -3.642  7.191   1.00 75.17 ? 97  LYS A NZ  1 
ATOM   750  N N   . ARG A 1 98  ? 12.546  -3.782  0.119   1.00 18.48 ? 98  ARG A N   1 
ATOM   751  C CA  . ARG A 1 98  ? 11.915  -2.571  -0.424  1.00 17.10 ? 98  ARG A CA  1 
ATOM   752  C C   . ARG A 1 98  ? 10.404  -2.727  -0.624  1.00 17.65 ? 98  ARG A C   1 
ATOM   753  O O   . ARG A 1 98  ? 9.611   -1.779  -0.683  1.00 16.28 ? 98  ARG A O   1 
ATOM   754  C CB  . ARG A 1 98  ? 12.555  -2.152  -1.723  1.00 22.38 ? 98  ARG A CB  1 
ATOM   755  C CG  . ARG A 1 98  ? 12.405  -3.073  -2.908  1.00 17.25 ? 98  ARG A CG  1 
ATOM   756  C CD  . ARG A 1 98  ? 13.124  -2.444  -4.076  1.00 19.52 ? 98  ARG A CD  1 
ATOM   757  N NE  . ARG A 1 98  ? 13.124  -3.209  -5.309  1.00 20.70 ? 98  ARG A NE  1 
ATOM   758  C CZ  . ARG A 1 98  ? 13.856  -4.301  -5.501  1.00 22.01 ? 98  ARG A CZ  1 
ATOM   759  N NH1 . ARG A 1 98  ? 14.629  -4.786  -4.569  1.00 25.03 ? 98  ARG A NH1 1 
ATOM   760  N NH2 . ARG A 1 98  ? 13.747  -4.883  -6.706  1.00 25.27 ? 98  ARG A NH2 1 
ATOM   761  N N   . PHE A 1 99  ? 9.947   -3.970  -0.715  1.00 16.10 ? 99  PHE A N   1 
ATOM   762  C CA  . PHE A 1 99  ? 8.559   -4.279  -0.993  1.00 17.39 ? 99  PHE A CA  1 
ATOM   763  C C   . PHE A 1 99  ? 7.800   -4.609  0.282   1.00 13.56 ? 99  PHE A C   1 
ATOM   764  O O   . PHE A 1 99  ? 6.599   -4.804  0.269   1.00 15.57 ? 99  PHE A O   1 
ATOM   765  C CB  . PHE A 1 99  ? 8.392   -5.514  -1.896  1.00 15.08 ? 99  PHE A CB  1 
ATOM   766  C CG  . PHE A 1 99  ? 8.999   -5.395  -3.269  1.00 14.19 ? 99  PHE A CG  1 
ATOM   767  C CD1 . PHE A 1 99  ? 8.479   -4.531  -4.209  1.00 15.00 ? 99  PHE A CD1 1 
ATOM   768  C CD2 . PHE A 1 99  ? 10.094  -6.190  -3.634  1.00 17.83 ? 99  PHE A CD2 1 
ATOM   769  C CE1 . PHE A 1 99  ? 9.042   -4.416  -5.457  1.00 18.24 ? 99  PHE A CE1 1 
ATOM   770  C CE2 . PHE A 1 99  ? 10.645  -6.054  -4.869  1.00 17.37 ? 99  PHE A CE2 1 
ATOM   771  C CZ  . PHE A 1 99  ? 10.132  -5.203  -5.802  1.00 18.50 ? 99  PHE A CZ  1 
ATOM   772  N N   . VAL A 1 100 ? 8.468   -4.722  1.427   1.00 15.31 ? 100 VAL A N   1 
ATOM   773  C CA  . VAL A 1 100 ? 7.815   -5.209  2.634   1.00 13.63 ? 100 VAL A CA  1 
ATOM   774  C C   . VAL A 1 100 ? 7.277   -4.060  3.478   1.00 15.34 ? 100 VAL A C   1 
ATOM   775  O O   . VAL A 1 100 ? 8.047   -3.119  3.688   1.00 15.79 ? 100 VAL A O   1 
ATOM   776  C CB  . VAL A 1 100 ? 8.793   -6.085  3.427   1.00 17.46 ? 100 VAL A CB  1 
ATOM   777  C CG1 . VAL A 1 100 ? 8.202   -6.637  4.707   1.00 18.59 ? 100 VAL A CG1 1 
ATOM   778  C CG2 . VAL A 1 100 ? 9.264   -7.209  2.496   1.00 16.75 ? 100 VAL A CG2 1 
ATOM   779  N N   . PHE A 1 101 ? 6.032   -4.193  3.900   1.00 14.68 ? 101 PHE A N   1 
ATOM   780  C CA  . PHE A 1 101 ? 5.421   -3.310  4.886   1.00 13.43 ? 101 PHE A CA  1 
ATOM   781  C C   . PHE A 1 101 ? 4.989   -4.081  6.120   1.00 16.11 ? 101 PHE A C   1 
ATOM   782  O O   . PHE A 1 101 ? 4.458   -5.168  6.040   1.00 16.39 ? 101 PHE A O   1 
ATOM   783  C CB  . PHE A 1 101 ? 4.173   -2.600  4.353   1.00 15.90 ? 101 PHE A CB  1 
ATOM   784  C CG  . PHE A 1 101 ? 4.539   -1.793  3.132   1.00 18.33 ? 101 PHE A CG  1 
ATOM   785  C CD1 . PHE A 1 101 ? 4.620   -2.347  1.860   1.00 13.96 ? 101 PHE A CD1 1 
ATOM   786  C CD2 . PHE A 1 101 ? 4.842   -0.435  3.256   1.00 13.73 ? 101 PHE A CD2 1 
ATOM   787  C CE1 . PHE A 1 101 ? 4.993   -1.593  0.777   1.00 13.63 ? 101 PHE A CE1 1 
ATOM   788  C CE2 . PHE A 1 101 ? 5.194   0.279   2.148   1.00 15.01 ? 101 PHE A CE2 1 
ATOM   789  C CZ  . PHE A 1 101 ? 5.288   -0.235  0.876   1.00 14.66 ? 101 PHE A CZ  1 
ATOM   790  N N   . ASN A 1 102 ? 5.208   -3.480  7.282   1.00 15.18 ? 102 ASN A N   1 
ATOM   791  C CA  . ASN A 1 102 ? 4.699   -4.069  8.496   1.00 16.56 ? 102 ASN A CA  1 
ATOM   792  C C   . ASN A 1 102 ? 3.281   -3.543  8.672   1.00 18.16 ? 102 ASN A C   1 
ATOM   793  O O   . ASN A 1 102 ? 3.044   -2.357  8.885   1.00 18.49 ? 102 ASN A O   1 
ATOM   794  C CB  . ASN A 1 102 ? 5.535   -3.769  9.728   1.00 16.15 ? 102 ASN A CB  1 
ATOM   795  C CG  . ASN A 1 102 ? 6.927   -4.308  9.644   1.00 20.41 ? 102 ASN A CG  1 
ATOM   796  O OD1 . ASN A 1 102 ? 7.080   -5.491  9.317   1.00 22.44 ? 102 ASN A OD1 1 
ATOM   797  N ND2 . ASN A 1 102 ? 7.956   -3.497  9.901   1.00 19.20 ? 102 ASN A ND2 1 
ATOM   798  N N   . LYS A 1 103 ? 2.332   -4.442  8.538   1.00 16.07 ? 103 LYS A N   1 
ATOM   799  C CA  . LYS A 1 103 ? 0.931   -4.183  8.754   1.00 19.80 ? 103 LYS A CA  1 
ATOM   800  C C   . LYS A 1 103 ? 0.658   -4.195  10.247  1.00 18.72 ? 103 LYS A C   1 
ATOM   801  O O   . LYS A 1 103 ? 0.860   -5.191  10.936  1.00 18.38 ? 103 LYS A O   1 
ATOM   802  C CB  . LYS A 1 103 ? 0.061   -5.192  7.984   1.00 16.06 ? 103 LYS A CB  1 
ATOM   803  C CG  . LYS A 1 103 ? -1.417  -4.974  8.211   1.00 18.05 ? 103 LYS A CG  1 
ATOM   804  C CD  . LYS A 1 103 ? -2.305  -5.831  7.318   1.00 18.58 ? 103 LYS A CD  1 
ATOM   805  C CE  . LYS A 1 103 ? -2.123  -7.307  7.683   1.00 21.03 ? 103 LYS A CE  1 
ATOM   806  N NZ  . LYS A 1 103 ? -2.721  -7.652  8.981   1.00 21.16 ? 103 LYS A NZ  1 
ATOM   807  N N   . ILE A 1 104 ? 0.199   -3.058  10.735  1.00 17.64 ? 104 ILE A N   1 
ATOM   808  C CA  . ILE A 1 104 ? -0.054  -2.854  12.159  1.00 18.10 ? 104 ILE A CA  1 
ATOM   809  C C   . ILE A 1 104 ? -1.524  -2.580  12.418  1.00 17.09 ? 104 ILE A C   1 
ATOM   810  O O   . ILE A 1 104 ? -2.153  -1.711  11.796  1.00 20.84 ? 104 ILE A O   1 
ATOM   811  C CB  . ILE A 1 104 ? 0.841   -1.709  12.675  1.00 20.78 ? 104 ILE A CB  1 
ATOM   812  C CG1 . ILE A 1 104 ? 2.315   -1.898  12.362  1.00 22.47 ? 104 ILE A CG1 1 
ATOM   813  C CG2 . ILE A 1 104 ? 0.585   -1.484  14.167  1.00 24.14 ? 104 ILE A CG2 1 
ATOM   814  C CD1 . ILE A 1 104 ? 3.085   -0.597  12.324  1.00 27.91 ? 104 ILE A CD1 1 
ATOM   815  N N   . GLU A 1 105 ? -2.153  -3.340  13.295  1.00 20.92 ? 105 GLU A N   1 
ATOM   816  C CA  . GLU A 1 105 ? -3.552  -3.127  13.610  1.00 20.64 ? 105 GLU A CA  1 
ATOM   817  C C   . GLU A 1 105 ? -3.567  -2.266  14.881  1.00 27.95 ? 105 GLU A C   1 
ATOM   818  O O   . GLU A 1 105 ? -3.005  -2.735  15.880  1.00 29.59 ? 105 GLU A O   1 
ATOM   819  C CB  . GLU A 1 105 ? -4.301  -4.428  13.829  1.00 24.18 ? 105 GLU A CB  1 
ATOM   820  C CG  . GLU A 1 105 ? -3.681  -5.684  13.266  1.00 39.60 ? 105 GLU A CG  1 
ATOM   821  C CD  . GLU A 1 105 ? -4.653  -6.846  13.494  1.00 54.24 ? 105 GLU A CD  1 
ATOM   822  O OE1 . GLU A 1 105 ? -5.517  -7.033  12.608  1.00 55.10 ? 105 GLU A OE1 1 
ATOM   823  O OE2 . GLU A 1 105 ? -4.530  -7.518  14.543  1.00 44.09 ? 105 GLU A OE2 1 
ATOM   824  N N   . ILE A 1 106 ? -4.136  -1.080  14.832  1.00 28.24 ? 106 ILE A N   1 
ATOM   825  C CA  . ILE A 1 106 ? -4.212  -0.147  15.952  1.00 32.96 ? 106 ILE A CA  1 
ATOM   826  C C   . ILE A 1 106 ? -5.603  0.478   15.952  1.00 44.69 ? 106 ILE A C   1 
ATOM   827  O O   . ILE A 1 106 ? -6.011  1.096   14.949  1.00 32.79 ? 106 ILE A O   1 
ATOM   828  C CB  . ILE A 1 106 ? -3.133  0.951   15.914  1.00 33.27 ? 106 ILE A CB  1 
ATOM   829  C CG1 . ILE A 1 106 ? -2.748  1.470   14.524  1.00 30.72 ? 106 ILE A CG1 1 
ATOM   830  C CG2 . ILE A 1 106 ? -1.866  0.509   16.635  1.00 42.80 ? 106 ILE A CG2 1 
ATOM   831  C CD1 . ILE A 1 106 ? -3.771  2.401   13.903  1.00 45.02 ? 106 ILE A CD1 1 
ATOM   832  N N   . ASN A 1 107 ? -6.371  0.356   17.043  1.00 36.13 ? 107 ASN A N   1 
ATOM   833  C CA  . ASN A 1 107 ? -7.673  1.019   17.146  1.00 45.89 ? 107 ASN A CA  1 
ATOM   834  C C   . ASN A 1 107 ? -8.585  0.723   15.952  1.00 35.32 ? 107 ASN A C   1 
ATOM   835  O O   . ASN A 1 107 ? -9.194  1.624   15.379  1.00 41.95 ? 107 ASN A O   1 
ATOM   836  C CB  . ASN A 1 107 ? -7.519  2.530   17.311  1.00 58.31 ? 107 ASN A CB  1 
ATOM   837  C CG  . ASN A 1 107 ? -7.140  3.374   16.116  1.00 69.73 ? 107 ASN A CG  1 
ATOM   838  O OD1 . ASN A 1 107 ? -7.550  3.161   14.969  1.00 62.26 ? 107 ASN A OD1 1 
ATOM   839  N ND2 . ASN A 1 107 ? -6.291  4.388   16.338  1.00 56.21 ? 107 ASN A ND2 1 
ATOM   840  N N   . ASN A 1 108 ? -8.657  -0.540  15.574  1.00 37.18 ? 108 ASN A N   1 
ATOM   841  C CA  . ASN A 1 108 ? -9.499  -1.052  14.513  1.00 35.11 ? 108 ASN A CA  1 
ATOM   842  C C   . ASN A 1 108 ? -9.203  -0.386  13.171  1.00 25.89 ? 108 ASN A C   1 
ATOM   843  O O   . ASN A 1 108 ? -10.055 -0.305  12.291  1.00 29.59 ? 108 ASN A O   1 
ATOM   844  C CB  . ASN A 1 108 ? -10.992 -0.931  14.851  1.00 40.05 ? 108 ASN A CB  1 
ATOM   845  C CG  . ASN A 1 108 ? -11.520 -2.341  15.121  1.00 44.22 ? 108 ASN A CG  1 
ATOM   846  O OD1 . ASN A 1 108 ? -12.246 -2.915  14.326  1.00 54.75 ? 108 ASN A OD1 1 
ATOM   847  N ND2 . ASN A 1 108 ? -11.081 -2.861  16.264  1.00 46.69 ? 108 ASN A ND2 1 
ATOM   848  N N   . LYS A 1 109 ? -7.940  0.039   13.063  1.00 22.20 ? 109 LYS A N   1 
ATOM   849  C CA  . LYS A 1 109 ? -7.461  0.539   11.785  1.00 24.40 ? 109 LYS A CA  1 
ATOM   850  C C   . LYS A 1 109 ? -6.160  -0.167  11.469  1.00 23.06 ? 109 LYS A C   1 
ATOM   851  O O   . LYS A 1 109 ? -5.613  -0.897  12.301  1.00 24.74 ? 109 LYS A O   1 
ATOM   852  C CB  . LYS A 1 109 ? -7.314  2.056   11.868  1.00 25.02 ? 109 LYS A CB  1 
ATOM   853  C CG  . LYS A 1 109 ? -8.616  2.732   12.272  1.00 34.97 ? 109 LYS A CG  1 
ATOM   854  C CD  . LYS A 1 109 ? -9.468  2.922   11.025  1.00 41.64 ? 109 LYS A CD  1 
ATOM   855  C CE  . LYS A 1 109 ? -9.057  4.184   10.287  1.00 57.10 ? 109 LYS A CE  1 
ATOM   856  N NZ  . LYS A 1 109 ? -8.966  4.025   8.803   1.00 44.14 ? 109 LYS A NZ  1 
ATOM   857  N N   . LEU A 1 110 ? -5.694  0.032   10.246  1.00 20.27 ? 110 LEU A N   1 
ATOM   858  C CA  . LEU A 1 110 ? -4.429  -0.492  9.796   1.00 19.05 ? 110 LEU A CA  1 
ATOM   859  C C   . LEU A 1 110 ? -3.452  0.649   9.441   1.00 15.64 ? 110 LEU A C   1 
ATOM   860  O O   . LEU A 1 110 ? -3.838  1.629   8.806   1.00 18.60 ? 110 LEU A O   1 
ATOM   861  C CB  . LEU A 1 110 ? -4.529  -1.343  8.514   1.00 17.15 ? 110 LEU A CB  1 
ATOM   862  C CG  . LEU A 1 110 ? -5.485  -2.537  8.618   1.00 17.12 ? 110 LEU A CG  1 
ATOM   863  C CD1 . LEU A 1 110 ? -5.707  -3.122  7.231   1.00 20.52 ? 110 LEU A CD1 1 
ATOM   864  C CD2 . LEU A 1 110 ? -4.988  -3.591  9.585   1.00 18.98 ? 110 LEU A CD2 1 
ATOM   865  N N   . GLU A 1 111 ? -2.218  0.440   9.819   1.00 15.13 ? 111 GLU A N   1 
ATOM   866  C CA  . GLU A 1 111 ? -1.122  1.269   9.368   1.00 16.63 ? 111 GLU A CA  1 
ATOM   867  C C   . GLU A 1 111 ? -0.120  0.384   8.606   1.00 15.98 ? 111 GLU A C   1 
ATOM   868  O O   . GLU A 1 111 ? -0.060  -0.831  8.898   1.00 16.48 ? 111 GLU A O   1 
ATOM   869  C CB  . GLU A 1 111 ? -0.361  1.954   10.502  1.00 14.70 ? 111 GLU A CB  1 
ATOM   870  C CG  . GLU A 1 111 ? -1.320  2.744   11.379  1.00 19.04 ? 111 GLU A CG  1 
ATOM   871  C CD  . GLU A 1 111 ? -0.679  3.359   12.626  1.00 21.61 ? 111 GLU A CD  1 
ATOM   872  O OE1 . GLU A 1 111 ? 0.469   3.088   12.942  1.00 26.78 ? 111 GLU A OE1 1 
ATOM   873  O OE2 . GLU A 1 111 ? -1.418  4.144   13.256  1.00 41.39 ? 111 GLU A OE2 1 
ATOM   874  N N   . PHE A 1 112 ? 0.564   0.960   7.658   1.00 15.66 ? 112 PHE A N   1 
ATOM   875  C CA  . PHE A 1 112 ? 1.570   0.211   6.906   1.00 14.62 ? 112 PHE A CA  1 
ATOM   876  C C   . PHE A 1 112 ? 2.921   0.920   6.994   1.00 14.91 ? 112 PHE A C   1 
ATOM   877  O O   . PHE A 1 112 ? 3.136   1.884   6.286   1.00 15.00 ? 112 PHE A O   1 
ATOM   878  C CB  . PHE A 1 112 ? 1.164   0.016   5.453   1.00 16.65 ? 112 PHE A CB  1 
ATOM   879  C CG  . PHE A 1 112 ? -0.123  -0.770  5.298   1.00 18.14 ? 112 PHE A CG  1 
ATOM   880  C CD1 . PHE A 1 112 ? -1.353  -0.146  5.243   1.00 18.69 ? 112 PHE A CD1 1 
ATOM   881  C CD2 . PHE A 1 112 ? -0.062  -2.150  5.207   1.00 16.39 ? 112 PHE A CD2 1 
ATOM   882  C CE1 . PHE A 1 112 ? -2.544  -0.845  5.099   1.00 18.54 ? 112 PHE A CE1 1 
ATOM   883  C CE2 . PHE A 1 112 ? -1.230  -2.828  5.034   1.00 14.23 ? 112 PHE A CE2 1 
ATOM   884  C CZ  . PHE A 1 112 ? -2.459  -2.227  4.990   1.00 18.54 ? 112 PHE A CZ  1 
ATOM   885  N N   . GLU A 1 113 ? 3.742   0.335   7.873   1.00 15.45 ? 113 GLU A N   1 
ATOM   886  C CA  . GLU A 1 113 ? 5.084   0.830   8.070   1.00 14.89 ? 113 GLU A CA  1 
ATOM   887  C C   . GLU A 1 113 ? 6.070   0.217   7.092   1.00 18.55 ? 113 GLU A C   1 
ATOM   888  O O   . GLU A 1 113 ? 6.129   -1.007  6.898   1.00 19.04 ? 113 GLU A O   1 
ATOM   889  C CB  . GLU A 1 113 ? 5.568   0.469   9.485   1.00 16.97 ? 113 GLU A CB  1 
ATOM   890  C CG  . GLU A 1 113 ? 6.891   1.155   9.815   1.00 17.40 ? 113 GLU A CG  1 
ATOM   891  C CD  . GLU A 1 113 ? 7.667   0.438   10.890  1.00 22.22 ? 113 GLU A CD  1 
ATOM   892  O OE1 . GLU A 1 113 ? 7.282   -0.707  11.194  1.00 19.99 ? 113 GLU A OE1 1 
ATOM   893  O OE2 . GLU A 1 113 ? 8.652   0.999   11.408  1.00 20.91 ? 113 GLU A OE2 1 
ATOM   894  N N   . SER A 1 114 ? 6.881   1.022   6.456   1.00 15.90 ? 114 SER A N   1 
ATOM   895  C CA  . SER A 1 114 ? 7.950   0.557   5.601   1.00 12.71 ? 114 SER A CA  1 
ATOM   896  C C   . SER A 1 114 ? 8.940   -0.311  6.371   1.00 16.00 ? 114 SER A C   1 
ATOM   897  O O   . SER A 1 114 ? 9.471   0.148   7.397   1.00 19.69 ? 114 SER A O   1 
ATOM   898  C CB  . SER A 1 114 ? 8.700   1.741   4.968   1.00 14.92 ? 114 SER A CB  1 
ATOM   899  O OG  . SER A 1 114 ? 9.856   1.317   4.257   1.00 18.80 ? 114 SER A OG  1 
ATOM   900  N N   . ALA A 1 115 ? 9.186   -1.540  5.896   1.00 22.63 ? 115 ALA A N   1 
ATOM   901  C CA  . ALA A 1 115 ? 10.247  -2.335  6.543   1.00 23.36 ? 115 ALA A CA  1 
ATOM   902  C C   . ALA A 1 115 ? 11.618  -1.759  6.212   1.00 19.32 ? 115 ALA A C   1 
ATOM   903  O O   . ALA A 1 115 ? 12.494  -1.857  7.083   1.00 30.79 ? 115 ALA A O   1 
ATOM   904  C CB  . ALA A 1 115 ? 10.111  -3.811  6.219   1.00 20.64 ? 115 ALA A CB  1 
ATOM   905  N N   . GLN A 1 116 ? 11.936  -1.138  5.109   1.00 20.12 ? 116 GLN A N   1 
ATOM   906  C CA  . GLN A 1 116 ? 13.211  -0.583  4.697   1.00 26.14 ? 116 GLN A CA  1 
ATOM   907  C C   . GLN A 1 116 ? 13.504  0.756   5.377   1.00 32.72 ? 116 GLN A C   1 
ATOM   908  O O   . GLN A 1 116 ? 14.653  1.199   5.538   1.00 29.25 ? 116 GLN A O   1 
ATOM   909  C CB  . GLN A 1 116 ? 13.258  -0.360  3.195   1.00 34.22 ? 116 GLN A CB  1 
ATOM   910  C CG  . GLN A 1 116 ? 14.663  -0.151  2.658   1.00 33.55 ? 116 GLN A CG  1 
ATOM   911  C CD  . GLN A 1 116 ? 15.130  -1.311  1.791   1.00 33.69 ? 116 GLN A CD  1 
ATOM   912  O OE1 . GLN A 1 116 ? 14.975  -1.303  0.575   1.00 53.74 ? 116 GLN A OE1 1 
ATOM   913  N NE2 . GLN A 1 116 ? 15.708  -2.322  2.407   1.00 36.62 ? 116 GLN A NE2 1 
ATOM   914  N N   . PHE A 1 117 ? 12.416  1.410   5.757   1.00 25.44 ? 117 PHE A N   1 
ATOM   915  C CA  . PHE A 1 117 ? 12.565  2.737   6.371   1.00 25.80 ? 117 PHE A CA  1 
ATOM   916  C C   . PHE A 1 117 ? 11.713  2.802   7.629   1.00 21.54 ? 117 PHE A C   1 
ATOM   917  O O   . PHE A 1 117 ? 10.554  3.224   7.581   1.00 19.35 ? 117 PHE A O   1 
ATOM   918  C CB  . PHE A 1 117 ? 12.206  3.878   5.433   1.00 24.19 ? 117 PHE A CB  1 
ATOM   919  C CG  . PHE A 1 117 ? 13.012  3.934   4.162   1.00 25.11 ? 117 PHE A CG  1 
ATOM   920  C CD1 . PHE A 1 117 ? 12.433  3.594   2.949   1.00 24.31 ? 117 PHE A CD1 1 
ATOM   921  C CD2 . PHE A 1 117 ? 14.346  4.319   4.139   1.00 20.11 ? 117 PHE A CD2 1 
ATOM   922  C CE1 . PHE A 1 117 ? 13.157  3.619   1.781   1.00 28.09 ? 117 PHE A CE1 1 
ATOM   923  C CE2 . PHE A 1 117 ? 15.071  4.356   2.968   1.00 23.35 ? 117 PHE A CE2 1 
ATOM   924  C CZ  . PHE A 1 117 ? 14.470  4.015   1.771   1.00 26.18 ? 117 PHE A CZ  1 
ATOM   925  N N   . PRO A 1 118 ? 12.234  2.385   8.772   1.00 22.20 ? 118 PRO A N   1 
ATOM   926  C CA  . PRO A 1 118 ? 11.531  2.348   10.045  1.00 19.53 ? 118 PRO A CA  1 
ATOM   927  C C   . PRO A 1 118 ? 10.763  3.650   10.338  1.00 20.70 ? 118 PRO A C   1 
ATOM   928  O O   . PRO A 1 118 ? 11.265  4.756   10.085  1.00 24.54 ? 118 PRO A O   1 
ATOM   929  C CB  . PRO A 1 118 ? 12.641  2.086   11.087  1.00 25.51 ? 118 PRO A CB  1 
ATOM   930  C CG  . PRO A 1 118 ? 13.613  1.277   10.281  1.00 24.51 ? 118 PRO A CG  1 
ATOM   931  C CD  . PRO A 1 118 ? 13.611  1.848   8.902   1.00 25.16 ? 118 PRO A CD  1 
ATOM   932  N N   . ASN A 1 119 ? 9.543   3.540   10.840  1.00 17.92 ? 119 ASN A N   1 
ATOM   933  C CA  . ASN A 1 119 ? 8.607   4.582   11.204  1.00 19.31 ? 119 ASN A CA  1 
ATOM   934  C C   . ASN A 1 119 ? 8.202   5.555   10.108  1.00 21.35 ? 119 ASN A C   1 
ATOM   935  O O   . ASN A 1 119 ? 7.697   6.671   10.318  1.00 24.15 ? 119 ASN A O   1 
ATOM   936  C CB  . ASN A 1 119 ? 9.204   5.378   12.397  1.00 23.43 ? 119 ASN A CB  1 
ATOM   937  C CG  . ASN A 1 119 ? 9.088   4.586   13.683  1.00 26.08 ? 119 ASN A CG  1 
ATOM   938  O OD1 . ASN A 1 119 ? 8.309   3.650   13.813  1.00 24.70 ? 119 ASN A OD1 1 
ATOM   939  N ND2 . ASN A 1 119 ? 9.888   4.997   14.665  1.00 30.66 ? 119 ASN A ND2 1 
ATOM   940  N N   . PHE A 1 120 ? 8.383   5.169   8.842   1.00 18.97 ? 120 PHE A N   1 
ATOM   941  C CA  . PHE A 1 120 ? 7.821   5.764   7.652   1.00 15.51 ? 120 PHE A CA  1 
ATOM   942  C C   . PHE A 1 120 ? 6.596   4.923   7.261   1.00 20.45 ? 120 PHE A C   1 
ATOM   943  O O   . PHE A 1 120 ? 6.703   3.698   7.279   1.00 21.72 ? 120 PHE A O   1 
ATOM   944  C CB  . PHE A 1 120 ? 8.808   5.852   6.498   1.00 19.00 ? 120 PHE A CB  1 
ATOM   945  C CG  . PHE A 1 120 ? 9.798   7.008   6.651   1.00 20.06 ? 120 PHE A CG  1 
ATOM   946  C CD1 . PHE A 1 120 ? 10.932  6.811   7.393   1.00 19.03 ? 120 PHE A CD1 1 
ATOM   947  C CD2 . PHE A 1 120 ? 9.526   8.226   6.057   1.00 21.96 ? 120 PHE A CD2 1 
ATOM   948  C CE1 . PHE A 1 120 ? 11.829  7.880   7.511   1.00 23.96 ? 120 PHE A CE1 1 
ATOM   949  C CE2 . PHE A 1 120 ? 10.396  9.311   6.179   1.00 21.21 ? 120 PHE A CE2 1 
ATOM   950  C CZ  . PHE A 1 120 ? 11.519  9.109   6.942   1.00 22.60 ? 120 PHE A CZ  1 
ATOM   951  N N   . TYR A 1 121 ? 5.515   5.616   6.985   1.00 15.90 ? 121 TYR A N   1 
ATOM   952  C CA  . TYR A 1 121 ? 4.229   4.959   6.799   1.00 21.96 ? 121 TYR A CA  1 
ATOM   953  C C   . TYR A 1 121 ? 3.604   5.345   5.489   1.00 16.06 ? 121 TYR A C   1 
ATOM   954  O O   . TYR A 1 121 ? 3.698   6.468   4.996   1.00 16.48 ? 121 TYR A O   1 
ATOM   955  C CB  . TYR A 1 121 ? 3.248   5.362   7.905   1.00 18.52 ? 121 TYR A CB  1 
ATOM   956  C CG  . TYR A 1 121 ? 3.642   4.850   9.252   1.00 20.18 ? 121 TYR A CG  1 
ATOM   957  C CD1 . TYR A 1 121 ? 4.527   5.583   10.049  1.00 24.86 ? 121 TYR A CD1 1 
ATOM   958  C CD2 . TYR A 1 121 ? 3.129   3.635   9.667   1.00 23.69 ? 121 TYR A CD2 1 
ATOM   959  C CE1 . TYR A 1 121 ? 4.846   5.030   11.286  1.00 25.89 ? 121 TYR A CE1 1 
ATOM   960  C CE2 . TYR A 1 121 ? 3.450   3.106   10.903  1.00 30.25 ? 121 TYR A CE2 1 
ATOM   961  C CZ  . TYR A 1 121 ? 4.316   3.830   11.684  1.00 25.09 ? 121 TYR A CZ  1 
ATOM   962  O OH  . TYR A 1 121 ? 4.622   3.263   12.919  1.00 40.09 ? 121 TYR A OH  1 
ATOM   963  N N   . ILE A 1 122 ? 2.856   4.370   4.906   1.00 15.65 ? 122 ILE A N   1 
ATOM   964  C CA  . ILE A 1 122 ? 2.007   4.769   3.785   1.00 14.34 ? 122 ILE A CA  1 
ATOM   965  C C   . ILE A 1 122 ? 1.057   5.851   4.315   1.00 14.60 ? 122 ILE A C   1 
ATOM   966  O O   . ILE A 1 122 ? 0.397   5.674   5.329   1.00 16.21 ? 122 ILE A O   1 
ATOM   967  C CB  . ILE A 1 122 ? 1.252   3.574   3.146   1.00 14.69 ? 122 ILE A CB  1 
ATOM   968  C CG1 . ILE A 1 122 ? 2.213   2.454   2.712   1.00 13.53 ? 122 ILE A CG1 1 
ATOM   969  C CG2 . ILE A 1 122 ? 0.349   4.090   2.020   1.00 15.14 ? 122 ILE A CG2 1 
ATOM   970  C CD1 . ILE A 1 122 ? 1.484   1.288   2.059   1.00 19.29 ? 122 ILE A CD1 1 
ATOM   971  N N   . SER A 1 123 ? 1.035   6.969   3.617   1.00 14.83 ? 123 SER A N   1 
ATOM   972  C CA  . SER A 1 123 ? 0.249   8.160   3.969   1.00 14.44 ? 123 SER A CA  1 
ATOM   973  C C   . SER A 1 123 ? -0.491  8.794   2.784   1.00 12.50 ? 123 SER A C   1 
ATOM   974  O O   . SER A 1 123 ? -0.086  8.694   1.622   1.00 14.67 ? 123 SER A O   1 
ATOM   975  C CB  . SER A 1 123 ? 1.238   9.175   4.530   1.00 16.20 ? 123 SER A CB  1 
ATOM   976  O OG  . SER A 1 123 ? 2.092   8.687   5.527   1.00 18.85 ? 123 SER A OG  1 
ATOM   977  N N   . THR A 1 124 ? -1.579  9.481   3.166   1.00 15.26 ? 124 THR A N   1 
ATOM   978  C CA  . THR A 1 124 ? -2.365  10.310  2.264   1.00 17.95 ? 124 THR A CA  1 
ATOM   979  C C   . THR A 1 124 ? -2.458  11.745  2.874   1.00 17.71 ? 124 THR A C   1 
ATOM   980  O O   . THR A 1 124 ? -2.287  11.881  4.055   1.00 18.28 ? 124 THR A O   1 
ATOM   981  C CB  . THR A 1 124 ? -3.779  9.821   1.976   1.00 18.13 ? 124 THR A CB  1 
ATOM   982  O OG1 . THR A 1 124 ? -4.486  9.695   3.195   1.00 16.71 ? 124 THR A OG1 1 
ATOM   983  C CG2 . THR A 1 124 ? -3.664  8.405   1.336   1.00 20.00 ? 124 THR A CG2 1 
ATOM   984  N N   . SER A 1 125 ? -2.741  12.614  1.937   1.00 22.53 ? 125 SER A N   1 
ATOM   985  C CA  . SER A 1 125 ? -2.957  14.024  2.280   1.00 24.20 ? 125 SER A CA  1 
ATOM   986  C C   . SER A 1 125 ? -4.406  14.240  2.612   1.00 23.06 ? 125 SER A C   1 
ATOM   987  O O   . SER A 1 125 ? -5.273  13.462  2.203   1.00 24.61 ? 125 SER A O   1 
ATOM   988  C CB  . SER A 1 125 ? -2.513  14.863  1.086   1.00 21.37 ? 125 SER A CB  1 
ATOM   989  O OG  . SER A 1 125 ? -1.125  15.068  1.052   1.00 34.41 ? 125 SER A OG  1 
ATOM   990  N N   . GLN A 1 126 ? -4.744  15.318  3.329   1.00 23.88 ? 126 GLN A N   1 
ATOM   991  C CA  . GLN A 1 126 ? -6.146  15.647  3.526   1.00 25.42 ? 126 GLN A CA  1 
ATOM   992  C C   . GLN A 1 126 ? -6.809  16.130  2.242   1.00 17.40 ? 126 GLN A C   1 
ATOM   993  O O   . GLN A 1 126 ? -7.983  15.826  1.999   1.00 24.24 ? 126 GLN A O   1 
ATOM   994  C CB  . GLN A 1 126 ? -6.306  16.734  4.610   1.00 26.32 ? 126 GLN A CB  1 
ATOM   995  C CG  . GLN A 1 126 ? -5.883  16.315  6.004   1.00 25.37 ? 126 GLN A CG  1 
ATOM   996  C CD  . GLN A 1 126 ? -6.882  15.382  6.639   1.00 28.10 ? 126 GLN A CD  1 
ATOM   997  O OE1 . GLN A 1 126 ? -8.005  15.261  6.127   1.00 29.88 ? 126 GLN A OE1 1 
ATOM   998  N NE2 . GLN A 1 126 ? -6.518  14.693  7.724   1.00 25.44 ? 126 GLN A NE2 1 
ATOM   999  N N   . ALA A 1 127 ? -6.100  16.862  1.424   1.00 18.76 ? 127 ALA A N   1 
ATOM   1000 C CA  . ALA A 1 127 ? -6.508  17.451  0.175   1.00 27.81 ? 127 ALA A CA  1 
ATOM   1001 C C   . ALA A 1 127 ? -6.768  16.307  -0.815  1.00 24.94 ? 127 ALA A C   1 
ATOM   1002 O O   . ALA A 1 127 ? -6.109  15.259  -0.809  1.00 23.68 ? 127 ALA A O   1 
ATOM   1003 C CB  . ALA A 1 127 ? -5.469  18.423  -0.353  1.00 22.26 ? 127 ALA A CB  1 
ATOM   1004 N N   . GLU A 1 128 ? -7.755  16.529  -1.629  1.00 25.65 ? 128 GLU A N   1 
ATOM   1005 C CA  . GLU A 1 128 ? -8.230  15.693  -2.698  1.00 20.03 ? 128 GLU A CA  1 
ATOM   1006 C C   . GLU A 1 128 ? -7.212  15.532  -3.820  1.00 26.86 ? 128 GLU A C   1 
ATOM   1007 O O   . GLU A 1 128 ? -6.529  16.469  -4.212  1.00 23.21 ? 128 GLU A O   1 
ATOM   1008 C CB  . GLU A 1 128 ? -9.525  16.292  -3.266  1.00 29.71 ? 128 GLU A CB  1 
ATOM   1009 C CG  . GLU A 1 128 ? -10.368 15.337  -4.067  1.00 26.82 ? 128 GLU A CG  1 
ATOM   1010 C CD  . GLU A 1 128 ? -11.004 14.238  -3.265  1.00 16.96 ? 128 GLU A CD  1 
ATOM   1011 O OE1 . GLU A 1 128 ? -10.703 14.106  -2.064  1.00 22.40 ? 128 GLU A OE1 1 
ATOM   1012 O OE2 . GLU A 1 128 ? -11.875 13.531  -3.820  1.00 29.82 ? 128 GLU A OE2 1 
ATOM   1013 N N   . ASN A 1 129 ? -7.111  14.309  -4.350  1.00 23.90 ? 129 ASN A N   1 
ATOM   1014 C CA  . ASN A 1 129 ? -6.440  13.953  -5.576  1.00 25.73 ? 129 ASN A CA  1 
ATOM   1015 C C   . ASN A 1 129 ? -4.949  14.220  -5.562  1.00 26.35 ? 129 ASN A C   1 
ATOM   1016 O O   . ASN A 1 129 ? -4.376  14.610  -6.588  1.00 27.10 ? 129 ASN A O   1 
ATOM   1017 C CB  . ASN A 1 129 ? -7.096  14.727  -6.748  1.00 33.00 ? 129 ASN A CB  1 
ATOM   1018 C CG  . ASN A 1 129 ? -6.833  14.035  -8.079  1.00 39.06 ? 129 ASN A CG  1 
ATOM   1019 O OD1 . ASN A 1 129 ? -7.655  13.255  -8.562  1.00 58.20 ? 129 ASN A OD1 1 
ATOM   1020 N ND2 . ASN A 1 129 ? -5.688  14.290  -8.687  1.00 46.03 ? 129 ASN A ND2 1 
ATOM   1021 N N   . MET A 1 130 ? -4.312  13.985  -4.418  1.00 22.22 ? 130 MET A N   1 
ATOM   1022 C CA  . MET A 1 130 ? -2.911  14.140  -4.171  1.00 19.13 ? 130 MET A CA  1 
ATOM   1023 C C   . MET A 1 130 ? -2.212  12.756  -4.096  1.00 18.11 ? 130 MET A C   1 
ATOM   1024 O O   . MET A 1 130 ? -2.970  11.802  -3.846  1.00 20.69 ? 130 MET A O   1 
ATOM   1025 C CB  . MET A 1 130 ? -2.628  14.901  -2.873  1.00 27.56 ? 130 MET A CB  1 
ATOM   1026 C CG  . MET A 1 130 ? -3.201  16.314  -2.914  1.00 31.04 ? 130 MET A CG  1 
ATOM   1027 S SD  . MET A 1 130 ? -2.257  17.393  -4.018  1.00 35.71 ? 130 MET A SD  1 
ATOM   1028 C CE  . MET A 1 130 ? -0.760  17.564  -3.040  1.00 33.42 ? 130 MET A CE  1 
ATOM   1029 N N   . PRO A 1 131 ? -0.935  12.695  -4.307  1.00 20.85 ? 131 PRO A N   1 
ATOM   1030 C CA  . PRO A 1 131 ? -0.221  11.402  -4.318  1.00 20.11 ? 131 PRO A CA  1 
ATOM   1031 C C   . PRO A 1 131 ? -0.332  10.710  -2.984  1.00 19.72 ? 131 PRO A C   1 
ATOM   1032 O O   . PRO A 1 131 ? -0.450  11.263  -1.905  1.00 21.64 ? 131 PRO A O   1 
ATOM   1033 C CB  . PRO A 1 131 ? 1.229   11.772  -4.637  1.00 28.71 ? 131 PRO A CB  1 
ATOM   1034 C CG  . PRO A 1 131 ? 1.090   13.061  -5.389  1.00 23.24 ? 131 PRO A CG  1 
ATOM   1035 C CD  . PRO A 1 131 ? 0.031   13.784  -4.590  1.00 23.13 ? 131 PRO A CD  1 
ATOM   1036 N N   . VAL A 1 132 ? -0.315  9.371   -2.994  1.00 18.63 ? 132 VAL A N   1 
ATOM   1037 C CA  . VAL A 1 132 ? 0.024   8.593   -1.824  1.00 16.89 ? 132 VAL A CA  1 
ATOM   1038 C C   . VAL A 1 132 ? 1.533   8.595   -1.651  1.00 16.20 ? 132 VAL A C   1 
ATOM   1039 O O   . VAL A 1 132 ? 2.291   8.479   -2.626  1.00 19.79 ? 132 VAL A O   1 
ATOM   1040 C CB  . VAL A 1 132 ? -0.469  7.125   -2.003  1.00 17.74 ? 132 VAL A CB  1 
ATOM   1041 C CG1 . VAL A 1 132 ? -0.149  6.291   -0.773  1.00 18.22 ? 132 VAL A CG1 1 
ATOM   1042 C CG2 . VAL A 1 132 ? -1.947  7.146   -2.363  1.00 18.38 ? 132 VAL A CG2 1 
ATOM   1043 N N   . PHE A 1 133 ? 2.002   8.754   -0.423  1.00 16.96 ? 133 PHE A N   1 
ATOM   1044 C CA  . PHE A 1 133 ? 3.423   8.925   -0.168  1.00 18.66 ? 133 PHE A CA  1 
ATOM   1045 C C   . PHE A 1 133 ? 3.875   8.221   1.086   1.00 16.28 ? 133 PHE A C   1 
ATOM   1046 O O   . PHE A 1 133 ? 3.105   7.642   1.860   1.00 17.29 ? 133 PHE A O   1 
ATOM   1047 C CB  . PHE A 1 133 ? 3.799   10.432  -0.102  1.00 19.04 ? 133 PHE A CB  1 
ATOM   1048 C CG  . PHE A 1 133 ? 3.143   11.185  1.040   1.00 16.26 ? 133 PHE A CG  1 
ATOM   1049 C CD1 . PHE A 1 133 ? 3.835   11.483  2.206   1.00 23.85 ? 133 PHE A CD1 1 
ATOM   1050 C CD2 . PHE A 1 133 ? 1.837   11.613  0.901   1.00 19.89 ? 133 PHE A CD2 1 
ATOM   1051 C CE1 . PHE A 1 133 ? 3.193   12.189  3.229   1.00 17.08 ? 133 PHE A CE1 1 
ATOM   1052 C CE2 . PHE A 1 133 ? 1.168   12.288  1.927   1.00 21.55 ? 133 PHE A CE2 1 
ATOM   1053 C CZ  . PHE A 1 133 ? 1.887   12.569  3.072   1.00 18.46 ? 133 PHE A CZ  1 
ATOM   1054 N N   . LEU A 1 134 ? 5.196   8.261   1.341   1.00 20.32 ? 134 LEU A N   1 
ATOM   1055 C CA  . LEU A 1 134 ? 5.711   7.752   2.587   1.00 22.12 ? 134 LEU A CA  1 
ATOM   1056 C C   . LEU A 1 134 ? 5.993   8.913   3.558   1.00 24.16 ? 134 LEU A C   1 
ATOM   1057 O O   . LEU A 1 134 ? 6.802   9.759   3.133   1.00 33.18 ? 134 LEU A O   1 
ATOM   1058 C CB  . LEU A 1 134 ? 7.069   7.091   2.492   1.00 31.17 ? 134 LEU A CB  1 
ATOM   1059 C CG  . LEU A 1 134 ? 7.277   5.625   2.256   1.00 30.09 ? 134 LEU A CG  1 
ATOM   1060 C CD1 . LEU A 1 134 ? 8.760   5.334   2.435   1.00 30.71 ? 134 LEU A CD1 1 
ATOM   1061 C CD2 . LEU A 1 134 ? 6.420   4.738   3.161   1.00 21.22 ? 134 LEU A CD2 1 
ATOM   1062 N N   . GLY A 1 135 ? 5.385   8.859   4.691   1.00 21.25 ? 135 GLY A N   1 
ATOM   1063 C CA  . GLY A 1 135 ? 5.649   9.667   5.874   1.00 36.29 ? 135 GLY A CA  1 
ATOM   1064 C C   . GLY A 1 135 ? 6.101   8.774   7.027   1.00 31.44 ? 135 GLY A C   1 
ATOM   1065 O O   . GLY A 1 135 ? 5.250   8.308   7.801   1.00 31.36 ? 135 GLY A O   1 
ATOM   1066 N N   . GLY A 1 140 ? -1.271  14.299  13.848  1.00 57.41 ? 140 GLY A N   1 
ATOM   1067 C CA  . GLY A 1 140 ? -0.609  14.612  12.591  1.00 45.42 ? 140 GLY A CA  1 
ATOM   1068 C C   . GLY A 1 140 ? -1.554  14.885  11.441  1.00 42.44 ? 140 GLY A C   1 
ATOM   1069 O O   . GLY A 1 140 ? -2.447  14.084  11.138  1.00 58.88 ? 140 GLY A O   1 
ATOM   1070 N N   . GLN A 1 141 ? -1.364  16.006  10.757  1.00 36.55 ? 141 GLN A N   1 
ATOM   1071 C CA  . GLN A 1 141 ? -2.239  16.393  9.661   1.00 35.04 ? 141 GLN A CA  1 
ATOM   1072 C C   . GLN A 1 141 ? -2.413  15.343  8.565   1.00 32.49 ? 141 GLN A C   1 
ATOM   1073 O O   . GLN A 1 141 ? -3.555  15.114  8.146   1.00 32.09 ? 141 GLN A O   1 
ATOM   1074 C CB  . GLN A 1 141 ? -1.706  17.683  9.007   1.00 40.97 ? 141 GLN A CB  1 
ATOM   1075 C CG  . GLN A 1 141 ? -1.667  18.841  9.996   1.00 40.67 ? 141 GLN A CG  1 
ATOM   1076 C CD  . GLN A 1 141 ? -0.223  19.150  10.367  1.00 52.71 ? 141 GLN A CD  1 
ATOM   1077 O OE1 . GLN A 1 141 ? 0.684   18.647  9.693   1.00 75.91 ? 141 GLN A OE1 1 
ATOM   1078 N NE2 . GLN A 1 141 ? -0.037  19.961  11.399  1.00 56.40 ? 141 GLN A NE2 1 
ATOM   1079 N N   . ASP A 1 142 ? -1.323  14.758  8.077   1.00 28.79 ? 142 ASP A N   1 
ATOM   1080 C CA  . ASP A 1 142 ? -1.455  13.709  7.059   1.00 25.10 ? 142 ASP A CA  1 
ATOM   1081 C C   . ASP A 1 142 ? -2.075  12.450  7.638   1.00 23.43 ? 142 ASP A C   1 
ATOM   1082 O O   . ASP A 1 142 ? -2.177  12.250  8.836   1.00 22.33 ? 142 ASP A O   1 
ATOM   1083 C CB  . ASP A 1 142 ? -0.081  13.401  6.457   1.00 24.07 ? 142 ASP A CB  1 
ATOM   1084 C CG  . ASP A 1 142 ? 0.538   14.612  5.760   1.00 18.39 ? 142 ASP A CG  1 
ATOM   1085 O OD1 . ASP A 1 142 ? -0.239  15.435  5.237   1.00 30.30 ? 142 ASP A OD1 1 
ATOM   1086 O OD2 . ASP A 1 142 ? 1.765   14.709  5.749   1.00 29.09 ? 142 ASP A OD2 1 
ATOM   1087 N N   . ILE A 1 143 ? -2.528  11.534  6.774   1.00 18.81 ? 143 ILE A N   1 
ATOM   1088 C CA  . ILE A 1 143 ? -3.333  10.405  7.230   1.00 18.42 ? 143 ILE A CA  1 
ATOM   1089 C C   . ILE A 1 143 ? -2.538  9.091   7.094   1.00 18.32 ? 143 ILE A C   1 
ATOM   1090 O O   . ILE A 1 143 ? -2.026  8.955   5.995   1.00 17.95 ? 143 ILE A O   1 
ATOM   1091 C CB  . ILE A 1 143 ? -4.622  10.315  6.406   1.00 19.51 ? 143 ILE A CB  1 
ATOM   1092 C CG1 . ILE A 1 143 ? -5.547  11.536  6.589   1.00 26.28 ? 143 ILE A CG1 1 
ATOM   1093 C CG2 . ILE A 1 143 ? -5.406  9.044   6.681   1.00 20.44 ? 143 ILE A CG2 1 
ATOM   1094 C CD1 . ILE A 1 143 ? -6.500  11.756  5.428   1.00 20.46 ? 143 ILE A CD1 1 
ATOM   1095 N N   . THR A 1 144 ? -2.467  8.289   8.130   1.00 15.81 ? 144 THR A N   1 
ATOM   1096 C CA  . THR A 1 144 ? -1.645  7.075   8.093   1.00 17.33 ? 144 THR A CA  1 
ATOM   1097 C C   . THR A 1 144 ? -2.439  5.825   8.477   1.00 18.35 ? 144 THR A C   1 
ATOM   1098 O O   . THR A 1 144 ? -1.830  4.749   8.591   1.00 19.97 ? 144 THR A O   1 
ATOM   1099 C CB  . THR A 1 144 ? -0.418  7.144   9.020   1.00 26.56 ? 144 THR A CB  1 
ATOM   1100 O OG1 . THR A 1 144 ? -0.818  7.466   10.356  1.00 24.00 ? 144 THR A OG1 1 
ATOM   1101 C CG2 . THR A 1 144 ? 0.547   8.218   8.541   1.00 22.86 ? 144 THR A CG2 1 
ATOM   1102 N N   . ASP A 1 145 ? -3.720  5.900   8.666   1.00 17.06 ? 145 ASP A N   1 
ATOM   1103 C CA  . ASP A 1 145 ? -4.676  4.889   9.065   1.00 17.20 ? 145 ASP A CA  1 
ATOM   1104 C C   . ASP A 1 145 ? -5.638  4.569   7.928   1.00 16.31 ? 145 ASP A C   1 
ATOM   1105 O O   . ASP A 1 145 ? -6.169  5.407   7.234   1.00 17.81 ? 145 ASP A O   1 
ATOM   1106 C CB  . ASP A 1 145 ? -5.510  5.329   10.272  1.00 21.45 ? 145 ASP A CB  1 
ATOM   1107 C CG  . ASP A 1 145 ? -4.662  5.700   11.456  1.00 31.40 ? 145 ASP A CG  1 
ATOM   1108 O OD1 . ASP A 1 145 ? -3.782  4.890   11.795  1.00 34.83 ? 145 ASP A OD1 1 
ATOM   1109 O OD2 . ASP A 1 145 ? -4.894  6.796   12.015  1.00 54.36 ? 145 ASP A OD2 1 
ATOM   1110 N N   . PHE A 1 146 ? -5.829  3.253   7.730   1.00 16.25 ? 146 PHE A N   1 
ATOM   1111 C CA  . PHE A 1 146 ? -6.618  2.703   6.670   1.00 14.43 ? 146 PHE A CA  1 
ATOM   1112 C C   . PHE A 1 146 ? -7.625  1.658   7.138   1.00 15.74 ? 146 PHE A C   1 
ATOM   1113 O O   . PHE A 1 146 ? -7.495  1.066   8.219   1.00 20.60 ? 146 PHE A O   1 
ATOM   1114 C CB  . PHE A 1 146 ? -5.662  2.044   5.638   1.00 15.33 ? 146 PHE A CB  1 
ATOM   1115 C CG  . PHE A 1 146 ? -4.791  3.031   4.895   1.00 13.03 ? 146 PHE A CG  1 
ATOM   1116 C CD1 . PHE A 1 146 ? -3.609  3.409   5.507   1.00 12.79 ? 146 PHE A CD1 1 
ATOM   1117 C CD2 . PHE A 1 146 ? -5.163  3.587   3.682   1.00 14.88 ? 146 PHE A CD2 1 
ATOM   1118 C CE1 . PHE A 1 146 ? -2.724  4.310   4.940   1.00 19.19 ? 146 PHE A CE1 1 
ATOM   1119 C CE2 . PHE A 1 146 ? -4.279  4.490   3.106   1.00 14.72 ? 146 PHE A CE2 1 
ATOM   1120 C CZ  . PHE A 1 146 ? -3.128  4.877   3.750   1.00 15.64 ? 146 PHE A CZ  1 
ATOM   1121 N N   . THR A 1 147 ? -8.630  1.420   6.327   1.00 17.25 ? 147 THR A N   1 
ATOM   1122 C CA  . THR A 1 147 ? -9.454  0.215   6.463   1.00 17.47 ? 147 THR A CA  1 
ATOM   1123 C C   . THR A 1 147 ? -9.277  -0.646  5.191   1.00 14.69 ? 147 THR A C   1 
ATOM   1124 O O   . THR A 1 147 ? -8.987  -0.144  4.124   1.00 17.73 ? 147 THR A O   1 
ATOM   1125 C CB  . THR A 1 147 ? -10.959 0.455   6.699   1.00 20.53 ? 147 THR A CB  1 
ATOM   1126 O OG1 . THR A 1 147 ? -11.476 1.258   5.632   1.00 20.09 ? 147 THR A OG1 1 
ATOM   1127 C CG2 . THR A 1 147 ? -11.183 1.176   8.016   1.00 32.70 ? 147 THR A CG2 1 
ATOM   1128 N N   . MET A 1 148 ? -9.517  -1.948  5.396   1.00 19.09 ? 148 MET A N   1 
ATOM   1129 C CA  . MET A 1 148 ? -9.448  -2.939  4.303   1.00 17.78 ? 148 MET A CA  1 
ATOM   1130 C C   . MET A 1 148 ? -10.820 -3.493  4.000   1.00 16.26 ? 148 MET A C   1 
ATOM   1131 O O   . MET A 1 148 ? -11.594 -3.794  4.918   1.00 23.90 ? 148 MET A O   1 
ATOM   1132 C CB  . MET A 1 148 ? -8.495  -4.050  4.709   1.00 21.37 ? 148 MET A CB  1 
ATOM   1133 C CG  . MET A 1 148 ? -8.157  -5.090  3.661   1.00 24.74 ? 148 MET A CG  1 
ATOM   1134 S SD  . MET A 1 148 ? -7.009  -6.259  4.499   1.00 28.92 ? 148 MET A SD  1 
ATOM   1135 C CE  . MET A 1 148 ? -6.760  -7.413  3.149   1.00 59.24 ? 148 MET A CE  1 
ATOM   1136 N N   . GLN A 1 149 ? -11.159 -3.611  2.721   1.00 18.02 ? 149 GLN A N   1 
ATOM   1137 C CA  . GLN A 1 149 ? -12.394 -4.205  2.247   1.00 17.86 ? 149 GLN A CA  1 
ATOM   1138 C C   . GLN A 1 149 ? -12.039 -5.410  1.369   1.00 21.66 ? 149 GLN A C   1 
ATOM   1139 O O   . GLN A 1 149 ? -11.283 -5.294  0.401   1.00 21.67 ? 149 GLN A O   1 
ATOM   1140 C CB  . GLN A 1 149 ? -13.227 -3.273  1.414   1.00 19.52 ? 149 GLN A CB  1 
ATOM   1141 C CG  . GLN A 1 149 ? -13.557 -1.934  2.008   1.00 24.93 ? 149 GLN A CG  1 
ATOM   1142 C CD  . GLN A 1 149 ? -12.403 -0.956  2.118   1.00 16.58 ? 149 GLN A CD  1 
ATOM   1143 O OE1 . GLN A 1 149 ? -11.715 -0.710  1.136   1.00 22.40 ? 149 GLN A OE1 1 
ATOM   1144 N NE2 . GLN A 1 149 ? -12.230 -0.362  3.297   1.00 23.91 ? 149 GLN A NE2 1 
ATOM   1145 N N   . PHE A 1 150 ? -12.613 -6.540  1.745   1.00 17.68 ? 150 PHE A N   1 
ATOM   1146 C CA  . PHE A 1 150 ? -12.322 -7.732  0.957   1.00 17.28 ? 150 PHE A CA  1 
ATOM   1147 C C   . PHE A 1 150 ? -13.135 -7.814  -0.331  1.00 19.57 ? 150 PHE A C   1 
ATOM   1148 O O   . PHE A 1 150 ? -14.297 -7.411  -0.385  1.00 19.68 ? 150 PHE A O   1 
ATOM   1149 C CB  . PHE A 1 150 ? -12.621 -8.969  1.792   1.00 19.01 ? 150 PHE A CB  1 
ATOM   1150 C CG  . PHE A 1 150 ? -11.754 -9.107  3.013   1.00 18.87 ? 150 PHE A CG  1 
ATOM   1151 C CD1 . PHE A 1 150 ? -12.109 -8.412  4.164   1.00 18.17 ? 150 PHE A CD1 1 
ATOM   1152 C CD2 . PHE A 1 150 ? -10.616 -9.894  3.021   1.00 35.76 ? 150 PHE A CD2 1 
ATOM   1153 C CE1 . PHE A 1 150 ? -11.368 -8.496  5.309   1.00 24.06 ? 150 PHE A CE1 1 
ATOM   1154 C CE2 . PHE A 1 150 ? -9.874  -9.996  4.190   1.00 38.64 ? 150 PHE A CE2 1 
ATOM   1155 C CZ  . PHE A 1 150 ? -10.239 -9.304  5.313   1.00 33.87 ? 150 PHE A CZ  1 
ATOM   1156 N N   . VAL A 1 151 ? -12.508 -8.357  -1.366  1.00 20.32 ? 151 VAL A N   1 
ATOM   1157 C CA  . VAL A 1 151 ? -13.181 -8.480  -2.649  1.00 21.43 ? 151 VAL A CA  1 
ATOM   1158 C C   . VAL A 1 151 ? -13.114 -9.930  -3.107  1.00 24.32 ? 151 VAL A C   1 
ATOM   1159 O O   . VAL A 1 151 ? -12.192 -10.625 -2.696  1.00 28.32 ? 151 VAL A O   1 
ATOM   1160 C CB  . VAL A 1 151 ? -12.544 -7.582  -3.720  1.00 25.60 ? 151 VAL A CB  1 
ATOM   1161 C CG1 . VAL A 1 151 ? -12.469 -6.120  -3.239  1.00 36.64 ? 151 VAL A CG1 1 
ATOM   1162 C CG2 . VAL A 1 151 ? -11.156 -8.022  -4.101  1.00 29.05 ? 151 VAL A CG2 1 
ATOM   1163 N N   . SER A 1 152 ? -14.037 -10.431 -3.933  1.00 33.51 ? 152 SER A N   1 
ATOM   1164 C CA  . SER A 1 152 ? -13.771 -11.822 -4.341  1.00 39.05 ? 152 SER A CA  1 
ATOM   1165 C C   . SER A 1 152 ? -12.604 -11.902 -5.336  1.00 51.44 ? 152 SER A C   1 
ATOM   1166 O O   . SER A 1 152 ? -12.083 -13.025 -5.539  1.00 73.07 ? 152 SER A O   1 
ATOM   1167 C CB  . SER A 1 152 ? -14.975 -12.548 -4.929  1.00 40.21 ? 152 SER A CB  1 
ATOM   1168 O OG  . SER A 1 152 ? -15.038 -13.848 -4.324  1.00 63.47 ? 152 SER A OG  1 
HETATM 1169 O O   . HOH B 2 .   ? 0.182   3.633   7.141   1.00 17.13 ? 154 HOH A O   1 
HETATM 1170 O O   . HOH B 2 .   ? 4.880   -4.479  -1.792  1.00 14.76 ? 155 HOH A O   1 
HETATM 1171 O O   . HOH B 2 .   ? -7.352  0.234   -2.879  1.00 18.66 ? 156 HOH A O   1 
HETATM 1172 O O   . HOH B 2 .   ? -9.272  2.081   -2.621  1.00 20.76 ? 157 HOH A O   1 
HETATM 1173 O O   . HOH B 2 .   ? 9.875   -1.254  2.770   1.00 22.22 ? 158 HOH A O   1 
HETATM 1174 O O   . HOH B 2 .   ? -13.861 6.562   -1.720  1.00 20.27 ? 159 HOH A O   1 
HETATM 1175 O O   . HOH B 2 .   ? -5.328  12.941  -1.971  1.00 20.05 ? 160 HOH A O   1 
HETATM 1176 O O   . HOH B 2 .   ? -3.088  11.763  -0.649  1.00 18.98 ? 161 HOH A O   1 
HETATM 1177 O O   . HOH B 2 .   ? -14.902 14.122  7.290   1.00 21.65 ? 162 HOH A O   1 
HETATM 1178 O O   . HOH B 2 .   ? 18.003  13.239  2.904   1.00 22.45 ? 163 HOH A O   1 
HETATM 1179 O O   . HOH B 2 .   ? 6.564   9.004   -1.462  1.00 24.05 ? 164 HOH A O   1 
HETATM 1180 O O   . HOH B 2 .   ? -1.496  -6.763  11.475  1.00 22.99 ? 165 HOH A O   1 
HETATM 1181 O O   . HOH B 2 .   ? -2.920  -10.345 9.513   1.00 25.46 ? 166 HOH A O   1 
HETATM 1182 O O   . HOH B 2 .   ? 3.441   -12.418 7.019   1.00 24.48 ? 167 HOH A O   1 
HETATM 1183 O O   . HOH B 2 .   ? 5.572   0.706   -18.308 1.00 23.43 ? 168 HOH A O   1 
HETATM 1184 O O   . HOH B 2 .   ? 11.305  7.441   11.133  1.00 25.91 ? 169 HOH A O   1 
HETATM 1185 O O   . HOH B 2 .   ? 1.219   -9.310  -3.079  1.00 22.87 ? 170 HOH A O   1 
HETATM 1186 O O   . HOH B 2 .   ? 0.638   -8.390  -7.714  1.00 26.80 ? 171 HOH A O   1 
HETATM 1187 O O   . HOH B 2 .   ? 11.927  -8.766  -11.196 1.00 24.67 ? 172 HOH A O   1 
HETATM 1188 O O   . HOH B 2 .   ? -11.754 3.867   6.180   1.00 27.47 ? 173 HOH A O   1 
HETATM 1189 O O   . HOH B 2 .   ? 0.207   13.915  -1.213  1.00 23.53 ? 174 HOH A O   1 
HETATM 1190 O O   . HOH B 2 .   ? 2.782   10.715  7.448   1.00 28.26 ? 175 HOH A O   1 
HETATM 1191 O O   . HOH B 2 .   ? 12.291  -7.416  -8.727  1.00 26.40 ? 176 HOH A O   1 
HETATM 1192 O O   . HOH B 2 .   ? 14.996  -4.166  -1.522  1.00 24.08 ? 177 HOH A O   1 
HETATM 1193 O O   . HOH B 2 .   ? 9.972   3.427   17.073  1.00 25.74 ? 178 HOH A O   1 
HETATM 1194 O O   . HOH B 2 .   ? -15.527 -5.018  -1.204  1.00 24.11 ? 179 HOH A O   1 
HETATM 1195 O O   . HOH B 2 .   ? -2.746  16.782  4.619   1.00 27.01 ? 180 HOH A O   1 
HETATM 1196 O O   . HOH B 2 .   ? -10.435 15.479  0.219   1.00 32.27 ? 181 HOH A O   1 
HETATM 1197 O O   . HOH B 2 .   ? 14.956  0.392   -0.974  1.00 26.94 ? 182 HOH A O   1 
HETATM 1198 O O   . HOH B 2 .   ? -13.906 -3.017  -2.296  1.00 27.74 ? 183 HOH A O   1 
HETATM 1199 O O   . HOH B 2 .   ? -4.030  9.040   10.461  1.00 22.50 ? 184 HOH A O   1 
HETATM 1200 O O   . HOH B 2 .   ? -10.303 -2.592  8.313   1.00 28.37 ? 185 HOH A O   1 
HETATM 1201 O O   . HOH B 2 .   ? 4.372   9.782   -3.555  1.00 29.55 ? 186 HOH A O   1 
HETATM 1202 O O   . HOH B 2 .   ? -8.786  19.429  -1.503  1.00 29.52 ? 187 HOH A O   1 
HETATM 1203 O O   . HOH B 2 .   ? 2.581   -16.695 2.667   1.00 36.32 ? 188 HOH A O   1 
HETATM 1204 O O   . HOH B 2 .   ? 5.758   -16.030 4.548   1.00 37.09 ? 189 HOH A O   1 
HETATM 1205 O O   . HOH B 2 .   ? 10.610  -1.042  9.822   1.00 28.03 ? 190 HOH A O   1 
HETATM 1206 O O   . HOH B 2 .   ? 10.106  -11.164 2.604   1.00 28.33 ? 191 HOH A O   1 
HETATM 1207 O O   . HOH B 2 .   ? 12.864  -11.315 -10.732 1.00 26.62 ? 192 HOH A O   1 
HETATM 1208 O O   . HOH B 2 .   ? 21.882  14.763  1.057   1.00 37.04 ? 193 HOH A O   1 
HETATM 1209 O O   . HOH B 2 .   ? -16.610 -0.953  -0.032  1.00 32.16 ? 194 HOH A O   1 
HETATM 1210 O O   . HOH B 2 .   ? 1.054   -10.502 -5.657  1.00 32.60 ? 195 HOH A O   1 
HETATM 1211 O O   . HOH B 2 .   ? 9.330   10.503  2.942   1.00 31.37 ? 196 HOH A O   1 
HETATM 1212 O O   . HOH B 2 .   ? 2.545   6.897   -4.858  1.00 26.22 ? 197 HOH A O   1 
HETATM 1213 O O   . HOH B 2 .   ? -5.546  -7.018  9.390   1.00 26.09 ? 198 HOH A O   1 
HETATM 1214 O O   . HOH B 2 .   ? 1.198   0.889   -14.619 1.00 37.95 ? 199 HOH A O   1 
HETATM 1215 O O   . HOH B 2 .   ? -7.008  3.301   -10.881 1.00 30.23 ? 200 HOH A O   1 
HETATM 1216 O O   . HOH B 2 .   ? -6.676  -2.554  -9.799  1.00 31.45 ? 201 HOH A O   1 
HETATM 1217 O O   . HOH B 2 .   ? -12.585 4.455   8.667   1.00 32.05 ? 202 HOH A O   1 
HETATM 1218 O O   . HOH B 2 .   ? -0.233  -12.250 -4.438  1.00 30.48 ? 203 HOH A O   1 
HETATM 1219 O O   . HOH B 2 .   ? 8.332   9.072   13.523  1.00 29.80 ? 204 HOH A O   1 
HETATM 1220 O O   . HOH B 2 .   ? -11.456 -1.395  -9.128  1.00 34.13 ? 205 HOH A O   1 
HETATM 1221 O O   . HOH B 2 .   ? 10.274  -17.237 -1.891  1.00 30.76 ? 206 HOH A O   1 
HETATM 1222 O O   . HOH B 2 .   ? -9.089  10.740  9.650   1.00 30.90 ? 207 HOH A O   1 
HETATM 1223 O O   . HOH B 2 .   ? 9.027   -7.241  9.116   1.00 32.45 ? 208 HOH A O   1 
HETATM 1224 O O   . HOH B 2 .   ? 4.235   -11.438 -3.474  1.00 42.73 ? 209 HOH A O   1 
HETATM 1225 O O   . HOH B 2 .   ? 10.204  -5.106  10.447  1.00 28.53 ? 210 HOH A O   1 
HETATM 1226 O O   . HOH B 2 .   ? -4.537  -12.648 -4.443  1.00 33.02 ? 211 HOH A O   1 
HETATM 1227 O O   . HOH B 2 .   ? 7.536   -18.374 -2.543  1.00 31.54 ? 212 HOH A O   1 
HETATM 1228 O O   . HOH B 2 .   ? 3.467   13.120  6.494   1.00 43.37 ? 213 HOH A O   1 
HETATM 1229 O O   . HOH B 2 .   ? 20.843  9.474   -0.298  1.00 35.42 ? 214 HOH A O   1 
HETATM 1230 O O   . HOH B 2 .   ? 10.220  -16.769 -7.248  1.00 31.96 ? 215 HOH A O   1 
HETATM 1231 O O   . HOH B 2 .   ? -14.066 -1.305  6.120   1.00 50.31 ? 216 HOH A O   1 
HETATM 1232 O O   . HOH B 2 .   ? 19.012  15.287  2.013   1.00 30.72 ? 217 HOH A O   1 
HETATM 1233 O O   . HOH B 2 .   ? -9.023  -12.659 -0.327  1.00 32.26 ? 218 HOH A O   1 
HETATM 1234 O O   . HOH B 2 .   ? 6.457   -13.626 8.610   1.00 37.17 ? 219 HOH A O   1 
HETATM 1235 O O   . HOH B 2 .   ? -2.796  -11.271 -8.038  1.00 40.60 ? 220 HOH A O   1 
HETATM 1236 O O   . HOH B 2 .   ? -2.011  3.577   -14.855 1.00 31.14 ? 221 HOH A O   1 
HETATM 1237 O O   . HOH B 2 .   ? 8.998   2.050   -10.986 1.00 34.69 ? 222 HOH A O   1 
HETATM 1238 O O   . HOH B 2 .   ? -5.272  -8.694  7.343   1.00 30.54 ? 223 HOH A O   1 
HETATM 1239 O O   . HOH B 2 .   ? 18.202  9.267   -3.918  1.00 41.01 ? 224 HOH A O   1 
HETATM 1240 O O   . HOH B 2 .   ? 7.339   10.377  0.192   1.00 32.40 ? 225 HOH A O   1 
HETATM 1241 O O   . HOH B 2 .   ? -3.433  18.311  2.544   1.00 37.75 ? 226 HOH A O   1 
HETATM 1242 O O   . HOH B 2 .   ? -5.395  -4.945  -10.294 1.00 36.36 ? 227 HOH A O   1 
HETATM 1243 O O   . HOH B 2 .   ? 3.520   7.268   -13.034 1.00 32.78 ? 228 HOH A O   1 
HETATM 1244 O O   . HOH B 2 .   ? 11.480  -4.525  -10.042 1.00 35.79 ? 229 HOH A O   1 
HETATM 1245 O O   . HOH B 2 .   ? 0.373   16.251  2.501   1.00 34.99 ? 230 HOH A O   1 
HETATM 1246 O O   . HOH B 2 .   ? 16.764  -5.968  -0.713  1.00 43.47 ? 231 HOH A O   1 
HETATM 1247 O O   . HOH B 2 .   ? -14.916 -0.954  -2.371  1.00 32.95 ? 232 HOH A O   1 
HETATM 1248 O O   . HOH B 2 .   ? 16.230  -1.587  -2.097  1.00 35.92 ? 233 HOH A O   1 
HETATM 1249 O O   . HOH B 2 .   ? 6.024   5.562   14.453  1.00 41.88 ? 234 HOH A O   1 
HETATM 1250 O O   . HOH B 2 .   ? 14.967  6.629   -6.942  1.00 47.75 ? 235 HOH A O   1 
HETATM 1251 O O   . HOH B 2 .   ? -20.893 3.555   -3.535  1.00 40.00 ? 236 HOH A O   1 
HETATM 1252 O O   . HOH B 2 .   ? 16.738  3.006   -2.210  1.00 33.12 ? 237 HOH A O   1 
HETATM 1253 O O   . HOH B 2 .   ? -2.331  -8.306  12.958  1.00 42.77 ? 238 HOH A O   1 
HETATM 1254 O O   . HOH B 2 .   ? 4.710   12.715  -2.973  1.00 36.70 ? 239 HOH A O   1 
HETATM 1255 O O   . HOH B 2 .   ? 2.702   14.399  -1.387  1.00 50.20 ? 240 HOH A O   1 
HETATM 1256 O O   . HOH B 2 .   ? 15.893  -7.651  0.579   1.00 27.90 ? 241 HOH A O   1 
HETATM 1257 O O   . HOH B 2 .   ? 6.039   7.875   14.020  1.00 43.36 ? 242 HOH A O   1 
HETATM 1258 O O   . HOH B 2 .   ? 9.088   9.255   10.768  1.00 41.23 ? 243 HOH A O   1 
HETATM 1259 O O   . HOH B 2 .   ? -6.584  18.933  -4.510  1.00 35.23 ? 244 HOH A O   1 
HETATM 1260 O O   . HOH B 2 .   ? -1.400  10.271  11.023  1.00 34.15 ? 245 HOH A O   1 
HETATM 1261 O O   . HOH B 2 .   ? -8.224  12.878  9.109   1.00 40.27 ? 246 HOH A O   1 
HETATM 1262 O O   . HOH B 2 .   ? 10.695  -9.253  5.516   1.00 36.45 ? 247 HOH A O   1 
HETATM 1263 O O   . HOH B 2 .   ? 12.734  -8.890  3.182   1.00 38.58 ? 248 HOH A O   1 
HETATM 1264 O O   . HOH B 2 .   ? 10.928  -7.434  7.727   1.00 37.90 ? 249 HOH A O   1 
HETATM 1265 O O   . HOH B 2 .   ? -22.631 8.470   -5.047  1.00 48.23 ? 250 HOH A O   1 
HETATM 1266 O O   . HOH B 2 .   ? -15.960 -8.612  -3.969  1.00 37.22 ? 251 HOH A O   1 
HETATM 1267 O O   . HOH B 2 .   ? 13.762  -0.309  -7.040  1.00 41.25 ? 252 HOH A O   1 
HETATM 1268 O O   . HOH B 2 .   ? 19.973  4.896   -2.801  1.00 43.81 ? 253 HOH A O   1 
HETATM 1269 O O   . HOH B 2 .   ? -16.191 -1.573  4.034   1.00 39.07 ? 254 HOH A O   1 
HETATM 1270 O O   . HOH B 2 .   ? -12.971 -2.130  8.294   1.00 39.85 ? 255 HOH A O   1 
HETATM 1271 O O   . HOH B 2 .   ? -7.216  -3.057  13.750  1.00 40.10 ? 256 HOH A O   1 
HETATM 1272 O O   . HOH B 2 .   ? -7.118  21.635  -1.539  1.00 43.49 ? 257 HOH A O   1 
HETATM 1273 O O   . HOH B 2 .   ? -5.210  -0.702  -11.488 1.00 42.49 ? 258 HOH A O   1 
HETATM 1274 O O   . HOH B 2 .   ? 16.700  -7.244  -6.300  1.00 40.50 ? 259 HOH A O   1 
HETATM 1275 O O   . HOH B 2 .   ? 12.888  5.371   -8.248  1.00 52.15 ? 260 HOH A O   1 
HETATM 1276 O O   . HOH B 2 .   ? -6.939  -2.289  16.799  1.00 42.37 ? 261 HOH A O   1 
HETATM 1277 O O   . HOH B 2 .   ? 15.658  -1.328  9.621   1.00 40.39 ? 262 HOH A O   1 
HETATM 1278 O O   . HOH B 2 .   ? 13.696  -14.238 -2.899  1.00 50.87 ? 263 HOH A O   1 
HETATM 1279 O O   . HOH B 2 .   ? -6.140  10.863  -9.741  1.00 36.79 ? 264 HOH A O   1 
HETATM 1280 O O   . HOH B 2 .   ? -3.718  -16.645 -2.995  1.00 58.74 ? 265 HOH A O   1 
HETATM 1281 O O   . HOH B 2 .   ? 20.871  7.174   -1.986  1.00 34.30 ? 266 HOH A O   1 
HETATM 1282 O O   . HOH B 2 .   ? 12.525  -14.430 -7.382  1.00 53.89 ? 267 HOH A O   1 
HETATM 1283 O O   . HOH B 2 .   ? -12.085 1.514   11.793  1.00 44.83 ? 268 HOH A O   1 
HETATM 1284 O O   . HOH B 2 .   ? 11.146  -17.552 -4.479  1.00 43.26 ? 269 HOH A O   1 
HETATM 1285 O O   . HOH B 2 .   ? -4.790  -10.102 15.225  1.00 36.61 ? 270 HOH A O   1 
HETATM 1286 O O   . HOH B 2 .   ? 13.317  1.526   -8.343  1.00 52.49 ? 271 HOH A O   1 
HETATM 1287 O O   . HOH B 2 .   ? -17.088 -1.222  -3.893  1.00 56.81 ? 272 HOH A O   1 
HETATM 1288 O O   . HOH B 2 .   ? 6.292   -19.280 -11.761 1.00 38.93 ? 273 HOH A O   1 
HETATM 1289 O O   . HOH B 2 .   ? -14.026 2.793   9.923   1.00 41.90 ? 274 HOH A O   1 
HETATM 1290 O O   . HOH B 2 .   ? -12.377 6.802   10.161  1.00 41.78 ? 275 HOH A O   1 
HETATM 1291 O O   . HOH B 2 .   ? 3.127   9.588   -14.877 1.00 46.24 ? 276 HOH A O   1 
HETATM 1292 O O   . HOH B 2 .   ? -1.138  -14.772 -4.531  1.00 35.76 ? 277 HOH A O   1 
HETATM 1293 O O   . HOH B 2 .   ? 16.446  -10.596 -4.833  1.00 44.08 ? 278 HOH A O   1 
HETATM 1294 O O   . HOH B 2 .   ? 18.163  -8.779  -3.818  1.00 43.56 ? 279 HOH A O   1 
# 
